data_5JYT
#
_entry.id   5JYT
#
_entity_poly.entity_id   1
_entity_poly.type   'polypeptide(L)'
_entity_poly.pdbx_seq_one_letter_code
;MAPLRKTAVLKLYVAGNTPNSVRALKTLANILEKEFKGVYALKVIDVLKNPQLAEEDKILATPTLAKVLPPPVRRIIGDL
SNREKVLIALRLLAEEIGDYKDDDDK
;
_entity_poly.pdbx_strand_id   A
#
# COMPACT_ATOMS: atom_id res chain seq x y z
N MET A 1 -13.51 -5.80 -6.97
CA MET A 1 -13.46 -4.43 -6.41
C MET A 1 -14.35 -4.29 -5.18
N ALA A 2 -14.59 -5.43 -4.52
CA ALA A 2 -15.43 -5.44 -3.32
C ALA A 2 -14.65 -4.92 -2.11
N PRO A 3 -15.17 -3.86 -1.46
CA PRO A 3 -14.54 -3.26 -0.27
C PRO A 3 -14.38 -4.27 0.88
N LEU A 4 -13.26 -4.17 1.57
CA LEU A 4 -12.97 -5.07 2.68
C LEU A 4 -13.06 -4.31 4.01
N ARG A 5 -13.56 -4.98 5.03
CA ARG A 5 -13.70 -4.37 6.34
C ARG A 5 -12.51 -4.73 7.23
N LYS A 6 -12.02 -3.73 7.98
CA LYS A 6 -10.88 -3.89 8.90
C LYS A 6 -9.57 -4.07 8.13
N THR A 7 -9.41 -5.21 7.49
CA THR A 7 -8.21 -5.49 6.74
C THR A 7 -8.23 -4.81 5.38
N ALA A 8 -7.17 -4.06 5.12
CA ALA A 8 -7.02 -3.35 3.86
C ALA A 8 -5.82 -3.87 3.09
N VAL A 9 -5.87 -3.72 1.77
CA VAL A 9 -4.79 -4.19 0.92
C VAL A 9 -3.98 -3.02 0.37
N LEU A 10 -2.70 -3.03 0.64
CA LEU A 10 -1.80 -1.98 0.19
C LEU A 10 -0.86 -2.57 -0.85
N LYS A 11 -0.73 -1.92 -2.00
CA LYS A 11 0.15 -2.44 -3.05
C LYS A 11 1.29 -1.47 -3.31
N LEU A 12 2.49 -2.02 -3.39
CA LEU A 12 3.67 -1.22 -3.67
C LEU A 12 4.22 -1.59 -5.04
N TYR A 13 4.41 -0.60 -5.89
CA TYR A 13 4.94 -0.85 -7.21
C TYR A 13 6.41 -0.51 -7.21
N VAL A 14 7.26 -1.51 -7.48
CA VAL A 14 8.69 -1.30 -7.47
C VAL A 14 9.33 -1.74 -8.78
N ALA A 15 10.54 -1.23 -9.04
CA ALA A 15 11.25 -1.56 -10.25
C ALA A 15 12.55 -2.28 -9.91
N GLY A 16 12.56 -3.59 -10.09
CA GLY A 16 13.75 -4.38 -9.80
C GLY A 16 14.17 -4.29 -8.34
N ASN A 17 15.46 -4.06 -8.12
CA ASN A 17 15.98 -3.95 -6.75
C ASN A 17 16.82 -2.69 -6.59
N THR A 18 16.32 -1.57 -7.08
CA THR A 18 17.02 -0.31 -6.94
C THR A 18 16.98 0.15 -5.48
N PRO A 19 17.93 0.98 -5.05
CA PRO A 19 17.97 1.47 -3.67
C PRO A 19 16.67 2.14 -3.24
N ASN A 20 16.03 2.86 -4.16
CA ASN A 20 14.76 3.53 -3.85
C ASN A 20 13.67 2.49 -3.55
N SER A 21 13.60 1.46 -4.40
CA SER A 21 12.62 0.39 -4.23
C SER A 21 12.93 -0.47 -3.03
N VAL A 22 14.21 -0.78 -2.81
CA VAL A 22 14.60 -1.59 -1.66
C VAL A 22 14.30 -0.84 -0.38
N ARG A 23 14.64 0.44 -0.36
CA ARG A 23 14.41 1.29 0.80
C ARG A 23 12.92 1.39 1.10
N ALA A 24 12.15 1.64 0.05
CA ALA A 24 10.69 1.77 0.19
C ALA A 24 10.05 0.48 0.68
N LEU A 25 10.46 -0.65 0.11
CA LEU A 25 9.93 -1.95 0.51
C LEU A 25 10.26 -2.29 1.95
N LYS A 26 11.48 -2.02 2.37
CA LYS A 26 11.89 -2.30 3.75
C LYS A 26 11.11 -1.42 4.71
N THR A 27 10.93 -0.16 4.33
CA THR A 27 10.20 0.81 5.15
C THR A 27 8.72 0.45 5.29
N LEU A 28 8.05 0.17 4.17
CA LEU A 28 6.62 -0.15 4.20
C LEU A 28 6.34 -1.49 4.86
N ALA A 29 7.10 -2.53 4.48
CA ALA A 29 6.91 -3.87 5.00
C ALA A 29 7.14 -3.94 6.51
N ASN A 30 8.20 -3.31 6.98
CA ASN A 30 8.53 -3.35 8.41
C ASN A 30 7.46 -2.63 9.23
N ILE A 31 6.99 -1.49 8.73
CA ILE A 31 5.96 -0.75 9.42
C ILE A 31 4.66 -1.56 9.48
N LEU A 32 4.29 -2.17 8.36
CA LEU A 32 3.08 -2.99 8.31
C LEU A 32 3.21 -4.27 9.15
N GLU A 33 4.40 -4.85 9.18
CA GLU A 33 4.65 -6.08 9.94
C GLU A 33 4.63 -5.87 11.45
N LYS A 34 4.95 -4.66 11.91
CA LYS A 34 4.98 -4.40 13.36
C LYS A 34 3.92 -3.37 13.77
N GLU A 35 3.97 -2.20 13.17
CA GLU A 35 3.05 -1.10 13.50
C GLU A 35 1.60 -1.42 13.13
N PHE A 36 1.37 -2.05 11.97
CA PHE A 36 0.01 -2.37 11.55
C PHE A 36 -0.19 -3.87 11.30
N LYS A 37 0.54 -4.69 12.04
CA LYS A 37 0.43 -6.14 11.90
C LYS A 37 -1.00 -6.63 12.14
N GLY A 38 -1.55 -7.36 11.18
CA GLY A 38 -2.89 -7.88 11.30
C GLY A 38 -3.95 -6.94 10.77
N VAL A 39 -3.57 -5.72 10.41
CA VAL A 39 -4.54 -4.76 9.90
C VAL A 39 -4.40 -4.57 8.38
N TYR A 40 -3.18 -4.49 7.87
CA TYR A 40 -3.00 -4.31 6.44
C TYR A 40 -2.30 -5.50 5.78
N ALA A 41 -2.71 -5.80 4.56
CA ALA A 41 -2.11 -6.85 3.77
C ALA A 41 -1.22 -6.19 2.71
N LEU A 42 0.05 -6.56 2.67
CA LEU A 42 0.97 -5.95 1.71
C LEU A 42 1.14 -6.77 0.43
N LYS A 43 1.00 -6.09 -0.69
CA LYS A 43 1.17 -6.66 -2.00
C LYS A 43 2.18 -5.84 -2.77
N VAL A 44 3.12 -6.51 -3.40
CA VAL A 44 4.17 -5.85 -4.17
C VAL A 44 4.13 -6.27 -5.61
N ILE A 45 4.13 -5.27 -6.48
CA ILE A 45 4.05 -5.49 -7.92
C ILE A 45 5.38 -5.10 -8.57
N ASP A 46 6.08 -6.08 -9.15
CA ASP A 46 7.34 -5.81 -9.81
C ASP A 46 7.06 -5.39 -11.26
N VAL A 47 7.12 -4.09 -11.51
CA VAL A 47 6.82 -3.56 -12.85
C VAL A 47 7.82 -4.02 -13.92
N LEU A 48 9.09 -4.18 -13.58
CA LEU A 48 10.10 -4.64 -14.54
C LEU A 48 9.91 -6.11 -14.91
N LYS A 49 9.57 -6.93 -13.90
CA LYS A 49 9.37 -8.36 -14.13
C LYS A 49 8.08 -8.61 -14.91
N ASN A 50 7.04 -7.85 -14.58
CA ASN A 50 5.75 -7.98 -15.25
C ASN A 50 5.26 -6.62 -15.72
N PRO A 51 5.88 -6.08 -16.77
CA PRO A 51 5.51 -4.78 -17.35
C PRO A 51 4.07 -4.76 -17.86
N GLN A 52 3.53 -5.93 -18.18
CA GLN A 52 2.15 -6.04 -18.64
C GLN A 52 1.22 -5.59 -17.54
N LEU A 53 1.54 -5.99 -16.31
CA LEU A 53 0.72 -5.62 -15.17
C LEU A 53 0.89 -4.14 -14.87
N ALA A 54 2.12 -3.65 -15.06
CA ALA A 54 2.43 -2.25 -14.83
C ALA A 54 1.66 -1.37 -15.81
N GLU A 55 1.59 -1.82 -17.06
CA GLU A 55 0.86 -1.11 -18.10
C GLU A 55 -0.63 -1.15 -17.81
N GLU A 56 -1.11 -2.28 -17.31
CA GLU A 56 -2.51 -2.44 -16.99
C GLU A 56 -2.94 -1.45 -15.92
N ASP A 57 -2.08 -1.22 -14.92
CA ASP A 57 -2.38 -0.25 -13.88
C ASP A 57 -1.73 1.10 -14.19
N LYS A 58 -1.19 1.24 -15.41
CA LYS A 58 -0.56 2.47 -15.89
C LYS A 58 0.49 3.02 -14.92
N ILE A 59 1.41 2.17 -14.51
CA ILE A 59 2.47 2.57 -13.60
C ILE A 59 3.66 3.13 -14.37
N LEU A 60 3.84 4.45 -14.28
CA LEU A 60 4.94 5.12 -14.97
C LEU A 60 6.03 5.59 -13.99
N ALA A 61 5.84 5.28 -12.71
CA ALA A 61 6.81 5.68 -11.69
C ALA A 61 6.97 4.60 -10.62
N THR A 62 8.16 4.52 -10.05
CA THR A 62 8.48 3.56 -9.01
C THR A 62 9.50 4.12 -8.03
N PRO A 63 9.33 3.85 -6.73
CA PRO A 63 8.19 3.09 -6.21
C PRO A 63 6.92 3.93 -6.09
N THR A 64 5.78 3.28 -6.20
CA THR A 64 4.49 3.95 -6.07
C THR A 64 3.66 3.25 -5.01
N LEU A 65 3.13 4.03 -4.08
CA LEU A 65 2.32 3.50 -2.98
C LEU A 65 0.84 3.67 -3.30
N ALA A 66 0.09 2.58 -3.35
CA ALA A 66 -1.34 2.67 -3.63
C ALA A 66 -2.14 1.64 -2.82
N LYS A 67 -3.24 2.12 -2.25
CA LYS A 67 -4.13 1.27 -1.49
C LYS A 67 -5.23 0.85 -2.43
N VAL A 68 -5.16 -0.38 -2.90
CA VAL A 68 -6.14 -0.88 -3.84
C VAL A 68 -7.46 -1.23 -3.15
N LEU A 69 -7.38 -1.65 -1.89
CA LEU A 69 -8.58 -2.02 -1.13
C LEU A 69 -8.53 -1.47 0.29
N PRO A 70 -9.65 -0.96 0.81
CA PRO A 70 -10.93 -0.88 0.09
C PRO A 70 -10.98 0.30 -0.89
N PRO A 71 -11.76 0.17 -1.99
CA PRO A 71 -11.92 1.24 -2.98
C PRO A 71 -12.58 2.49 -2.37
N PRO A 72 -12.30 3.69 -2.93
CA PRO A 72 -11.42 3.91 -4.09
C PRO A 72 -9.93 3.66 -3.78
N VAL A 73 -9.16 3.44 -4.84
CA VAL A 73 -7.72 3.20 -4.71
C VAL A 73 -7.00 4.49 -4.31
N ARG A 74 -6.24 4.43 -3.23
CA ARG A 74 -5.51 5.59 -2.74
C ARG A 74 -4.08 5.56 -3.22
N ARG A 75 -3.71 6.51 -4.07
CA ARG A 75 -2.35 6.56 -4.56
C ARG A 75 -1.57 7.61 -3.79
N ILE A 76 -0.51 7.18 -3.14
CA ILE A 76 0.31 8.07 -2.36
C ILE A 76 1.68 8.25 -3.02
N ILE A 77 2.00 9.49 -3.40
CA ILE A 77 3.26 9.77 -4.06
C ILE A 77 4.11 10.73 -3.23
N GLY A 78 5.35 10.34 -2.96
CA GLY A 78 6.25 11.16 -2.18
C GLY A 78 7.50 10.41 -1.79
N ASP A 79 8.22 10.92 -0.80
CA ASP A 79 9.44 10.26 -0.34
C ASP A 79 9.08 9.13 0.63
N LEU A 80 9.07 7.91 0.11
CA LEU A 80 8.72 6.75 0.93
C LEU A 80 9.90 6.19 1.70
N SER A 81 11.10 6.71 1.43
CA SER A 81 12.30 6.26 2.14
C SER A 81 12.24 6.68 3.61
N ASN A 82 11.44 7.71 3.88
CA ASN A 82 11.25 8.20 5.24
C ASN A 82 10.17 7.38 5.93
N ARG A 83 10.57 6.70 7.00
CA ARG A 83 9.66 5.84 7.74
C ARG A 83 8.46 6.62 8.29
N GLU A 84 8.69 7.86 8.71
CA GLU A 84 7.61 8.69 9.24
C GLU A 84 6.49 8.90 8.22
N LYS A 85 6.83 9.20 6.97
CA LYS A 85 5.79 9.41 5.96
C LYS A 85 5.00 8.13 5.71
N VAL A 86 5.69 7.00 5.65
CA VAL A 86 5.02 5.72 5.44
C VAL A 86 4.09 5.40 6.62
N LEU A 87 4.60 5.58 7.84
CA LEU A 87 3.84 5.34 9.05
C LEU A 87 2.65 6.30 9.19
N ILE A 88 2.91 7.59 8.99
CA ILE A 88 1.86 8.61 9.09
C ILE A 88 0.75 8.38 8.06
N ALA A 89 1.14 8.12 6.81
CA ALA A 89 0.16 7.88 5.75
C ALA A 89 -0.68 6.63 6.03
N LEU A 90 -0.03 5.57 6.51
CA LEU A 90 -0.73 4.32 6.83
C LEU A 90 -1.70 4.53 7.98
N ARG A 91 -1.27 5.32 8.98
CA ARG A 91 -2.10 5.61 10.15
C ARG A 91 -3.37 6.36 9.75
N LEU A 92 -3.23 7.38 8.91
CA LEU A 92 -4.37 8.17 8.45
C LEU A 92 -5.32 7.32 7.63
N LEU A 93 -4.78 6.44 6.79
CA LEU A 93 -5.61 5.56 5.97
C LEU A 93 -6.38 4.57 6.85
N ALA A 94 -5.71 4.07 7.89
CA ALA A 94 -6.31 3.11 8.81
C ALA A 94 -7.49 3.71 9.56
N GLU A 95 -7.36 4.98 9.95
CA GLU A 95 -8.42 5.67 10.66
C GLU A 95 -9.68 5.75 9.80
N GLU A 96 -9.47 5.97 8.51
CA GLU A 96 -10.58 6.04 7.55
C GLU A 96 -11.30 4.70 7.48
N ILE A 97 -10.52 3.62 7.50
CA ILE A 97 -11.05 2.27 7.45
C ILE A 97 -11.86 1.95 8.71
N GLY A 98 -11.30 2.31 9.87
CA GLY A 98 -11.98 2.07 11.14
C GLY A 98 -13.29 2.83 11.25
N ASP A 99 -13.31 4.04 10.69
CA ASP A 99 -14.50 4.90 10.70
C ASP A 99 -15.66 4.24 9.97
N TYR A 100 -15.37 3.58 8.84
CA TYR A 100 -16.40 2.92 8.06
C TYR A 100 -16.80 1.59 8.68
N LYS A 101 -18.03 1.51 9.15
CA LYS A 101 -18.54 0.29 9.76
C LYS A 101 -19.63 -0.32 8.90
N ASP A 102 -19.64 -1.65 8.82
CA ASP A 102 -20.63 -2.38 8.02
C ASP A 102 -22.04 -2.14 8.55
N ASP A 103 -22.19 -2.18 9.87
CA ASP A 103 -23.49 -1.98 10.51
C ASP A 103 -23.31 -1.52 11.94
N ASP A 104 -24.31 -0.83 12.48
CA ASP A 104 -24.26 -0.32 13.85
C ASP A 104 -24.32 -1.46 14.86
N ASP A 105 -24.98 -2.55 14.47
CA ASP A 105 -25.14 -3.74 15.33
C ASP A 105 -25.79 -3.41 16.67
N LYS A 106 -26.83 -2.59 16.62
CA LYS A 106 -27.55 -2.20 17.84
C LYS A 106 -29.06 -2.43 17.66
N MET A 1 -18.64 -4.00 -4.15
CA MET A 1 -17.66 -2.93 -3.79
C MET A 1 -17.40 -2.92 -2.30
N ALA A 2 -18.09 -3.81 -1.58
CA ALA A 2 -17.95 -3.90 -0.13
C ALA A 2 -17.08 -5.10 0.25
N PRO A 3 -15.89 -4.85 0.81
CA PRO A 3 -14.95 -5.91 1.23
C PRO A 3 -15.56 -6.83 2.29
N LEU A 4 -15.16 -8.09 2.25
CA LEU A 4 -15.68 -9.09 3.19
C LEU A 4 -14.73 -9.22 4.39
N ARG A 5 -13.68 -8.41 4.41
CA ARG A 5 -12.70 -8.43 5.48
C ARG A 5 -12.38 -7.02 5.96
N LYS A 6 -11.81 -6.91 7.16
CA LYS A 6 -11.45 -5.62 7.72
C LYS A 6 -10.02 -5.23 7.36
N THR A 7 -9.32 -6.13 6.68
CA THR A 7 -7.95 -5.87 6.28
C THR A 7 -7.87 -5.14 4.94
N ALA A 8 -7.15 -4.03 4.96
CA ALA A 8 -6.96 -3.23 3.75
C ALA A 8 -5.78 -3.75 2.95
N VAL A 9 -5.81 -3.53 1.65
CA VAL A 9 -4.76 -4.01 0.78
C VAL A 9 -3.99 -2.83 0.18
N LEU A 10 -2.68 -2.84 0.38
CA LEU A 10 -1.82 -1.80 -0.16
C LEU A 10 -0.91 -2.44 -1.21
N LYS A 11 -0.81 -1.82 -2.37
CA LYS A 11 0.05 -2.35 -3.41
C LYS A 11 1.22 -1.43 -3.64
N LEU A 12 2.41 -1.99 -3.57
CA LEU A 12 3.63 -1.22 -3.78
C LEU A 12 4.21 -1.56 -5.13
N TYR A 13 4.40 -0.57 -5.98
CA TYR A 13 4.96 -0.82 -7.29
C TYR A 13 6.44 -0.49 -7.27
N VAL A 14 7.28 -1.47 -7.54
CA VAL A 14 8.72 -1.26 -7.51
C VAL A 14 9.37 -1.65 -8.82
N ALA A 15 10.56 -1.13 -9.06
CA ALA A 15 11.30 -1.42 -10.28
C ALA A 15 12.60 -2.13 -9.95
N GLY A 16 12.61 -3.45 -10.16
CA GLY A 16 13.79 -4.25 -9.90
C GLY A 16 14.21 -4.22 -8.44
N ASN A 17 15.52 -4.06 -8.22
CA ASN A 17 16.06 -4.01 -6.87
C ASN A 17 16.85 -2.74 -6.65
N THR A 18 16.30 -1.63 -7.11
CA THR A 18 16.94 -0.34 -6.96
C THR A 18 16.89 0.08 -5.51
N PRO A 19 17.84 0.93 -5.08
CA PRO A 19 17.90 1.40 -3.69
C PRO A 19 16.61 2.07 -3.25
N ASN A 20 15.96 2.78 -4.18
CA ASN A 20 14.69 3.43 -3.87
C ASN A 20 13.62 2.38 -3.57
N SER A 21 13.60 1.32 -4.39
CA SER A 21 12.64 0.22 -4.22
C SER A 21 12.97 -0.58 -2.97
N VAL A 22 14.24 -0.87 -2.75
CA VAL A 22 14.66 -1.63 -1.60
C VAL A 22 14.36 -0.85 -0.31
N ARG A 23 14.67 0.44 -0.33
CA ARG A 23 14.44 1.31 0.81
C ARG A 23 12.96 1.39 1.12
N ALA A 24 12.16 1.61 0.09
CA ALA A 24 10.71 1.71 0.23
C ALA A 24 10.11 0.40 0.73
N LEU A 25 10.60 -0.71 0.16
CA LEU A 25 10.13 -2.04 0.53
C LEU A 25 10.40 -2.35 2.01
N LYS A 26 11.63 -2.08 2.46
CA LYS A 26 11.98 -2.33 3.86
C LYS A 26 11.16 -1.45 4.80
N THR A 27 10.97 -0.19 4.41
CA THR A 27 10.21 0.77 5.20
C THR A 27 8.73 0.38 5.29
N LEU A 28 8.15 0.01 4.15
CA LEU A 28 6.73 -0.38 4.12
C LEU A 28 6.47 -1.70 4.82
N ALA A 29 7.25 -2.72 4.48
CA ALA A 29 7.07 -4.06 5.07
C ALA A 29 7.27 -4.09 6.58
N ASN A 30 8.32 -3.44 7.07
CA ASN A 30 8.59 -3.44 8.50
C ASN A 30 7.49 -2.72 9.28
N ILE A 31 7.03 -1.58 8.76
CA ILE A 31 5.98 -0.83 9.41
C ILE A 31 4.66 -1.63 9.42
N LEU A 32 4.34 -2.24 8.30
CA LEU A 32 3.12 -3.05 8.19
C LEU A 32 3.20 -4.37 8.96
N GLU A 33 4.40 -4.90 9.16
CA GLU A 33 4.55 -6.17 9.90
C GLU A 33 4.72 -5.93 11.40
N LYS A 34 4.76 -4.68 11.82
CA LYS A 34 4.91 -4.37 13.24
C LYS A 34 3.88 -3.34 13.70
N GLU A 35 3.94 -2.15 13.11
CA GLU A 35 3.05 -1.04 13.46
C GLU A 35 1.59 -1.35 13.10
N PHE A 36 1.37 -1.95 11.93
CA PHE A 36 0.00 -2.27 11.48
C PHE A 36 -0.17 -3.75 11.18
N LYS A 37 0.57 -4.60 11.88
CA LYS A 37 0.49 -6.05 11.65
C LYS A 37 -0.92 -6.57 11.94
N GLY A 38 -1.47 -7.29 10.97
CA GLY A 38 -2.80 -7.85 11.13
C GLY A 38 -3.89 -6.91 10.64
N VAL A 39 -3.52 -5.67 10.30
CA VAL A 39 -4.51 -4.71 9.82
C VAL A 39 -4.38 -4.48 8.31
N TYR A 40 -3.15 -4.38 7.82
CA TYR A 40 -2.97 -4.17 6.38
C TYR A 40 -2.24 -5.33 5.71
N ALA A 41 -2.63 -5.61 4.47
CA ALA A 41 -2.00 -6.64 3.68
C ALA A 41 -1.14 -5.98 2.60
N LEU A 42 0.14 -6.32 2.54
CA LEU A 42 1.05 -5.70 1.58
C LEU A 42 1.21 -6.55 0.33
N LYS A 43 1.01 -5.90 -0.82
CA LYS A 43 1.13 -6.54 -2.12
C LYS A 43 2.09 -5.74 -2.98
N VAL A 44 3.23 -6.32 -3.28
CA VAL A 44 4.26 -5.68 -4.08
C VAL A 44 4.20 -6.16 -5.52
N ILE A 45 4.16 -5.19 -6.43
CA ILE A 45 4.08 -5.45 -7.85
C ILE A 45 5.38 -5.04 -8.53
N ASP A 46 6.08 -6.00 -9.12
CA ASP A 46 7.33 -5.70 -9.81
C ASP A 46 7.02 -5.27 -11.24
N VAL A 47 7.12 -3.98 -11.50
CA VAL A 47 6.81 -3.43 -12.83
C VAL A 47 7.80 -3.84 -13.92
N LEU A 48 9.01 -4.30 -13.56
CA LEU A 48 10.00 -4.69 -14.55
C LEU A 48 9.90 -6.17 -14.92
N LYS A 49 9.63 -7.03 -13.93
CA LYS A 49 9.50 -8.46 -14.19
C LYS A 49 8.22 -8.75 -14.96
N ASN A 50 7.17 -8.01 -14.63
CA ASN A 50 5.89 -8.16 -15.31
C ASN A 50 5.36 -6.78 -15.69
N PRO A 51 5.91 -6.19 -16.76
CA PRO A 51 5.50 -4.88 -17.24
C PRO A 51 4.05 -4.87 -17.73
N GLN A 52 3.53 -6.05 -18.05
CA GLN A 52 2.14 -6.18 -18.48
C GLN A 52 1.21 -5.74 -17.38
N LEU A 53 1.53 -6.14 -16.15
CA LEU A 53 0.72 -5.77 -15.00
C LEU A 53 0.88 -4.29 -14.72
N ALA A 54 2.11 -3.78 -14.92
CA ALA A 54 2.40 -2.38 -14.71
C ALA A 54 1.61 -1.53 -15.69
N GLU A 55 1.55 -2.01 -16.94
CA GLU A 55 0.79 -1.33 -17.98
C GLU A 55 -0.70 -1.39 -17.69
N GLU A 56 -1.15 -2.52 -17.15
CA GLU A 56 -2.56 -2.70 -16.82
C GLU A 56 -2.99 -1.65 -15.80
N ASP A 57 -2.11 -1.36 -14.83
CA ASP A 57 -2.41 -0.33 -13.84
C ASP A 57 -1.75 1.00 -14.22
N LYS A 58 -1.19 1.05 -15.43
CA LYS A 58 -0.54 2.24 -15.98
C LYS A 58 0.46 2.88 -15.00
N ILE A 59 1.39 2.06 -14.52
CA ILE A 59 2.40 2.52 -13.59
C ILE A 59 3.61 3.08 -14.34
N LEU A 60 3.76 4.40 -14.29
CA LEU A 60 4.88 5.06 -14.96
C LEU A 60 5.89 5.61 -13.96
N ALA A 61 5.69 5.32 -12.68
CA ALA A 61 6.60 5.79 -11.64
C ALA A 61 6.82 4.73 -10.57
N THR A 62 8.02 4.74 -9.98
CA THR A 62 8.39 3.81 -8.93
C THR A 62 9.37 4.47 -7.97
N PRO A 63 9.25 4.20 -6.66
CA PRO A 63 8.20 3.34 -6.11
C PRO A 63 6.87 4.07 -5.99
N THR A 64 5.78 3.33 -6.12
CA THR A 64 4.44 3.92 -6.01
C THR A 64 3.63 3.13 -4.99
N LEU A 65 3.03 3.84 -4.05
CA LEU A 65 2.20 3.23 -3.01
C LEU A 65 0.74 3.52 -3.29
N ALA A 66 -0.05 2.47 -3.50
CA ALA A 66 -1.47 2.65 -3.77
C ALA A 66 -2.31 1.65 -2.99
N LYS A 67 -3.35 2.16 -2.35
CA LYS A 67 -4.25 1.33 -1.58
C LYS A 67 -5.42 0.96 -2.47
N VAL A 68 -5.42 -0.26 -2.95
CA VAL A 68 -6.49 -0.70 -3.84
C VAL A 68 -7.73 -1.10 -3.05
N LEU A 69 -7.53 -1.53 -1.81
CA LEU A 69 -8.68 -1.94 -0.99
C LEU A 69 -8.56 -1.41 0.44
N PRO A 70 -9.66 -0.92 1.03
CA PRO A 70 -10.99 -0.83 0.39
C PRO A 70 -11.03 0.26 -0.69
N PRO A 71 -11.91 0.11 -1.69
CA PRO A 71 -12.06 1.10 -2.76
C PRO A 71 -12.72 2.39 -2.25
N PRO A 72 -12.51 3.54 -2.94
CA PRO A 72 -11.69 3.63 -4.17
C PRO A 72 -10.18 3.52 -3.90
N VAL A 73 -9.43 3.30 -4.97
CA VAL A 73 -7.98 3.16 -4.87
C VAL A 73 -7.32 4.50 -4.52
N ARG A 74 -6.52 4.47 -3.45
CA ARG A 74 -5.82 5.66 -2.99
C ARG A 74 -4.34 5.58 -3.33
N ARG A 75 -3.88 6.48 -4.18
CA ARG A 75 -2.50 6.50 -4.58
C ARG A 75 -1.74 7.51 -3.74
N ILE A 76 -0.68 7.04 -3.10
CA ILE A 76 0.15 7.89 -2.26
C ILE A 76 1.51 8.11 -2.92
N ILE A 77 1.82 9.37 -3.25
CA ILE A 77 3.08 9.70 -3.90
C ILE A 77 3.91 10.63 -3.03
N GLY A 78 5.16 10.24 -2.78
CA GLY A 78 6.05 11.04 -1.96
C GLY A 78 7.32 10.30 -1.61
N ASP A 79 8.07 10.83 -0.65
CA ASP A 79 9.31 10.19 -0.22
C ASP A 79 8.99 9.07 0.76
N LEU A 80 8.97 7.84 0.27
CA LEU A 80 8.64 6.69 1.10
C LEU A 80 9.86 6.14 1.83
N SER A 81 11.04 6.68 1.55
CA SER A 81 12.26 6.24 2.22
C SER A 81 12.23 6.64 3.69
N ASN A 82 11.44 7.67 3.98
CA ASN A 82 11.28 8.16 5.35
C ASN A 82 10.20 7.34 6.04
N ARG A 83 10.59 6.65 7.11
CA ARG A 83 9.66 5.80 7.85
C ARG A 83 8.48 6.59 8.40
N GLU A 84 8.72 7.83 8.82
CA GLU A 84 7.64 8.67 9.36
C GLU A 84 6.54 8.91 8.35
N LYS A 85 6.88 9.20 7.09
CA LYS A 85 5.84 9.43 6.07
C LYS A 85 5.05 8.15 5.83
N VAL A 86 5.73 7.02 5.78
CA VAL A 86 5.06 5.74 5.60
C VAL A 86 4.14 5.45 6.78
N LEU A 87 4.62 5.71 7.98
CA LEU A 87 3.84 5.49 9.20
C LEU A 87 2.67 6.46 9.31
N ILE A 88 2.94 7.75 9.10
CA ILE A 88 1.91 8.78 9.17
C ILE A 88 0.81 8.55 8.13
N ALA A 89 1.20 8.28 6.89
CA ALA A 89 0.23 8.02 5.82
C ALA A 89 -0.59 6.76 6.10
N LEU A 90 0.08 5.72 6.60
CA LEU A 90 -0.60 4.47 6.93
C LEU A 90 -1.54 4.66 8.11
N ARG A 91 -1.12 5.47 9.09
CA ARG A 91 -1.92 5.75 10.28
C ARG A 91 -3.21 6.49 9.90
N LEU A 92 -3.08 7.52 9.07
CA LEU A 92 -4.24 8.32 8.64
C LEU A 92 -5.21 7.47 7.82
N LEU A 93 -4.66 6.61 6.96
CA LEU A 93 -5.48 5.75 6.12
C LEU A 93 -6.22 4.72 6.97
N ALA A 94 -5.55 4.19 7.98
CA ALA A 94 -6.12 3.21 8.90
C ALA A 94 -7.31 3.78 9.65
N GLU A 95 -7.19 5.05 10.05
CA GLU A 95 -8.27 5.73 10.77
C GLU A 95 -9.53 5.78 9.93
N GLU A 96 -9.34 6.00 8.62
CA GLU A 96 -10.46 6.06 7.68
C GLU A 96 -11.18 4.72 7.63
N ILE A 97 -10.39 3.64 7.65
CA ILE A 97 -10.92 2.28 7.61
C ILE A 97 -11.72 1.98 8.88
N GLY A 98 -11.16 2.35 10.03
CA GLY A 98 -11.82 2.12 11.30
C GLY A 98 -13.12 2.88 11.42
N ASP A 99 -13.15 4.08 10.85
CA ASP A 99 -14.33 4.94 10.87
C ASP A 99 -15.50 4.29 10.12
N TYR A 100 -15.18 3.67 8.99
CA TYR A 100 -16.21 3.02 8.18
C TYR A 100 -16.58 1.66 8.75
N LYS A 101 -17.83 1.55 9.19
CA LYS A 101 -18.33 0.31 9.77
C LYS A 101 -19.38 -0.32 8.85
N ASP A 102 -19.39 -1.64 8.80
CA ASP A 102 -20.35 -2.36 7.96
C ASP A 102 -21.63 -2.65 8.73
N ASP A 103 -22.68 -1.86 8.45
CA ASP A 103 -23.96 -2.03 9.12
C ASP A 103 -24.84 -3.00 8.33
N ASP A 104 -25.02 -4.21 8.87
CA ASP A 104 -25.84 -5.24 8.22
C ASP A 104 -27.31 -4.83 8.15
N ASP A 105 -27.75 -4.02 9.12
CA ASP A 105 -29.14 -3.57 9.16
C ASP A 105 -29.33 -2.33 8.29
N LYS A 106 -29.94 -2.52 7.12
CA LYS A 106 -30.18 -1.43 6.19
C LYS A 106 -31.39 -0.59 6.64
N MET A 1 -15.50 -14.98 -2.72
CA MET A 1 -15.08 -13.58 -2.98
C MET A 1 -14.08 -13.12 -1.92
N ALA A 2 -14.23 -13.69 -0.72
CA ALA A 2 -13.37 -13.37 0.43
C ALA A 2 -13.27 -11.86 0.68
N PRO A 3 -14.39 -11.17 1.00
CA PRO A 3 -14.41 -9.74 1.25
C PRO A 3 -13.71 -9.36 2.55
N LEU A 4 -13.14 -8.15 2.59
CA LEU A 4 -12.43 -7.69 3.76
C LEU A 4 -13.14 -6.48 4.37
N ARG A 5 -13.14 -6.40 5.70
CA ARG A 5 -13.79 -5.29 6.41
C ARG A 5 -12.76 -4.32 6.98
N LYS A 6 -12.04 -4.75 8.00
CA LYS A 6 -11.04 -3.89 8.64
C LYS A 6 -9.66 -4.08 8.01
N THR A 7 -9.52 -5.11 7.20
CA THR A 7 -8.26 -5.37 6.54
C THR A 7 -8.20 -4.69 5.18
N ALA A 8 -7.14 -3.92 4.98
CA ALA A 8 -6.94 -3.21 3.73
C ALA A 8 -5.75 -3.76 2.97
N VAL A 9 -5.77 -3.62 1.65
CA VAL A 9 -4.69 -4.11 0.82
C VAL A 9 -3.89 -2.95 0.25
N LEU A 10 -2.61 -2.98 0.50
CA LEU A 10 -1.70 -1.95 0.00
C LEU A 10 -0.78 -2.58 -1.01
N LYS A 11 -0.64 -1.96 -2.18
CA LYS A 11 0.22 -2.53 -3.20
C LYS A 11 1.38 -1.59 -3.48
N LEU A 12 2.58 -2.15 -3.48
CA LEU A 12 3.78 -1.38 -3.77
C LEU A 12 4.30 -1.76 -5.13
N TYR A 13 4.47 -0.78 -6.01
CA TYR A 13 4.99 -1.05 -7.33
C TYR A 13 6.46 -0.69 -7.36
N VAL A 14 7.30 -1.65 -7.65
CA VAL A 14 8.74 -1.42 -7.66
C VAL A 14 9.37 -1.85 -8.97
N ALA A 15 10.55 -1.32 -9.25
CA ALA A 15 11.26 -1.65 -10.46
C ALA A 15 12.54 -2.38 -10.11
N GLY A 16 12.55 -3.70 -10.32
CA GLY A 16 13.71 -4.50 -10.00
C GLY A 16 14.05 -4.47 -8.53
N ASN A 17 15.31 -4.19 -8.21
CA ASN A 17 15.74 -4.12 -6.82
C ASN A 17 16.65 -2.92 -6.61
N THR A 18 16.16 -1.75 -7.00
CA THR A 18 16.91 -0.51 -6.84
C THR A 18 16.87 -0.06 -5.38
N PRO A 19 17.84 0.77 -4.96
CA PRO A 19 17.89 1.26 -3.57
C PRO A 19 16.59 1.93 -3.14
N ASN A 20 15.96 2.67 -4.05
CA ASN A 20 14.70 3.34 -3.74
C ASN A 20 13.61 2.30 -3.45
N SER A 21 13.56 1.27 -4.31
CA SER A 21 12.60 0.19 -4.15
C SER A 21 12.89 -0.64 -2.90
N VAL A 22 14.16 -0.94 -2.67
CA VAL A 22 14.55 -1.70 -1.49
C VAL A 22 14.25 -0.91 -0.21
N ARG A 23 14.63 0.36 -0.21
CA ARG A 23 14.41 1.23 0.93
C ARG A 23 12.93 1.37 1.22
N ALA A 24 12.16 1.61 0.16
CA ALA A 24 10.72 1.77 0.28
C ALA A 24 10.07 0.49 0.80
N LEU A 25 10.53 -0.65 0.24
CA LEU A 25 10.01 -1.96 0.63
C LEU A 25 10.28 -2.26 2.10
N LYS A 26 11.51 -2.01 2.55
CA LYS A 26 11.86 -2.24 3.95
C LYS A 26 11.04 -1.34 4.87
N THR A 27 10.85 -0.09 4.45
CA THR A 27 10.09 0.89 5.22
C THR A 27 8.62 0.46 5.35
N LEU A 28 8.02 0.03 4.25
CA LEU A 28 6.62 -0.38 4.25
C LEU A 28 6.41 -1.68 5.04
N ALA A 29 7.22 -2.69 4.74
CA ALA A 29 7.11 -3.98 5.41
C ALA A 29 7.34 -3.90 6.91
N ASN A 30 8.38 -3.16 7.33
CA ASN A 30 8.71 -3.04 8.75
C ASN A 30 7.57 -2.38 9.52
N ILE A 31 7.03 -1.31 8.96
CA ILE A 31 5.93 -0.58 9.58
C ILE A 31 4.67 -1.44 9.65
N LEU A 32 4.35 -2.12 8.56
CA LEU A 32 3.18 -2.98 8.52
C LEU A 32 3.33 -4.21 9.43
N GLU A 33 4.55 -4.74 9.54
CA GLU A 33 4.82 -5.91 10.39
C GLU A 33 4.64 -5.63 11.88
N LYS A 34 4.98 -4.42 12.33
CA LYS A 34 4.86 -4.11 13.75
C LYS A 34 3.76 -3.09 14.03
N GLU A 35 3.85 -1.94 13.39
CA GLU A 35 2.89 -0.85 13.58
C GLU A 35 1.47 -1.21 13.15
N PHE A 36 1.31 -1.89 12.00
CA PHE A 36 -0.03 -2.24 11.53
C PHE A 36 -0.24 -3.73 11.29
N LYS A 37 0.46 -4.58 12.05
CA LYS A 37 0.32 -6.02 11.89
C LYS A 37 -1.11 -6.48 12.16
N GLY A 38 -1.66 -7.22 11.21
CA GLY A 38 -3.01 -7.73 11.36
C GLY A 38 -4.06 -6.79 10.80
N VAL A 39 -3.66 -5.59 10.41
CA VAL A 39 -4.61 -4.62 9.88
C VAL A 39 -4.44 -4.45 8.37
N TYR A 40 -3.20 -4.37 7.88
CA TYR A 40 -3.00 -4.19 6.45
C TYR A 40 -2.27 -5.38 5.82
N ALA A 41 -2.64 -5.68 4.58
CA ALA A 41 -2.01 -6.73 3.81
C ALA A 41 -1.11 -6.08 2.77
N LEU A 42 0.17 -6.46 2.75
CA LEU A 42 1.12 -5.86 1.81
C LEU A 42 1.30 -6.70 0.55
N LYS A 43 1.16 -6.05 -0.59
CA LYS A 43 1.31 -6.68 -1.89
C LYS A 43 2.32 -5.87 -2.70
N VAL A 44 3.22 -6.55 -3.37
CA VAL A 44 4.26 -5.92 -4.18
C VAL A 44 4.17 -6.38 -5.62
N ILE A 45 4.17 -5.40 -6.53
CA ILE A 45 4.05 -5.64 -7.94
C ILE A 45 5.36 -5.24 -8.63
N ASP A 46 6.05 -6.22 -9.22
CA ASP A 46 7.30 -5.93 -9.92
C ASP A 46 6.99 -5.52 -11.35
N VAL A 47 7.07 -4.23 -11.62
CA VAL A 47 6.76 -3.69 -12.94
C VAL A 47 7.74 -4.14 -14.04
N LEU A 48 9.02 -4.32 -13.70
CA LEU A 48 10.01 -4.75 -14.69
C LEU A 48 9.80 -6.19 -15.16
N LYS A 49 9.44 -7.08 -14.23
CA LYS A 49 9.21 -8.48 -14.58
C LYS A 49 7.95 -8.65 -15.41
N ASN A 50 6.92 -7.88 -15.09
CA ASN A 50 5.66 -7.95 -15.83
C ASN A 50 5.22 -6.57 -16.26
N PRO A 51 5.73 -6.10 -17.40
CA PRO A 51 5.41 -4.79 -17.95
C PRO A 51 3.92 -4.63 -18.27
N GLN A 52 3.28 -5.76 -18.58
CA GLN A 52 1.85 -5.76 -18.91
C GLN A 52 1.03 -5.29 -17.73
N LEU A 53 1.39 -5.76 -16.54
CA LEU A 53 0.65 -5.37 -15.34
C LEU A 53 0.93 -3.91 -15.01
N ALA A 54 2.17 -3.48 -15.25
CA ALA A 54 2.54 -2.10 -15.01
C ALA A 54 1.74 -1.18 -15.92
N GLU A 55 1.61 -1.61 -17.17
CA GLU A 55 0.85 -0.87 -18.17
C GLU A 55 -0.63 -0.87 -17.81
N GLU A 56 -1.13 -1.99 -17.29
CA GLU A 56 -2.53 -2.13 -16.92
C GLU A 56 -2.89 -1.10 -15.85
N ASP A 57 -2.01 -0.89 -14.88
CA ASP A 57 -2.26 0.10 -13.83
C ASP A 57 -1.54 1.41 -14.13
N LYS A 58 -1.03 1.54 -15.36
CA LYS A 58 -0.34 2.74 -15.83
C LYS A 58 0.75 3.23 -14.87
N ILE A 59 1.64 2.32 -14.48
CA ILE A 59 2.73 2.67 -13.57
C ILE A 59 3.92 3.21 -14.35
N LEU A 60 4.13 4.53 -14.27
CA LEU A 60 5.24 5.18 -14.97
C LEU A 60 6.36 5.57 -14.02
N ALA A 61 6.14 5.40 -12.71
CA ALA A 61 7.15 5.75 -11.72
C ALA A 61 7.17 4.75 -10.57
N THR A 62 8.37 4.43 -10.09
CA THR A 62 8.54 3.49 -9.00
C THR A 62 9.57 4.02 -8.01
N PRO A 63 9.42 3.69 -6.72
CA PRO A 63 8.30 2.88 -6.23
C PRO A 63 6.99 3.66 -6.16
N THR A 64 5.89 2.94 -6.31
CA THR A 64 4.56 3.53 -6.25
C THR A 64 3.76 2.88 -5.13
N LEU A 65 3.25 3.68 -4.21
CA LEU A 65 2.47 3.18 -3.10
C LEU A 65 1.00 3.47 -3.34
N ALA A 66 0.18 2.43 -3.47
CA ALA A 66 -1.24 2.62 -3.70
C ALA A 66 -2.09 1.63 -2.93
N LYS A 67 -3.18 2.14 -2.37
CA LYS A 67 -4.11 1.32 -1.62
C LYS A 67 -5.23 0.92 -2.55
N VAL A 68 -5.23 -0.33 -2.99
CA VAL A 68 -6.25 -0.80 -3.90
C VAL A 68 -7.51 -1.17 -3.15
N LEU A 69 -7.36 -1.58 -1.89
CA LEU A 69 -8.52 -1.96 -1.08
C LEU A 69 -8.42 -1.39 0.32
N PRO A 70 -9.55 -0.89 0.87
CA PRO A 70 -10.84 -0.86 0.19
C PRO A 70 -10.95 0.29 -0.83
N PRO A 71 -11.82 0.14 -1.85
CA PRO A 71 -12.03 1.20 -2.87
C PRO A 71 -12.55 2.50 -2.25
N PRO A 72 -12.25 3.66 -2.88
CA PRO A 72 -11.46 3.76 -4.11
C PRO A 72 -9.96 3.60 -3.88
N VAL A 73 -9.23 3.41 -4.98
CA VAL A 73 -7.78 3.24 -4.92
C VAL A 73 -7.09 4.57 -4.59
N ARG A 74 -6.25 4.55 -3.55
CA ARG A 74 -5.53 5.73 -3.10
C ARG A 74 -4.04 5.59 -3.41
N ARG A 75 -3.52 6.49 -4.24
CA ARG A 75 -2.11 6.45 -4.59
C ARG A 75 -1.34 7.50 -3.81
N ILE A 76 -0.39 7.04 -3.03
CA ILE A 76 0.44 7.91 -2.22
C ILE A 76 1.81 8.09 -2.88
N ILE A 77 2.12 9.31 -3.30
CA ILE A 77 3.40 9.59 -3.96
C ILE A 77 4.21 10.61 -3.15
N GLY A 78 5.45 10.27 -2.87
CA GLY A 78 6.32 11.15 -2.10
C GLY A 78 7.58 10.45 -1.66
N ASP A 79 8.23 10.97 -0.64
CA ASP A 79 9.46 10.36 -0.12
C ASP A 79 9.11 9.18 0.77
N LEU A 80 8.94 8.02 0.15
CA LEU A 80 8.58 6.79 0.86
C LEU A 80 9.75 6.24 1.67
N SER A 81 10.96 6.72 1.40
CA SER A 81 12.14 6.26 2.11
C SER A 81 12.08 6.71 3.57
N ASN A 82 11.28 7.75 3.83
CA ASN A 82 11.11 8.26 5.17
C ASN A 82 10.02 7.45 5.88
N ARG A 83 10.42 6.79 6.97
CA ARG A 83 9.50 5.94 7.73
C ARG A 83 8.32 6.74 8.28
N GLU A 84 8.55 7.99 8.66
CA GLU A 84 7.47 8.83 9.19
C GLU A 84 6.35 9.02 8.18
N LYS A 85 6.68 9.30 6.91
CA LYS A 85 5.64 9.49 5.90
C LYS A 85 4.85 8.20 5.69
N VAL A 86 5.54 7.07 5.65
CA VAL A 86 4.87 5.78 5.47
C VAL A 86 3.95 5.48 6.65
N LEU A 87 4.47 5.68 7.87
CA LEU A 87 3.70 5.45 9.09
C LEU A 87 2.52 6.42 9.20
N ILE A 88 2.77 7.70 8.98
CA ILE A 88 1.72 8.71 9.05
C ILE A 88 0.62 8.46 8.01
N ALA A 89 1.02 8.18 6.78
CA ALA A 89 0.05 7.92 5.70
C ALA A 89 -0.77 6.67 5.99
N LEU A 90 -0.12 5.60 6.46
CA LEU A 90 -0.82 4.36 6.79
C LEU A 90 -1.78 4.56 7.95
N ARG A 91 -1.35 5.36 8.94
CA ARG A 91 -2.17 5.65 10.11
C ARG A 91 -3.43 6.43 9.74
N LEU A 92 -3.27 7.44 8.88
CA LEU A 92 -4.40 8.24 8.43
C LEU A 92 -5.38 7.41 7.60
N LEU A 93 -4.84 6.53 6.76
CA LEU A 93 -5.68 5.66 5.95
C LEU A 93 -6.45 4.69 6.85
N ALA A 94 -5.78 4.19 7.88
CA ALA A 94 -6.38 3.26 8.83
C ALA A 94 -7.53 3.89 9.59
N GLU A 95 -7.39 5.17 9.93
CA GLU A 95 -8.44 5.89 10.65
C GLU A 95 -9.70 5.93 9.81
N GLU A 96 -9.53 6.13 8.50
CA GLU A 96 -10.63 6.16 7.56
C GLU A 96 -11.34 4.80 7.50
N ILE A 97 -10.53 3.75 7.51
CA ILE A 97 -11.03 2.38 7.46
C ILE A 97 -11.74 2.00 8.75
N GLY A 98 -11.14 2.37 9.88
CA GLY A 98 -11.72 2.08 11.18
C GLY A 98 -13.06 2.77 11.39
N ASP A 99 -13.20 3.98 10.84
CA ASP A 99 -14.42 4.75 10.94
C ASP A 99 -15.61 4.04 10.30
N TYR A 100 -15.36 3.40 9.15
CA TYR A 100 -16.40 2.68 8.44
C TYR A 100 -16.82 1.44 9.20
N LYS A 101 -18.11 1.34 9.47
CA LYS A 101 -18.67 0.21 10.20
C LYS A 101 -19.53 -0.64 9.27
N ASP A 102 -19.52 -1.96 9.50
CA ASP A 102 -20.31 -2.89 8.71
C ASP A 102 -21.81 -2.61 8.85
N ASP A 103 -22.24 -2.39 10.09
CA ASP A 103 -23.64 -2.10 10.37
C ASP A 103 -23.88 -0.60 10.38
N ASP A 104 -24.56 -0.10 9.35
CA ASP A 104 -24.86 1.33 9.23
C ASP A 104 -25.78 1.81 10.35
N ASP A 105 -26.64 0.91 10.84
CA ASP A 105 -27.57 1.26 11.91
C ASP A 105 -26.91 1.06 13.28
N LYS A 106 -26.49 2.16 13.90
CA LYS A 106 -25.85 2.11 15.20
C LYS A 106 -26.28 3.28 16.07
N MET A 1 -20.24 -2.57 -5.66
CA MET A 1 -20.17 -4.01 -6.05
C MET A 1 -18.94 -4.68 -5.44
N ALA A 2 -18.12 -3.88 -4.76
CA ALA A 2 -16.92 -4.39 -4.13
C ALA A 2 -17.08 -4.45 -2.61
N PRO A 3 -17.13 -5.67 -2.04
CA PRO A 3 -17.28 -5.88 -0.59
C PRO A 3 -16.15 -5.22 0.21
N LEU A 4 -16.49 -4.70 1.38
CA LEU A 4 -15.50 -4.04 2.23
C LEU A 4 -15.17 -4.92 3.43
N ARG A 5 -13.88 -5.01 3.74
CA ARG A 5 -13.41 -5.81 4.86
C ARG A 5 -12.49 -5.00 5.77
N LYS A 6 -12.31 -5.47 7.00
CA LYS A 6 -11.46 -4.79 7.97
C LYS A 6 -10.01 -4.71 7.49
N THR A 7 -9.55 -5.79 6.87
CA THR A 7 -8.20 -5.84 6.35
C THR A 7 -8.10 -5.16 5.00
N ALA A 8 -7.23 -4.17 4.92
CA ALA A 8 -7.03 -3.42 3.68
C ALA A 8 -5.83 -3.95 2.92
N VAL A 9 -5.86 -3.77 1.59
CA VAL A 9 -4.78 -4.24 0.74
C VAL A 9 -4.01 -3.05 0.16
N LEU A 10 -2.72 -3.02 0.39
CA LEU A 10 -1.86 -1.97 -0.10
C LEU A 10 -0.93 -2.57 -1.13
N LYS A 11 -0.81 -1.93 -2.29
CA LYS A 11 0.07 -2.47 -3.32
C LYS A 11 1.23 -1.53 -3.56
N LEU A 12 2.43 -2.09 -3.54
CA LEU A 12 3.63 -1.31 -3.77
C LEU A 12 4.22 -1.69 -5.11
N TYR A 13 4.37 -0.73 -5.99
CA TYR A 13 4.93 -1.01 -7.31
C TYR A 13 6.39 -0.63 -7.29
N VAL A 14 7.26 -1.58 -7.57
CA VAL A 14 8.69 -1.32 -7.55
C VAL A 14 9.34 -1.73 -8.86
N ALA A 15 10.53 -1.19 -9.11
CA ALA A 15 11.25 -1.52 -10.32
C ALA A 15 12.54 -2.23 -9.95
N GLY A 16 12.56 -3.54 -10.18
CA GLY A 16 13.72 -4.35 -9.87
C GLY A 16 14.06 -4.33 -8.39
N ASN A 17 15.32 -4.08 -8.07
CA ASN A 17 15.75 -4.03 -6.68
C ASN A 17 16.66 -2.84 -6.47
N THR A 18 16.20 -1.67 -6.90
CA THR A 18 16.95 -0.44 -6.75
C THR A 18 16.90 0.03 -5.31
N PRO A 19 17.86 0.88 -4.89
CA PRO A 19 17.88 1.39 -3.51
C PRO A 19 16.57 2.06 -3.11
N ASN A 20 15.94 2.77 -4.04
CA ASN A 20 14.66 3.43 -3.74
C ASN A 20 13.60 2.38 -3.43
N SER A 21 13.56 1.33 -4.27
CA SER A 21 12.62 0.23 -4.10
C SER A 21 12.92 -0.56 -2.83
N VAL A 22 14.20 -0.83 -2.59
CA VAL A 22 14.59 -1.58 -1.40
C VAL A 22 14.26 -0.77 -0.15
N ARG A 23 14.57 0.52 -0.18
CA ARG A 23 14.32 1.41 0.94
C ARG A 23 12.83 1.51 1.21
N ALA A 24 12.06 1.73 0.14
CA ALA A 24 10.61 1.85 0.26
C ALA A 24 9.98 0.56 0.76
N LEU A 25 10.43 -0.56 0.20
CA LEU A 25 9.94 -1.88 0.58
C LEU A 25 10.23 -2.20 2.04
N LYS A 26 11.46 -1.96 2.47
CA LYS A 26 11.86 -2.20 3.84
C LYS A 26 11.05 -1.34 4.81
N THR A 27 10.91 -0.06 4.45
CA THR A 27 10.16 0.89 5.26
C THR A 27 8.67 0.52 5.33
N LEU A 28 8.08 0.17 4.20
CA LEU A 28 6.66 -0.18 4.14
C LEU A 28 6.37 -1.51 4.83
N ALA A 29 7.12 -2.56 4.47
CA ALA A 29 6.91 -3.89 5.02
C ALA A 29 7.09 -3.97 6.53
N ASN A 30 8.15 -3.36 7.06
CA ASN A 30 8.39 -3.42 8.49
C ASN A 30 7.32 -2.67 9.27
N ILE A 31 6.92 -1.50 8.78
CA ILE A 31 5.89 -0.73 9.44
C ILE A 31 4.56 -1.49 9.44
N LEU A 32 4.22 -2.10 8.30
CA LEU A 32 2.99 -2.87 8.19
C LEU A 32 3.05 -4.18 8.99
N GLU A 33 4.25 -4.73 9.17
CA GLU A 33 4.41 -5.99 9.92
C GLU A 33 4.52 -5.76 11.43
N LYS A 34 4.73 -4.52 11.84
CA LYS A 34 4.86 -4.22 13.28
C LYS A 34 3.80 -3.22 13.72
N GLU A 35 3.85 -2.03 13.14
CA GLU A 35 2.93 -0.94 13.48
C GLU A 35 1.48 -1.27 13.10
N PHE A 36 1.28 -1.90 11.95
CA PHE A 36 -0.07 -2.24 11.49
C PHE A 36 -0.22 -3.74 11.27
N LYS A 37 0.52 -4.52 12.05
CA LYS A 37 0.48 -5.98 11.93
C LYS A 37 -0.93 -6.53 12.10
N GLY A 38 -1.36 -7.32 11.12
CA GLY A 38 -2.68 -7.92 11.15
C GLY A 38 -3.78 -6.99 10.67
N VAL A 39 -3.43 -5.78 10.28
CA VAL A 39 -4.42 -4.83 9.80
C VAL A 39 -4.31 -4.63 8.28
N TYR A 40 -3.09 -4.50 7.76
CA TYR A 40 -2.93 -4.29 6.33
C TYR A 40 -2.19 -5.45 5.66
N ALA A 41 -2.60 -5.75 4.43
CA ALA A 41 -1.95 -6.77 3.64
C ALA A 41 -1.10 -6.10 2.56
N LEU A 42 0.18 -6.42 2.51
CA LEU A 42 1.08 -5.79 1.54
C LEU A 42 1.25 -6.64 0.28
N LYS A 43 1.05 -6.01 -0.87
CA LYS A 43 1.17 -6.65 -2.17
C LYS A 43 2.13 -5.85 -3.03
N VAL A 44 3.30 -6.42 -3.27
CA VAL A 44 4.32 -5.77 -4.07
C VAL A 44 4.30 -6.28 -5.50
N ILE A 45 4.26 -5.34 -6.43
CA ILE A 45 4.18 -5.62 -7.85
C ILE A 45 5.49 -5.20 -8.53
N ASP A 46 6.22 -6.17 -9.09
CA ASP A 46 7.47 -5.85 -9.77
C ASP A 46 7.18 -5.49 -11.21
N VAL A 47 7.22 -4.19 -11.51
CA VAL A 47 6.92 -3.70 -12.85
C VAL A 47 7.94 -4.12 -13.92
N LEU A 48 9.22 -4.25 -13.55
CA LEU A 48 10.25 -4.63 -14.52
C LEU A 48 10.11 -6.09 -14.96
N LYS A 49 9.79 -6.98 -14.02
CA LYS A 49 9.63 -8.40 -14.35
C LYS A 49 8.38 -8.65 -15.17
N ASN A 50 7.31 -7.93 -14.88
CA ASN A 50 6.07 -8.09 -15.62
C ASN A 50 5.57 -6.73 -16.10
N PRO A 51 6.05 -6.31 -17.26
CA PRO A 51 5.68 -5.02 -17.86
C PRO A 51 4.18 -4.95 -18.18
N GLN A 52 3.59 -6.10 -18.44
CA GLN A 52 2.16 -6.18 -18.77
C GLN A 52 1.32 -5.71 -17.60
N LEU A 53 1.70 -6.11 -16.39
CA LEU A 53 0.95 -5.71 -15.21
C LEU A 53 1.15 -4.23 -14.95
N ALA A 54 2.37 -3.75 -15.20
CA ALA A 54 2.69 -2.34 -15.01
C ALA A 54 1.87 -1.49 -15.96
N GLU A 55 1.75 -1.96 -17.21
CA GLU A 55 0.98 -1.28 -18.23
C GLU A 55 -0.51 -1.31 -17.89
N GLU A 56 -0.97 -2.44 -17.35
CA GLU A 56 -2.37 -2.59 -16.98
C GLU A 56 -2.76 -1.57 -15.91
N ASP A 57 -1.86 -1.34 -14.95
CA ASP A 57 -2.13 -0.36 -13.90
C ASP A 57 -1.48 0.98 -14.21
N LYS A 58 -0.96 1.10 -15.45
CA LYS A 58 -0.32 2.33 -15.95
C LYS A 58 0.73 2.88 -14.99
N ILE A 59 1.66 2.03 -14.59
CA ILE A 59 2.73 2.45 -13.68
C ILE A 59 3.91 2.98 -14.47
N LEU A 60 4.09 4.30 -14.42
CA LEU A 60 5.19 4.95 -15.14
C LEU A 60 6.28 5.44 -14.19
N ALA A 61 6.03 5.33 -12.88
CA ALA A 61 7.01 5.78 -11.89
C ALA A 61 7.02 4.86 -10.67
N THR A 62 8.21 4.61 -10.15
CA THR A 62 8.39 3.76 -8.98
C THR A 62 9.34 4.43 -8.00
N PRO A 63 9.20 4.14 -6.69
CA PRO A 63 8.16 3.27 -6.16
C PRO A 63 6.78 3.92 -6.20
N THR A 64 5.75 3.10 -6.37
CA THR A 64 4.38 3.59 -6.40
C THR A 64 3.59 2.94 -5.26
N LEU A 65 3.08 3.76 -4.36
CA LEU A 65 2.31 3.26 -3.23
C LEU A 65 0.82 3.54 -3.46
N ALA A 66 0.02 2.49 -3.57
CA ALA A 66 -1.41 2.67 -3.80
C ALA A 66 -2.24 1.68 -3.00
N LYS A 67 -3.34 2.19 -2.46
CA LYS A 67 -4.27 1.37 -1.69
C LYS A 67 -5.38 0.94 -2.62
N VAL A 68 -5.37 -0.31 -3.04
CA VAL A 68 -6.40 -0.80 -3.94
C VAL A 68 -7.66 -1.17 -3.17
N LEU A 69 -7.48 -1.58 -1.93
CA LEU A 69 -8.63 -1.96 -1.09
C LEU A 69 -8.49 -1.38 0.31
N PRO A 70 -9.57 -0.81 0.86
CA PRO A 70 -10.87 -0.68 0.18
C PRO A 70 -10.90 0.46 -0.83
N PRO A 71 -11.73 0.35 -1.89
CA PRO A 71 -11.86 1.39 -2.91
C PRO A 71 -12.60 2.63 -2.38
N PRO A 72 -12.44 3.81 -3.01
CA PRO A 72 -11.60 4.02 -4.21
C PRO A 72 -10.10 3.83 -3.95
N VAL A 73 -9.36 3.56 -5.02
CA VAL A 73 -7.92 3.34 -4.92
C VAL A 73 -7.20 4.65 -4.59
N ARG A 74 -6.38 4.62 -3.56
CA ARG A 74 -5.63 5.80 -3.13
C ARG A 74 -4.16 5.66 -3.44
N ARG A 75 -3.64 6.57 -4.26
CA ARG A 75 -2.23 6.54 -4.62
C ARG A 75 -1.46 7.58 -3.82
N ILE A 76 -0.46 7.11 -3.10
CA ILE A 76 0.38 7.97 -2.29
C ILE A 76 1.74 8.14 -2.96
N ILE A 77 2.06 9.36 -3.38
CA ILE A 77 3.33 9.64 -4.05
C ILE A 77 4.16 10.63 -3.25
N GLY A 78 5.40 10.27 -2.96
CA GLY A 78 6.28 11.13 -2.21
C GLY A 78 7.53 10.40 -1.76
N ASP A 79 8.22 10.96 -0.77
CA ASP A 79 9.44 10.33 -0.25
C ASP A 79 9.05 9.24 0.74
N LEU A 80 9.05 8.00 0.29
CA LEU A 80 8.67 6.88 1.13
C LEU A 80 9.86 6.30 1.88
N SER A 81 11.05 6.82 1.63
CA SER A 81 12.25 6.35 2.32
C SER A 81 12.21 6.77 3.79
N ASN A 82 11.39 7.78 4.05
CA ASN A 82 11.21 8.30 5.40
C ASN A 82 10.13 7.49 6.11
N ARG A 83 10.52 6.81 7.19
CA ARG A 83 9.60 5.96 7.95
C ARG A 83 8.42 6.74 8.51
N GLU A 84 8.64 7.98 8.94
CA GLU A 84 7.56 8.80 9.47
C GLU A 84 6.46 9.04 8.45
N LYS A 85 6.80 9.36 7.20
CA LYS A 85 5.78 9.58 6.18
C LYS A 85 4.99 8.31 5.91
N VAL A 86 5.70 7.18 5.83
CA VAL A 86 5.05 5.90 5.61
C VAL A 86 4.11 5.55 6.77
N LEU A 87 4.59 5.71 8.00
CA LEU A 87 3.80 5.44 9.19
C LEU A 87 2.60 6.38 9.30
N ILE A 88 2.84 7.67 9.13
CA ILE A 88 1.79 8.67 9.22
C ILE A 88 0.71 8.48 8.14
N ALA A 89 1.14 8.27 6.90
CA ALA A 89 0.20 8.06 5.80
C ALA A 89 -0.64 6.81 6.01
N LEU A 90 0.00 5.74 6.48
CA LEU A 90 -0.71 4.49 6.77
C LEU A 90 -1.68 4.70 7.94
N ARG A 91 -1.25 5.51 8.91
CA ARG A 91 -2.06 5.82 10.09
C ARG A 91 -3.37 6.49 9.70
N LEU A 92 -3.28 7.48 8.81
CA LEU A 92 -4.46 8.21 8.35
C LEU A 92 -5.39 7.29 7.56
N LEU A 93 -4.80 6.42 6.73
CA LEU A 93 -5.58 5.48 5.94
C LEU A 93 -6.32 4.51 6.84
N ALA A 94 -5.63 4.04 7.89
CA ALA A 94 -6.20 3.10 8.85
C ALA A 94 -7.37 3.72 9.60
N GLU A 95 -7.25 5.00 9.94
CA GLU A 95 -8.31 5.71 10.64
C GLU A 95 -9.58 5.73 9.80
N GLU A 96 -9.42 5.88 8.49
CA GLU A 96 -10.53 5.89 7.55
C GLU A 96 -11.26 4.55 7.58
N ILE A 97 -10.48 3.48 7.65
CA ILE A 97 -11.03 2.12 7.69
C ILE A 97 -11.73 1.86 9.02
N GLY A 98 -11.09 2.27 10.11
CA GLY A 98 -11.66 2.09 11.43
C GLY A 98 -12.96 2.84 11.63
N ASP A 99 -13.05 4.01 11.01
CA ASP A 99 -14.26 4.86 11.10
C ASP A 99 -15.48 4.14 10.53
N TYR A 100 -15.28 3.41 9.43
CA TYR A 100 -16.37 2.69 8.79
C TYR A 100 -16.79 1.50 9.64
N LYS A 101 -18.08 1.45 9.95
CA LYS A 101 -18.62 0.36 10.76
C LYS A 101 -19.53 -0.52 9.92
N ASP A 102 -19.53 -1.82 10.22
CA ASP A 102 -20.36 -2.78 9.49
C ASP A 102 -21.84 -2.47 9.68
N ASP A 103 -22.22 -2.16 10.91
CA ASP A 103 -23.61 -1.83 11.23
C ASP A 103 -23.84 -0.33 11.08
N ASP A 104 -24.58 0.05 10.05
CA ASP A 104 -24.88 1.47 9.79
C ASP A 104 -25.72 2.08 10.90
N ASP A 105 -26.54 1.25 11.56
CA ASP A 105 -27.38 1.74 12.64
C ASP A 105 -26.63 1.70 13.97
N LYS A 106 -26.14 2.86 14.40
CA LYS A 106 -25.40 2.95 15.65
C LYS A 106 -25.93 4.10 16.51
N MET A 1 -18.83 -3.95 -7.13
CA MET A 1 -18.12 -5.18 -7.60
C MET A 1 -16.85 -5.40 -6.78
N ALA A 2 -16.58 -4.50 -5.85
CA ALA A 2 -15.40 -4.59 -5.01
C ALA A 2 -15.79 -4.97 -3.57
N PRO A 3 -15.45 -6.20 -3.14
CA PRO A 3 -15.76 -6.68 -1.79
C PRO A 3 -15.11 -5.83 -0.69
N LEU A 4 -15.81 -5.70 0.43
CA LEU A 4 -15.31 -4.91 1.55
C LEU A 4 -14.92 -5.80 2.71
N ARG A 5 -13.78 -5.51 3.32
CA ARG A 5 -13.28 -6.29 4.46
C ARG A 5 -12.57 -5.38 5.45
N LYS A 6 -12.36 -5.89 6.67
CA LYS A 6 -11.67 -5.14 7.72
C LYS A 6 -10.22 -4.88 7.34
N THR A 7 -9.61 -5.87 6.72
CA THR A 7 -8.21 -5.76 6.31
C THR A 7 -8.09 -5.06 4.96
N ALA A 8 -7.35 -3.97 4.95
CA ALA A 8 -7.13 -3.20 3.74
C ALA A 8 -5.97 -3.75 2.94
N VAL A 9 -6.00 -3.54 1.63
CA VAL A 9 -4.94 -4.02 0.76
C VAL A 9 -4.15 -2.85 0.21
N LEU A 10 -2.86 -2.85 0.48
CA LEU A 10 -1.97 -1.80 0.01
C LEU A 10 -1.03 -2.40 -1.02
N LYS A 11 -0.94 -1.81 -2.19
CA LYS A 11 -0.07 -2.34 -3.23
C LYS A 11 1.11 -1.41 -3.44
N LEU A 12 2.30 -1.98 -3.41
CA LEU A 12 3.52 -1.21 -3.61
C LEU A 12 4.11 -1.57 -4.96
N TYR A 13 4.32 -0.59 -5.82
CA TYR A 13 4.89 -0.85 -7.12
C TYR A 13 6.37 -0.50 -7.10
N VAL A 14 7.22 -1.49 -7.37
CA VAL A 14 8.66 -1.28 -7.34
C VAL A 14 9.31 -1.73 -8.64
N ALA A 15 10.52 -1.23 -8.89
CA ALA A 15 11.25 -1.57 -10.09
C ALA A 15 12.59 -2.22 -9.75
N GLY A 16 12.61 -3.55 -9.74
CA GLY A 16 13.83 -4.27 -9.44
C GLY A 16 14.24 -4.15 -7.99
N ASN A 17 15.53 -4.28 -7.74
CA ASN A 17 16.08 -4.20 -6.38
C ASN A 17 16.96 -2.97 -6.22
N THR A 18 16.53 -1.86 -6.82
CA THR A 18 17.27 -0.61 -6.74
C THR A 18 17.19 -0.06 -5.32
N PRO A 19 18.13 0.80 -4.91
CA PRO A 19 18.17 1.36 -3.56
C PRO A 19 16.86 2.04 -3.14
N ASN A 20 16.18 2.69 -4.07
CA ASN A 20 14.91 3.34 -3.76
C ASN A 20 13.83 2.29 -3.48
N SER A 21 13.76 1.28 -4.34
CA SER A 21 12.80 0.19 -4.19
C SER A 21 13.08 -0.62 -2.93
N VAL A 22 14.35 -0.93 -2.69
CA VAL A 22 14.73 -1.70 -1.50
C VAL A 22 14.45 -0.90 -0.23
N ARG A 23 14.85 0.37 -0.24
CA ARG A 23 14.64 1.25 0.91
C ARG A 23 13.17 1.40 1.20
N ALA A 24 12.39 1.65 0.14
CA ALA A 24 10.96 1.82 0.27
C ALA A 24 10.29 0.53 0.77
N LEU A 25 10.73 -0.59 0.23
CA LEU A 25 10.20 -1.91 0.59
C LEU A 25 10.45 -2.22 2.07
N LYS A 26 11.67 -2.00 2.55
CA LYS A 26 11.99 -2.26 3.94
C LYS A 26 11.17 -1.37 4.87
N THR A 27 11.02 -0.10 4.47
CA THR A 27 10.25 0.87 5.23
C THR A 27 8.77 0.51 5.29
N LEU A 28 8.21 0.13 4.14
CA LEU A 28 6.79 -0.22 4.06
C LEU A 28 6.47 -1.55 4.75
N ALA A 29 7.22 -2.59 4.42
CA ALA A 29 6.99 -3.92 4.97
C ALA A 29 7.13 -3.98 6.49
N ASN A 30 8.18 -3.38 7.03
CA ASN A 30 8.40 -3.42 8.48
C ASN A 30 7.29 -2.66 9.22
N ILE A 31 6.90 -1.51 8.71
CA ILE A 31 5.85 -0.73 9.33
C ILE A 31 4.52 -1.49 9.31
N LEU A 32 4.17 -2.06 8.17
CA LEU A 32 2.94 -2.81 8.05
C LEU A 32 2.98 -4.12 8.85
N GLU A 33 4.14 -4.77 8.90
CA GLU A 33 4.29 -6.03 9.64
C GLU A 33 4.23 -5.85 11.15
N LYS A 34 4.75 -4.75 11.67
CA LYS A 34 4.76 -4.54 13.12
C LYS A 34 3.75 -3.48 13.56
N GLU A 35 3.85 -2.29 12.98
CA GLU A 35 2.95 -1.18 13.33
C GLU A 35 1.50 -1.48 12.98
N PHE A 36 1.28 -2.10 11.82
CA PHE A 36 -0.08 -2.42 11.39
C PHE A 36 -0.32 -3.91 11.24
N LYS A 37 0.40 -4.71 12.03
CA LYS A 37 0.27 -6.17 12.01
C LYS A 37 -1.19 -6.62 12.13
N GLY A 38 -1.64 -7.39 11.15
CA GLY A 38 -2.99 -7.92 11.16
C GLY A 38 -4.05 -6.94 10.66
N VAL A 39 -3.65 -5.73 10.28
CA VAL A 39 -4.63 -4.75 9.80
C VAL A 39 -4.49 -4.52 8.29
N TYR A 40 -3.27 -4.41 7.79
CA TYR A 40 -3.08 -4.18 6.37
C TYR A 40 -2.37 -5.35 5.69
N ALA A 41 -2.76 -5.62 4.45
CA ALA A 41 -2.14 -6.66 3.66
C ALA A 41 -1.28 -5.99 2.59
N LEU A 42 0.01 -6.33 2.56
CA LEU A 42 0.93 -5.72 1.61
C LEU A 42 1.07 -6.55 0.34
N LYS A 43 0.86 -5.90 -0.80
CA LYS A 43 0.97 -6.53 -2.09
C LYS A 43 1.94 -5.75 -2.96
N VAL A 44 3.13 -6.30 -3.13
CA VAL A 44 4.18 -5.67 -3.92
C VAL A 44 4.13 -6.17 -5.35
N ILE A 45 4.09 -5.21 -6.28
CA ILE A 45 4.01 -5.48 -7.69
C ILE A 45 5.33 -5.12 -8.36
N ASP A 46 6.03 -6.11 -8.91
CA ASP A 46 7.28 -5.85 -9.60
C ASP A 46 7.00 -5.47 -11.04
N VAL A 47 7.09 -4.18 -11.34
CA VAL A 47 6.80 -3.69 -12.68
C VAL A 47 7.80 -4.16 -13.74
N LEU A 48 9.07 -4.35 -13.37
CA LEU A 48 10.08 -4.79 -14.34
C LEU A 48 9.88 -6.25 -14.77
N LYS A 49 9.53 -7.13 -13.84
CA LYS A 49 9.31 -8.54 -14.16
C LYS A 49 8.04 -8.73 -14.96
N ASN A 50 7.01 -7.96 -14.63
CA ASN A 50 5.74 -8.07 -15.34
C ASN A 50 5.31 -6.72 -15.88
N PRO A 51 5.85 -6.35 -17.04
CA PRO A 51 5.53 -5.07 -17.70
C PRO A 51 4.05 -4.94 -18.06
N GLN A 52 3.43 -6.07 -18.34
CA GLN A 52 2.02 -6.11 -18.69
C GLN A 52 1.17 -5.65 -17.54
N LEU A 53 1.52 -6.08 -16.34
CA LEU A 53 0.76 -5.70 -15.15
C LEU A 53 0.99 -4.22 -14.85
N ALA A 54 2.23 -3.77 -15.07
CA ALA A 54 2.57 -2.37 -14.85
C ALA A 54 1.78 -1.49 -15.79
N GLU A 55 1.67 -1.94 -17.04
CA GLU A 55 0.92 -1.24 -18.07
C GLU A 55 -0.57 -1.26 -17.75
N GLU A 56 -1.05 -2.38 -17.22
CA GLU A 56 -2.46 -2.51 -16.87
C GLU A 56 -2.85 -1.47 -15.82
N ASP A 57 -1.98 -1.23 -14.85
CA ASP A 57 -2.25 -0.23 -13.82
C ASP A 57 -1.57 1.10 -14.15
N LYS A 58 -1.03 1.18 -15.37
CA LYS A 58 -0.37 2.39 -15.88
C LYS A 58 0.68 2.94 -14.91
N ILE A 59 1.59 2.07 -14.49
CA ILE A 59 2.64 2.46 -13.56
C ILE A 59 3.86 2.99 -14.32
N LEU A 60 4.04 4.30 -14.28
CA LEU A 60 5.16 4.94 -14.96
C LEU A 60 6.24 5.40 -13.99
N ALA A 61 6.02 5.15 -12.70
CA ALA A 61 6.97 5.56 -11.68
C ALA A 61 7.03 4.54 -10.54
N THR A 62 8.20 4.43 -9.92
CA THR A 62 8.42 3.51 -8.82
C THR A 62 9.42 4.09 -7.83
N PRO A 63 9.23 3.84 -6.52
CA PRO A 63 8.08 3.08 -6.02
C PRO A 63 6.81 3.91 -5.94
N THR A 64 5.68 3.24 -6.07
CA THR A 64 4.38 3.90 -5.98
C THR A 64 3.52 3.19 -4.94
N LEU A 65 2.94 3.96 -4.03
CA LEU A 65 2.11 3.42 -2.97
C LEU A 65 0.64 3.67 -3.28
N ALA A 66 -0.14 2.61 -3.39
CA ALA A 66 -1.57 2.76 -3.67
C ALA A 66 -2.41 1.76 -2.88
N LYS A 67 -3.52 2.26 -2.36
CA LYS A 67 -4.45 1.44 -1.60
C LYS A 67 -5.60 1.07 -2.53
N VAL A 68 -5.61 -0.17 -2.98
CA VAL A 68 -6.65 -0.61 -3.88
C VAL A 68 -7.91 -1.00 -3.12
N LEU A 69 -7.73 -1.46 -1.88
CA LEU A 69 -8.87 -1.86 -1.04
C LEU A 69 -8.72 -1.29 0.36
N PRO A 70 -9.80 -0.75 0.97
CA PRO A 70 -11.12 -0.63 0.34
C PRO A 70 -11.18 0.51 -0.69
N PRO A 71 -12.11 0.43 -1.66
CA PRO A 71 -12.27 1.46 -2.69
C PRO A 71 -12.83 2.76 -2.11
N PRO A 72 -12.60 3.92 -2.77
CA PRO A 72 -11.84 4.02 -4.02
C PRO A 72 -10.33 3.84 -3.82
N VAL A 73 -9.62 3.61 -4.91
CA VAL A 73 -8.18 3.41 -4.87
C VAL A 73 -7.45 4.72 -4.55
N ARG A 74 -6.63 4.68 -3.50
CA ARG A 74 -5.87 5.85 -3.08
C ARG A 74 -4.40 5.70 -3.45
N ARG A 75 -3.93 6.59 -4.30
CA ARG A 75 -2.53 6.56 -4.71
C ARG A 75 -1.74 7.64 -4.00
N ILE A 76 -0.70 7.22 -3.31
CA ILE A 76 0.15 8.14 -2.57
C ILE A 76 1.52 8.26 -3.24
N ILE A 77 1.88 9.47 -3.64
CA ILE A 77 3.17 9.71 -4.29
C ILE A 77 4.03 10.65 -3.46
N GLY A 78 5.25 10.22 -3.15
CA GLY A 78 6.14 11.03 -2.36
C GLY A 78 7.39 10.27 -1.96
N ASP A 79 8.14 10.81 -1.01
CA ASP A 79 9.35 10.16 -0.53
C ASP A 79 9.00 9.11 0.50
N LEU A 80 9.01 7.84 0.08
CA LEU A 80 8.66 6.73 0.97
C LEU A 80 9.88 6.20 1.73
N SER A 81 11.06 6.72 1.44
CA SER A 81 12.27 6.28 2.11
C SER A 81 12.26 6.71 3.58
N ASN A 82 11.46 7.73 3.87
CA ASN A 82 11.31 8.23 5.24
C ASN A 82 10.22 7.43 5.94
N ARG A 83 10.60 6.78 7.04
CA ARG A 83 9.65 5.95 7.79
C ARG A 83 8.47 6.76 8.32
N GLU A 84 8.72 8.01 8.72
CA GLU A 84 7.64 8.86 9.23
C GLU A 84 6.56 9.10 8.18
N LYS A 85 6.92 9.38 6.94
CA LYS A 85 5.90 9.59 5.91
C LYS A 85 5.11 8.33 5.67
N VAL A 86 5.79 7.18 5.66
CA VAL A 86 5.12 5.90 5.48
C VAL A 86 4.17 5.63 6.63
N LEU A 87 4.62 5.91 7.86
CA LEU A 87 3.80 5.71 9.05
C LEU A 87 2.64 6.70 9.10
N ILE A 88 2.92 7.97 8.89
CA ILE A 88 1.90 9.00 8.92
C ILE A 88 0.81 8.76 7.88
N ALA A 89 1.22 8.46 6.65
CA ALA A 89 0.26 8.18 5.57
C ALA A 89 -0.55 6.92 5.87
N LEU A 90 0.12 5.90 6.42
CA LEU A 90 -0.55 4.63 6.76
C LEU A 90 -1.51 4.82 7.92
N ARG A 91 -1.11 5.61 8.93
CA ARG A 91 -1.97 5.87 10.08
C ARG A 91 -3.23 6.63 9.69
N LEU A 92 -3.08 7.62 8.81
CA LEU A 92 -4.23 8.40 8.34
C LEU A 92 -5.20 7.53 7.56
N LEU A 93 -4.67 6.62 6.75
CA LEU A 93 -5.50 5.71 5.98
C LEU A 93 -6.24 4.74 6.89
N ALA A 94 -5.53 4.27 7.92
CA ALA A 94 -6.10 3.34 8.89
C ALA A 94 -7.26 3.95 9.66
N GLU A 95 -7.13 5.23 9.99
CA GLU A 95 -8.19 5.94 10.71
C GLU A 95 -9.47 5.96 9.89
N GLU A 96 -9.30 6.11 8.57
CA GLU A 96 -10.43 6.13 7.65
C GLU A 96 -11.17 4.79 7.69
N ILE A 97 -10.39 3.71 7.75
CA ILE A 97 -10.93 2.35 7.80
C ILE A 97 -11.62 2.09 9.14
N GLY A 98 -10.98 2.54 10.22
CA GLY A 98 -11.53 2.35 11.55
C GLY A 98 -12.87 3.04 11.73
N ASP A 99 -13.02 4.20 11.08
CA ASP A 99 -14.26 4.97 11.14
C ASP A 99 -15.44 4.19 10.56
N TYR A 100 -15.19 3.48 9.46
CA TYR A 100 -16.23 2.71 8.80
C TYR A 100 -16.24 1.27 9.32
N LYS A 101 -17.28 0.92 10.06
CA LYS A 101 -17.41 -0.42 10.61
C LYS A 101 -18.55 -1.17 9.94
N ASP A 102 -18.29 -2.43 9.58
CA ASP A 102 -19.29 -3.26 8.93
C ASP A 102 -19.75 -4.38 9.86
N ASP A 103 -20.96 -4.25 10.39
CA ASP A 103 -21.51 -5.26 11.29
C ASP A 103 -23.04 -5.21 11.27
N ASP A 104 -23.68 -6.35 11.57
CA ASP A 104 -25.13 -6.44 11.59
C ASP A 104 -25.72 -5.64 12.76
N ASP A 105 -24.96 -5.54 13.84
CA ASP A 105 -25.41 -4.81 15.02
C ASP A 105 -24.95 -3.36 14.95
N LYS A 106 -25.91 -2.47 14.68
CA LYS A 106 -25.63 -1.03 14.59
C LYS A 106 -24.54 -0.73 13.55
N MET A 1 -12.49 -5.84 -7.01
CA MET A 1 -12.88 -4.47 -6.62
C MET A 1 -13.89 -4.50 -5.47
N ALA A 2 -14.05 -5.68 -4.87
CA ALA A 2 -14.97 -5.86 -3.76
C ALA A 2 -14.41 -5.26 -2.48
N PRO A 3 -15.15 -4.31 -1.86
CA PRO A 3 -14.73 -3.66 -0.61
C PRO A 3 -14.51 -4.63 0.53
N LEU A 4 -13.49 -4.37 1.34
CA LEU A 4 -13.16 -5.23 2.47
C LEU A 4 -13.34 -4.47 3.78
N ARG A 5 -13.67 -5.20 4.84
CA ARG A 5 -13.86 -4.58 6.14
C ARG A 5 -12.65 -4.84 7.04
N LYS A 6 -12.20 -3.78 7.73
CA LYS A 6 -11.05 -3.84 8.65
C LYS A 6 -9.74 -4.02 7.89
N THR A 7 -9.57 -5.17 7.28
CA THR A 7 -8.36 -5.46 6.53
C THR A 7 -8.36 -4.76 5.17
N ALA A 8 -7.30 -4.02 4.92
CA ALA A 8 -7.14 -3.30 3.67
C ALA A 8 -5.94 -3.82 2.90
N VAL A 9 -5.97 -3.66 1.58
CA VAL A 9 -4.89 -4.13 0.73
C VAL A 9 -4.10 -2.94 0.19
N LEU A 10 -2.81 -2.95 0.45
CA LEU A 10 -1.92 -1.90 -0.01
C LEU A 10 -0.97 -2.50 -1.03
N LYS A 11 -0.84 -1.88 -2.19
CA LYS A 11 0.05 -2.41 -3.22
C LYS A 11 1.20 -1.46 -3.48
N LEU A 12 2.40 -2.02 -3.49
CA LEU A 12 3.59 -1.24 -3.73
C LEU A 12 4.15 -1.58 -5.11
N TYR A 13 4.34 -0.59 -5.96
CA TYR A 13 4.88 -0.83 -7.29
C TYR A 13 6.36 -0.48 -7.27
N VAL A 14 7.20 -1.47 -7.51
CA VAL A 14 8.65 -1.26 -7.47
C VAL A 14 9.31 -1.70 -8.76
N ALA A 15 10.52 -1.19 -8.99
CA ALA A 15 11.27 -1.54 -10.18
C ALA A 15 12.60 -2.18 -9.81
N GLY A 16 12.64 -3.51 -9.86
CA GLY A 16 13.85 -4.24 -9.54
C GLY A 16 14.26 -4.11 -8.09
N ASN A 17 15.56 -4.17 -7.84
CA ASN A 17 16.09 -4.07 -6.49
C ASN A 17 16.93 -2.80 -6.32
N THR A 18 16.41 -1.70 -6.84
CA THR A 18 17.08 -0.42 -6.73
C THR A 18 17.03 0.05 -5.28
N PRO A 19 17.94 0.94 -4.88
CA PRO A 19 17.98 1.45 -3.51
C PRO A 19 16.66 2.11 -3.10
N ASN A 20 15.99 2.75 -4.06
CA ASN A 20 14.70 3.37 -3.77
C ASN A 20 13.66 2.29 -3.51
N SER A 21 13.68 1.26 -4.34
CA SER A 21 12.78 0.11 -4.24
C SER A 21 13.02 -0.65 -2.94
N VAL A 22 14.29 -0.94 -2.66
CA VAL A 22 14.65 -1.67 -1.46
C VAL A 22 14.32 -0.86 -0.20
N ARG A 23 14.64 0.42 -0.23
CA ARG A 23 14.39 1.31 0.89
C ARG A 23 12.90 1.41 1.18
N ALA A 24 12.13 1.66 0.13
CA ALA A 24 10.69 1.78 0.25
C ALA A 24 10.05 0.48 0.73
N LEU A 25 10.52 -0.63 0.18
CA LEU A 25 10.01 -1.97 0.53
C LEU A 25 10.25 -2.27 2.02
N LYS A 26 11.48 -2.03 2.50
CA LYS A 26 11.79 -2.28 3.90
C LYS A 26 10.97 -1.38 4.82
N THR A 27 10.82 -0.13 4.42
CA THR A 27 10.06 0.86 5.19
C THR A 27 8.58 0.48 5.28
N LEU A 28 7.99 0.10 4.15
CA LEU A 28 6.57 -0.26 4.10
C LEU A 28 6.29 -1.58 4.81
N ALA A 29 7.08 -2.61 4.49
CA ALA A 29 6.87 -3.93 5.06
C ALA A 29 7.02 -3.97 6.58
N ASN A 30 8.05 -3.34 7.12
CA ASN A 30 8.27 -3.35 8.57
C ASN A 30 7.15 -2.63 9.31
N ILE A 31 6.69 -1.51 8.77
CA ILE A 31 5.61 -0.76 9.38
C ILE A 31 4.32 -1.58 9.38
N LEU A 32 4.02 -2.19 8.25
CA LEU A 32 2.83 -3.01 8.10
C LEU A 32 2.90 -4.34 8.87
N GLU A 33 4.10 -4.88 9.06
CA GLU A 33 4.27 -6.16 9.78
C GLU A 33 4.47 -5.95 11.28
N LYS A 34 4.52 -4.70 11.73
CA LYS A 34 4.71 -4.42 13.14
C LYS A 34 3.70 -3.42 13.66
N GLU A 35 3.73 -2.21 13.11
CA GLU A 35 2.84 -1.14 13.52
C GLU A 35 1.37 -1.44 13.22
N PHE A 36 1.11 -2.00 12.04
CA PHE A 36 -0.26 -2.32 11.64
C PHE A 36 -0.44 -3.79 11.27
N LYS A 37 0.35 -4.67 11.89
CA LYS A 37 0.27 -6.09 11.61
C LYS A 37 -1.12 -6.65 11.91
N GLY A 38 -1.67 -7.36 10.93
CA GLY A 38 -2.99 -7.95 11.09
C GLY A 38 -4.09 -7.03 10.60
N VAL A 39 -3.74 -5.79 10.28
CA VAL A 39 -4.74 -4.84 9.80
C VAL A 39 -4.61 -4.62 8.29
N TYR A 40 -3.37 -4.53 7.80
CA TYR A 40 -3.18 -4.32 6.37
C TYR A 40 -2.45 -5.48 5.71
N ALA A 41 -2.83 -5.76 4.47
CA ALA A 41 -2.18 -6.79 3.68
C ALA A 41 -1.30 -6.11 2.64
N LEU A 42 -0.01 -6.43 2.64
CA LEU A 42 0.91 -5.80 1.70
C LEU A 42 1.13 -6.62 0.44
N LYS A 43 0.94 -5.96 -0.70
CA LYS A 43 1.12 -6.58 -1.99
C LYS A 43 2.15 -5.77 -2.78
N VAL A 44 3.06 -6.46 -3.45
CA VAL A 44 4.10 -5.81 -4.23
C VAL A 44 4.00 -6.23 -5.68
N ILE A 45 4.03 -5.22 -6.55
CA ILE A 45 3.93 -5.44 -7.97
C ILE A 45 5.25 -5.06 -8.63
N ASP A 46 6.04 -6.05 -9.00
CA ASP A 46 7.31 -5.80 -9.67
C ASP A 46 7.03 -5.44 -11.12
N VAL A 47 7.15 -4.16 -11.44
CA VAL A 47 6.87 -3.68 -12.79
C VAL A 47 7.88 -4.16 -13.84
N LEU A 48 9.14 -4.34 -13.45
CA LEU A 48 10.16 -4.79 -14.41
C LEU A 48 9.97 -6.25 -14.83
N LYS A 49 9.59 -7.12 -13.90
CA LYS A 49 9.37 -8.53 -14.22
C LYS A 49 8.12 -8.73 -15.06
N ASN A 50 7.08 -7.96 -14.77
CA ASN A 50 5.84 -8.07 -15.53
C ASN A 50 5.38 -6.70 -16.00
N PRO A 51 5.90 -6.27 -17.15
CA PRO A 51 5.56 -4.98 -17.73
C PRO A 51 4.08 -4.85 -18.08
N GLN A 52 3.45 -5.99 -18.37
CA GLN A 52 2.03 -6.04 -18.72
C GLN A 52 1.19 -5.54 -17.57
N LEU A 53 1.52 -5.97 -16.35
CA LEU A 53 0.77 -5.57 -15.18
C LEU A 53 0.99 -4.11 -14.88
N ALA A 54 2.22 -3.64 -15.12
CA ALA A 54 2.56 -2.25 -14.90
C ALA A 54 1.77 -1.38 -15.86
N GLU A 55 1.67 -1.84 -17.11
CA GLU A 55 0.91 -1.13 -18.14
C GLU A 55 -0.58 -1.16 -17.82
N GLU A 56 -1.05 -2.29 -17.29
CA GLU A 56 -2.46 -2.45 -16.95
C GLU A 56 -2.88 -1.41 -15.91
N ASP A 57 -2.01 -1.16 -14.93
CA ASP A 57 -2.29 -0.16 -13.91
C ASP A 57 -1.63 1.18 -14.24
N LYS A 58 -1.08 1.27 -15.46
CA LYS A 58 -0.42 2.49 -15.95
C LYS A 58 0.62 3.04 -14.98
N ILE A 59 1.54 2.17 -14.55
CA ILE A 59 2.58 2.56 -13.61
C ILE A 59 3.78 3.15 -14.36
N LEU A 60 3.94 4.46 -14.27
CA LEU A 60 5.05 5.15 -14.93
C LEU A 60 6.09 5.62 -13.92
N ALA A 61 5.87 5.31 -12.64
CA ALA A 61 6.80 5.72 -11.60
C ALA A 61 6.98 4.63 -10.55
N THR A 62 8.18 4.55 -9.98
CA THR A 62 8.49 3.56 -8.96
C THR A 62 9.50 4.12 -7.97
N PRO A 63 9.33 3.84 -6.67
CA PRO A 63 8.20 3.07 -6.17
C PRO A 63 6.92 3.91 -6.04
N THR A 64 5.78 3.23 -6.16
CA THR A 64 4.49 3.89 -6.03
C THR A 64 3.65 3.14 -4.99
N LEU A 65 3.09 3.88 -4.05
CA LEU A 65 2.27 3.31 -2.99
C LEU A 65 0.80 3.58 -3.27
N ALA A 66 0.01 2.53 -3.46
CA ALA A 66 -1.41 2.71 -3.73
C ALA A 66 -2.25 1.69 -2.97
N LYS A 67 -3.34 2.19 -2.38
CA LYS A 67 -4.25 1.35 -1.63
C LYS A 67 -5.39 0.98 -2.56
N VAL A 68 -5.39 -0.24 -3.04
CA VAL A 68 -6.43 -0.68 -3.96
C VAL A 68 -7.70 -1.07 -3.23
N LEU A 69 -7.56 -1.52 -1.99
CA LEU A 69 -8.74 -1.92 -1.21
C LEU A 69 -8.67 -1.41 0.22
N PRO A 70 -9.79 -0.91 0.77
CA PRO A 70 -11.08 -0.79 0.07
C PRO A 70 -11.06 0.32 -0.99
N PRO A 71 -11.89 0.20 -2.05
CA PRO A 71 -11.98 1.21 -3.11
C PRO A 71 -12.64 2.50 -2.62
N PRO A 72 -12.40 3.65 -3.28
CA PRO A 72 -11.53 3.76 -4.46
C PRO A 72 -10.04 3.63 -4.13
N VAL A 73 -9.23 3.44 -5.17
CA VAL A 73 -7.79 3.28 -5.01
C VAL A 73 -7.13 4.61 -4.59
N ARG A 74 -6.38 4.56 -3.50
CA ARG A 74 -5.69 5.74 -2.98
C ARG A 74 -4.21 5.65 -3.35
N ARG A 75 -3.75 6.56 -4.20
CA ARG A 75 -2.37 6.56 -4.61
C ARG A 75 -1.58 7.61 -3.85
N ILE A 76 -0.53 7.16 -3.17
CA ILE A 76 0.32 8.04 -2.40
C ILE A 76 1.66 8.26 -3.10
N ILE A 77 1.95 9.50 -3.45
CA ILE A 77 3.19 9.83 -4.15
C ILE A 77 4.06 10.75 -3.29
N GLY A 78 5.30 10.34 -3.07
CA GLY A 78 6.22 11.14 -2.27
C GLY A 78 7.46 10.35 -1.89
N ASP A 79 8.23 10.88 -0.96
CA ASP A 79 9.44 10.20 -0.50
C ASP A 79 9.08 9.15 0.54
N LEU A 80 9.06 7.89 0.12
CA LEU A 80 8.70 6.79 1.01
C LEU A 80 9.91 6.24 1.76
N SER A 81 11.09 6.78 1.48
CA SER A 81 12.31 6.33 2.16
C SER A 81 12.27 6.74 3.63
N ASN A 82 11.46 7.75 3.92
CA ASN A 82 11.29 8.24 5.28
C ASN A 82 10.20 7.44 5.98
N ARG A 83 10.56 6.75 7.05
CA ARG A 83 9.62 5.92 7.79
C ARG A 83 8.44 6.74 8.33
N GLU A 84 8.70 7.97 8.75
CA GLU A 84 7.63 8.82 9.27
C GLU A 84 6.53 9.08 8.23
N LYS A 85 6.90 9.38 6.99
CA LYS A 85 5.87 9.62 5.97
C LYS A 85 5.07 8.35 5.72
N VAL A 86 5.75 7.22 5.67
CA VAL A 86 5.07 5.94 5.46
C VAL A 86 4.15 5.64 6.64
N LEU A 87 4.63 5.89 7.86
CA LEU A 87 3.85 5.66 9.08
C LEU A 87 2.68 6.63 9.19
N ILE A 88 2.94 7.91 8.95
CA ILE A 88 1.90 8.93 9.03
C ILE A 88 0.80 8.66 7.99
N ALA A 89 1.21 8.38 6.76
CA ALA A 89 0.25 8.07 5.70
C ALA A 89 -0.52 6.79 6.01
N LEU A 90 0.18 5.80 6.56
CA LEU A 90 -0.42 4.52 6.92
C LEU A 90 -1.41 4.71 8.07
N ARG A 91 -1.03 5.53 9.05
CA ARG A 91 -1.88 5.81 10.21
C ARG A 91 -3.17 6.52 9.80
N LEU A 92 -3.04 7.53 8.94
CA LEU A 92 -4.20 8.29 8.46
C LEU A 92 -5.17 7.41 7.66
N LEU A 93 -4.61 6.52 6.84
CA LEU A 93 -5.45 5.61 6.04
C LEU A 93 -6.22 4.66 6.95
N ALA A 94 -5.55 4.16 7.98
CA ALA A 94 -6.15 3.22 8.92
C ALA A 94 -7.31 3.85 9.68
N GLU A 95 -7.17 5.12 10.05
CA GLU A 95 -8.22 5.82 10.78
C GLU A 95 -9.49 5.88 9.93
N GLU A 96 -9.30 6.09 8.63
CA GLU A 96 -10.42 6.15 7.70
C GLU A 96 -11.16 4.81 7.65
N ILE A 97 -10.39 3.73 7.67
CA ILE A 97 -10.95 2.38 7.62
C ILE A 97 -11.64 2.02 8.94
N GLY A 98 -10.98 2.36 10.05
CA GLY A 98 -11.53 2.08 11.37
C GLY A 98 -12.84 2.81 11.63
N ASP A 99 -12.94 4.04 11.10
CA ASP A 99 -14.13 4.86 11.26
C ASP A 99 -15.36 4.19 10.64
N TYR A 100 -15.17 3.58 9.47
CA TYR A 100 -16.26 2.92 8.77
C TYR A 100 -16.47 1.51 9.32
N LYS A 101 -17.59 1.30 9.99
CA LYS A 101 -17.92 0.02 10.56
C LYS A 101 -19.11 -0.61 9.84
N ASP A 102 -19.11 -1.94 9.72
CA ASP A 102 -20.19 -2.64 9.05
C ASP A 102 -21.30 -2.98 10.04
N ASP A 103 -22.35 -2.17 10.04
CA ASP A 103 -23.48 -2.38 10.93
C ASP A 103 -24.79 -2.47 10.13
N ASP A 104 -25.39 -3.66 10.11
CA ASP A 104 -26.64 -3.87 9.38
C ASP A 104 -27.79 -3.07 9.99
N ASP A 105 -27.71 -2.82 11.30
CA ASP A 105 -28.74 -2.06 11.99
C ASP A 105 -28.44 -0.57 11.95
N LYS A 106 -29.19 0.15 11.12
CA LYS A 106 -29.02 1.60 10.97
C LYS A 106 -27.60 1.97 10.53
N MET A 1 -19.87 -0.14 -5.33
CA MET A 1 -20.70 -1.30 -4.94
C MET A 1 -19.85 -2.42 -4.36
N ALA A 2 -18.53 -2.22 -4.40
CA ALA A 2 -17.58 -3.19 -3.87
C ALA A 2 -17.60 -3.21 -2.34
N PRO A 3 -17.75 -4.41 -1.74
CA PRO A 3 -17.77 -4.57 -0.27
C PRO A 3 -16.50 -4.07 0.40
N LEU A 4 -16.67 -3.49 1.58
CA LEU A 4 -15.54 -2.95 2.34
C LEU A 4 -15.25 -3.83 3.55
N ARG A 5 -13.98 -4.06 3.83
CA ARG A 5 -13.57 -4.89 4.96
C ARG A 5 -12.56 -4.15 5.85
N LYS A 6 -12.42 -4.63 7.09
CA LYS A 6 -11.49 -4.03 8.05
C LYS A 6 -10.06 -4.14 7.56
N THR A 7 -9.73 -5.27 6.96
CA THR A 7 -8.38 -5.47 6.44
C THR A 7 -8.24 -4.79 5.08
N ALA A 8 -7.35 -3.83 5.02
CA ALA A 8 -7.11 -3.08 3.80
C ALA A 8 -5.91 -3.63 3.05
N VAL A 9 -5.90 -3.45 1.74
CA VAL A 9 -4.81 -3.94 0.91
C VAL A 9 -4.02 -2.78 0.32
N LEU A 10 -2.72 -2.79 0.56
CA LEU A 10 -1.83 -1.75 0.07
C LEU A 10 -0.90 -2.39 -0.94
N LYS A 11 -0.79 -1.82 -2.14
CA LYS A 11 0.08 -2.38 -3.16
C LYS A 11 1.24 -1.45 -3.42
N LEU A 12 2.44 -2.00 -3.37
CA LEU A 12 3.65 -1.24 -3.62
C LEU A 12 4.19 -1.62 -4.99
N TYR A 13 4.36 -0.65 -5.87
CA TYR A 13 4.88 -0.92 -7.19
C TYR A 13 6.35 -0.54 -7.21
N VAL A 14 7.21 -1.52 -7.47
CA VAL A 14 8.65 -1.27 -7.48
C VAL A 14 9.28 -1.71 -8.80
N ALA A 15 10.46 -1.19 -9.07
CA ALA A 15 11.17 -1.53 -10.30
C ALA A 15 12.50 -2.20 -9.97
N GLY A 16 12.51 -3.52 -10.04
CA GLY A 16 13.72 -4.27 -9.75
C GLY A 16 14.12 -4.21 -8.30
N ASN A 17 15.41 -4.35 -8.03
CA ASN A 17 15.93 -4.31 -6.67
C ASN A 17 16.83 -3.09 -6.48
N THR A 18 16.39 -1.96 -7.00
CA THR A 18 17.15 -0.72 -6.87
C THR A 18 17.10 -0.23 -5.43
N PRO A 19 18.07 0.62 -5.02
CA PRO A 19 18.11 1.14 -3.66
C PRO A 19 16.80 1.81 -3.24
N ASN A 20 16.16 2.51 -4.17
CA ASN A 20 14.88 3.17 -3.87
C ASN A 20 13.80 2.14 -3.57
N SER A 21 13.74 1.10 -4.41
CA SER A 21 12.77 0.01 -4.23
C SER A 21 13.07 -0.79 -2.97
N VAL A 22 14.34 -1.10 -2.74
CA VAL A 22 14.73 -1.85 -1.55
C VAL A 22 14.46 -1.05 -0.28
N ARG A 23 14.85 0.22 -0.31
CA ARG A 23 14.66 1.12 0.82
C ARG A 23 13.19 1.29 1.13
N ALA A 24 12.41 1.54 0.08
CA ALA A 24 10.98 1.74 0.23
C ALA A 24 10.30 0.46 0.75
N LEU A 25 10.72 -0.67 0.19
CA LEU A 25 10.18 -1.97 0.58
C LEU A 25 10.44 -2.28 2.06
N LYS A 26 11.67 -2.05 2.50
CA LYS A 26 12.04 -2.29 3.88
C LYS A 26 11.25 -1.39 4.82
N THR A 27 11.10 -0.13 4.43
CA THR A 27 10.37 0.86 5.20
C THR A 27 8.88 0.49 5.33
N LEU A 28 8.29 0.09 4.21
CA LEU A 28 6.87 -0.27 4.19
C LEU A 28 6.59 -1.59 4.90
N ALA A 29 7.33 -2.64 4.55
CA ALA A 29 7.13 -3.97 5.12
C ALA A 29 7.31 -4.02 6.63
N ASN A 30 8.37 -3.38 7.13
CA ASN A 30 8.61 -3.40 8.58
C ASN A 30 7.51 -2.67 9.33
N ILE A 31 7.09 -1.53 8.82
CA ILE A 31 6.02 -0.77 9.44
C ILE A 31 4.71 -1.56 9.43
N LEU A 32 4.39 -2.15 8.29
CA LEU A 32 3.17 -2.95 8.15
C LEU A 32 3.25 -4.26 8.94
N GLU A 33 4.42 -4.88 9.00
CA GLU A 33 4.59 -6.15 9.72
C GLU A 33 4.58 -5.99 11.24
N LYS A 34 4.80 -4.77 11.74
CA LYS A 34 4.80 -4.54 13.18
C LYS A 34 3.74 -3.52 13.60
N GLU A 35 3.87 -2.30 13.09
CA GLU A 35 2.95 -1.21 13.41
C GLU A 35 1.53 -1.48 12.92
N PHE A 36 1.41 -2.07 11.73
CA PHE A 36 0.10 -2.36 11.15
C PHE A 36 -0.17 -3.85 11.03
N LYS A 37 0.52 -4.65 11.83
CA LYS A 37 0.36 -6.11 11.78
C LYS A 37 -1.08 -6.53 12.12
N GLY A 38 -1.67 -7.32 11.23
CA GLY A 38 -3.02 -7.82 11.45
C GLY A 38 -4.11 -6.92 10.90
N VAL A 39 -3.75 -5.71 10.46
CA VAL A 39 -4.74 -4.79 9.93
C VAL A 39 -4.58 -4.55 8.43
N TYR A 40 -3.34 -4.33 7.98
CA TYR A 40 -3.13 -4.07 6.56
C TYR A 40 -2.40 -5.22 5.87
N ALA A 41 -2.80 -5.52 4.65
CA ALA A 41 -2.17 -6.56 3.86
C ALA A 41 -1.27 -5.92 2.81
N LEU A 42 0.00 -6.30 2.77
CA LEU A 42 0.94 -5.70 1.82
C LEU A 42 1.12 -6.56 0.57
N LYS A 43 0.99 -5.91 -0.58
CA LYS A 43 1.15 -6.54 -1.87
C LYS A 43 2.17 -5.73 -2.66
N VAL A 44 3.11 -6.42 -3.27
CA VAL A 44 4.16 -5.76 -4.04
C VAL A 44 4.14 -6.25 -5.49
N ILE A 45 4.14 -5.28 -6.40
CA ILE A 45 4.07 -5.54 -7.82
C ILE A 45 5.39 -5.14 -8.49
N ASP A 46 6.11 -6.11 -9.04
CA ASP A 46 7.37 -5.83 -9.72
C ASP A 46 7.09 -5.45 -11.16
N VAL A 47 7.13 -4.16 -11.46
CA VAL A 47 6.83 -3.65 -12.80
C VAL A 47 7.86 -4.09 -13.85
N LEU A 48 9.14 -4.21 -13.48
CA LEU A 48 10.17 -4.62 -14.44
C LEU A 48 10.04 -6.11 -14.80
N LYS A 49 9.65 -6.92 -13.82
CA LYS A 49 9.49 -8.35 -14.04
C LYS A 49 8.28 -8.63 -14.93
N ASN A 50 7.20 -7.89 -14.69
CA ASN A 50 5.98 -8.06 -15.48
C ASN A 50 5.51 -6.72 -15.99
N PRO A 51 6.04 -6.30 -17.15
CA PRO A 51 5.68 -5.01 -17.76
C PRO A 51 4.19 -4.93 -18.11
N GLN A 52 3.59 -6.08 -18.40
CA GLN A 52 2.18 -6.15 -18.77
C GLN A 52 1.31 -5.67 -17.62
N LEU A 53 1.65 -6.08 -16.40
CA LEU A 53 0.88 -5.68 -15.24
C LEU A 53 1.09 -4.20 -14.97
N ALA A 54 2.31 -3.73 -15.19
CA ALA A 54 2.64 -2.32 -14.99
C ALA A 54 1.86 -1.46 -15.96
N GLU A 55 1.77 -1.92 -17.21
CA GLU A 55 1.04 -1.22 -18.25
C GLU A 55 -0.46 -1.25 -17.96
N GLU A 56 -0.94 -2.37 -17.43
CA GLU A 56 -2.36 -2.53 -17.10
C GLU A 56 -2.78 -1.49 -16.06
N ASP A 57 -1.93 -1.24 -15.07
CA ASP A 57 -2.26 -0.25 -14.05
C ASP A 57 -1.55 1.08 -14.33
N LYS A 58 -1.04 1.21 -15.56
CA LYS A 58 -0.36 2.42 -16.04
C LYS A 58 0.68 2.95 -15.05
N ILE A 59 1.61 2.10 -14.64
CA ILE A 59 2.65 2.50 -13.71
C ILE A 59 3.85 3.07 -14.45
N LEU A 60 4.05 4.38 -14.36
CA LEU A 60 5.16 5.04 -15.04
C LEU A 60 6.25 5.49 -14.07
N ALA A 61 5.99 5.39 -12.77
CA ALA A 61 6.95 5.80 -11.76
C ALA A 61 6.97 4.84 -10.58
N THR A 62 8.17 4.55 -10.09
CA THR A 62 8.35 3.64 -8.96
C THR A 62 9.35 4.22 -7.96
N PRO A 63 9.18 3.92 -6.66
CA PRO A 63 8.06 3.09 -6.18
C PRO A 63 6.73 3.85 -6.17
N THR A 64 5.65 3.12 -6.33
CA THR A 64 4.30 3.69 -6.32
C THR A 64 3.53 3.13 -5.14
N LEU A 65 3.02 4.02 -4.30
CA LEU A 65 2.26 3.60 -3.12
C LEU A 65 0.77 3.81 -3.39
N ALA A 66 0.01 2.72 -3.43
CA ALA A 66 -1.43 2.84 -3.70
C ALA A 66 -2.24 1.85 -2.88
N LYS A 67 -3.36 2.33 -2.37
CA LYS A 67 -4.28 1.53 -1.60
C LYS A 67 -5.43 1.12 -2.51
N VAL A 68 -5.41 -0.14 -2.94
CA VAL A 68 -6.44 -0.63 -3.84
C VAL A 68 -7.71 -1.00 -3.07
N LEU A 69 -7.54 -1.40 -1.82
CA LEU A 69 -8.68 -1.78 -1.00
C LEU A 69 -8.55 -1.21 0.41
N PRO A 70 -9.66 -0.77 1.02
CA PRO A 70 -10.99 -0.77 0.38
C PRO A 70 -11.16 0.39 -0.61
N PRO A 71 -12.08 0.25 -1.59
CA PRO A 71 -12.35 1.31 -2.58
C PRO A 71 -12.84 2.60 -1.94
N PRO A 72 -12.57 3.78 -2.55
CA PRO A 72 -11.82 3.89 -3.82
C PRO A 72 -10.31 3.73 -3.65
N VAL A 73 -9.61 3.57 -4.78
CA VAL A 73 -8.17 3.40 -4.78
C VAL A 73 -7.47 4.73 -4.45
N ARG A 74 -6.58 4.69 -3.45
CA ARG A 74 -5.85 5.88 -3.04
C ARG A 74 -4.37 5.76 -3.39
N ARG A 75 -3.88 6.67 -4.22
CA ARG A 75 -2.49 6.67 -4.60
C ARG A 75 -1.72 7.74 -3.85
N ILE A 76 -0.71 7.31 -3.13
CA ILE A 76 0.13 8.21 -2.35
C ILE A 76 1.49 8.36 -3.04
N ILE A 77 1.81 9.57 -3.46
CA ILE A 77 3.08 9.83 -4.15
C ILE A 77 3.98 10.75 -3.32
N GLY A 78 5.19 10.29 -3.06
CA GLY A 78 6.14 11.08 -2.29
C GLY A 78 7.36 10.27 -1.93
N ASP A 79 8.21 10.83 -1.06
CA ASP A 79 9.42 10.12 -0.64
C ASP A 79 9.08 9.10 0.44
N LEU A 80 9.11 7.83 0.07
CA LEU A 80 8.79 6.76 1.00
C LEU A 80 10.00 6.25 1.76
N SER A 81 11.17 6.84 1.47
CA SER A 81 12.40 6.45 2.14
C SER A 81 12.38 6.85 3.62
N ASN A 82 11.49 7.77 3.95
CA ASN A 82 11.32 8.23 5.32
C ASN A 82 10.24 7.41 6.01
N ARG A 83 10.62 6.73 7.09
CA ARG A 83 9.68 5.88 7.83
C ARG A 83 8.50 6.67 8.36
N GLU A 84 8.73 7.92 8.79
CA GLU A 84 7.66 8.76 9.30
C GLU A 84 6.58 9.01 8.26
N LYS A 85 6.94 9.31 7.01
CA LYS A 85 5.92 9.53 5.98
C LYS A 85 5.13 8.26 5.72
N VAL A 86 5.83 7.13 5.69
CA VAL A 86 5.18 5.84 5.50
C VAL A 86 4.22 5.54 6.65
N LEU A 87 4.69 5.79 7.88
CA LEU A 87 3.89 5.55 9.09
C LEU A 87 2.71 6.52 9.18
N ILE A 88 2.98 7.81 9.00
CA ILE A 88 1.94 8.83 9.10
C ILE A 88 0.83 8.60 8.06
N ALA A 89 1.22 8.31 6.83
CA ALA A 89 0.25 8.05 5.77
C ALA A 89 -0.58 6.80 6.08
N LEU A 90 0.08 5.76 6.58
CA LEU A 90 -0.61 4.52 6.93
C LEU A 90 -1.58 4.71 8.10
N ARG A 91 -1.17 5.51 9.09
CA ARG A 91 -2.01 5.78 10.26
C ARG A 91 -3.27 6.56 9.88
N LEU A 92 -3.12 7.55 8.99
CA LEU A 92 -4.26 8.34 8.54
C LEU A 92 -5.25 7.49 7.76
N LEU A 93 -4.72 6.56 6.96
CA LEU A 93 -5.56 5.65 6.18
C LEU A 93 -6.39 4.76 7.11
N ALA A 94 -5.77 4.34 8.21
CA ALA A 94 -6.42 3.47 9.19
C ALA A 94 -7.62 4.14 9.83
N GLU A 95 -7.51 5.43 10.11
CA GLU A 95 -8.61 6.16 10.72
C GLU A 95 -9.83 6.15 9.80
N GLU A 96 -9.58 6.27 8.50
CA GLU A 96 -10.64 6.24 7.50
C GLU A 96 -11.32 4.87 7.49
N ILE A 97 -10.50 3.82 7.61
CA ILE A 97 -10.99 2.44 7.61
C ILE A 97 -11.77 2.14 8.89
N GLY A 98 -11.23 2.61 10.02
CA GLY A 98 -11.85 2.41 11.30
C GLY A 98 -13.23 3.03 11.41
N ASP A 99 -13.42 4.16 10.72
CA ASP A 99 -14.68 4.88 10.72
C ASP A 99 -15.84 4.01 10.20
N TYR A 100 -15.56 3.20 9.17
CA TYR A 100 -16.56 2.33 8.60
C TYR A 100 -16.89 1.19 9.57
N LYS A 101 -18.16 1.10 9.92
CA LYS A 101 -18.62 0.06 10.85
C LYS A 101 -19.49 -0.95 10.13
N ASP A 102 -19.31 -2.22 10.46
CA ASP A 102 -20.09 -3.29 9.84
C ASP A 102 -21.18 -3.78 10.80
N ASP A 103 -20.79 -4.11 12.02
CA ASP A 103 -21.73 -4.59 13.02
C ASP A 103 -22.22 -3.44 13.90
N ASP A 104 -23.48 -3.03 13.70
CA ASP A 104 -24.06 -1.93 14.47
C ASP A 104 -24.23 -2.32 15.94
N ASP A 105 -24.41 -3.62 16.20
CA ASP A 105 -24.59 -4.16 17.55
C ASP A 105 -25.87 -3.62 18.21
N LYS A 106 -26.02 -3.86 19.50
CA LYS A 106 -27.20 -3.41 20.22
C LYS A 106 -26.78 -2.47 21.36
N MET A 1 -19.69 -3.06 -3.27
CA MET A 1 -18.27 -2.64 -3.47
C MET A 1 -17.55 -2.56 -2.13
N ALA A 2 -18.32 -2.57 -1.04
CA ALA A 2 -17.77 -2.51 0.30
C ALA A 2 -17.29 -3.88 0.77
N PRO A 3 -16.00 -4.00 1.12
CA PRO A 3 -15.43 -5.27 1.59
C PRO A 3 -15.93 -5.66 2.99
N LEU A 4 -15.98 -6.96 3.24
CA LEU A 4 -16.44 -7.47 4.53
C LEU A 4 -15.25 -7.80 5.44
N ARG A 5 -14.05 -7.60 4.93
CA ARG A 5 -12.84 -7.88 5.69
C ARG A 5 -12.27 -6.60 6.30
N LYS A 6 -11.81 -6.70 7.55
CA LYS A 6 -11.24 -5.56 8.26
C LYS A 6 -9.88 -5.18 7.69
N THR A 7 -9.27 -6.11 6.99
CA THR A 7 -7.96 -5.88 6.41
C THR A 7 -8.02 -5.24 5.04
N ALA A 8 -7.36 -4.11 4.92
CA ALA A 8 -7.28 -3.37 3.67
C ALA A 8 -6.08 -3.82 2.87
N VAL A 9 -6.14 -3.67 1.56
CA VAL A 9 -5.05 -4.10 0.71
C VAL A 9 -4.28 -2.90 0.17
N LEU A 10 -2.98 -2.90 0.43
CA LEU A 10 -2.10 -1.84 -0.03
C LEU A 10 -1.14 -2.45 -1.03
N LYS A 11 -1.04 -1.87 -2.22
CA LYS A 11 -0.15 -2.41 -3.22
C LYS A 11 1.03 -1.49 -3.45
N LEU A 12 2.22 -2.06 -3.42
CA LEU A 12 3.43 -1.29 -3.63
C LEU A 12 4.03 -1.67 -4.98
N TYR A 13 4.20 -0.71 -5.86
CA TYR A 13 4.77 -1.00 -7.16
C TYR A 13 6.24 -0.61 -7.14
N VAL A 14 7.11 -1.58 -7.39
CA VAL A 14 8.54 -1.33 -7.35
C VAL A 14 9.22 -1.77 -8.64
N ALA A 15 10.42 -1.25 -8.87
CA ALA A 15 11.17 -1.59 -10.07
C ALA A 15 12.47 -2.30 -9.70
N GLY A 16 12.46 -3.63 -9.84
CA GLY A 16 13.63 -4.43 -9.54
C GLY A 16 14.10 -4.31 -8.11
N ASN A 17 15.40 -4.15 -7.93
CA ASN A 17 16.00 -4.02 -6.61
C ASN A 17 16.74 -2.70 -6.47
N THR A 18 16.20 -1.66 -7.09
CA THR A 18 16.78 -0.34 -7.01
C THR A 18 16.77 0.16 -5.58
N PRO A 19 17.72 1.03 -5.20
CA PRO A 19 17.82 1.55 -3.83
C PRO A 19 16.55 2.24 -3.37
N ASN A 20 15.85 2.86 -4.30
CA ASN A 20 14.60 3.53 -3.99
C ASN A 20 13.52 2.49 -3.66
N SER A 21 13.48 1.42 -4.47
CA SER A 21 12.51 0.34 -4.27
C SER A 21 12.85 -0.46 -3.02
N VAL A 22 14.13 -0.75 -2.82
CA VAL A 22 14.55 -1.50 -1.64
C VAL A 22 14.29 -0.71 -0.37
N ARG A 23 14.61 0.57 -0.40
CA ARG A 23 14.41 1.46 0.73
C ARG A 23 12.93 1.53 1.08
N ALA A 24 12.11 1.75 0.05
CA ALA A 24 10.67 1.86 0.22
C ALA A 24 10.06 0.55 0.73
N LEU A 25 10.52 -0.56 0.15
CA LEU A 25 10.04 -1.90 0.52
C LEU A 25 10.34 -2.22 1.99
N LYS A 26 11.58 -1.96 2.41
CA LYS A 26 11.97 -2.23 3.80
C LYS A 26 11.18 -1.36 4.76
N THR A 27 11.02 -0.08 4.40
CA THR A 27 10.29 0.87 5.23
C THR A 27 8.80 0.50 5.33
N LEU A 28 8.19 0.14 4.20
CA LEU A 28 6.78 -0.21 4.16
C LEU A 28 6.49 -1.55 4.84
N ALA A 29 7.23 -2.59 4.47
CA ALA A 29 7.01 -3.93 5.01
C ALA A 29 7.20 -4.02 6.52
N ASN A 30 8.27 -3.45 7.05
CA ASN A 30 8.52 -3.53 8.49
C ASN A 30 7.45 -2.77 9.28
N ILE A 31 7.04 -1.62 8.78
CA ILE A 31 6.01 -0.85 9.46
C ILE A 31 4.68 -1.61 9.44
N LEU A 32 4.32 -2.19 8.30
CA LEU A 32 3.09 -2.95 8.17
C LEU A 32 3.14 -4.28 8.93
N GLU A 33 4.32 -4.86 9.10
CA GLU A 33 4.45 -6.15 9.81
C GLU A 33 4.66 -5.96 11.31
N LYS A 34 4.72 -4.72 11.77
CA LYS A 34 4.91 -4.45 13.19
C LYS A 34 3.92 -3.40 13.70
N GLU A 35 4.00 -2.20 13.14
CA GLU A 35 3.14 -1.10 13.53
C GLU A 35 1.66 -1.34 13.18
N PHE A 36 1.41 -1.91 12.00
CA PHE A 36 0.03 -2.16 11.57
C PHE A 36 -0.20 -3.64 11.23
N LYS A 37 0.53 -4.53 11.90
CA LYS A 37 0.41 -5.96 11.65
C LYS A 37 -1.00 -6.45 11.99
N GLY A 38 -1.59 -7.17 11.04
CA GLY A 38 -2.92 -7.70 11.24
C GLY A 38 -4.02 -6.77 10.74
N VAL A 39 -3.65 -5.55 10.37
CA VAL A 39 -4.63 -4.58 9.89
C VAL A 39 -4.50 -4.36 8.38
N TYR A 40 -3.28 -4.20 7.89
CA TYR A 40 -3.08 -3.97 6.47
C TYR A 40 -2.37 -5.13 5.79
N ALA A 41 -2.81 -5.45 4.58
CA ALA A 41 -2.19 -6.51 3.79
C ALA A 41 -1.34 -5.87 2.70
N LEU A 42 -0.06 -6.23 2.65
CA LEU A 42 0.85 -5.65 1.66
C LEU A 42 1.02 -6.52 0.43
N LYS A 43 0.81 -5.91 -0.74
CA LYS A 43 0.94 -6.58 -2.01
C LYS A 43 1.91 -5.80 -2.89
N VAL A 44 3.08 -6.38 -3.12
CA VAL A 44 4.11 -5.75 -3.92
C VAL A 44 4.10 -6.27 -5.35
N ILE A 45 4.07 -5.33 -6.28
CA ILE A 45 4.02 -5.61 -7.70
C ILE A 45 5.33 -5.22 -8.35
N ASP A 46 6.06 -6.19 -8.90
CA ASP A 46 7.32 -5.90 -9.57
C ASP A 46 7.05 -5.53 -11.02
N VAL A 47 7.12 -4.24 -11.33
CA VAL A 47 6.83 -3.74 -12.66
C VAL A 47 7.87 -4.18 -13.72
N LEU A 48 9.14 -4.33 -13.33
CA LEU A 48 10.17 -4.74 -14.29
C LEU A 48 10.01 -6.19 -14.74
N LYS A 49 9.65 -7.07 -13.81
CA LYS A 49 9.47 -8.49 -14.15
C LYS A 49 8.22 -8.71 -15.00
N ASN A 50 7.17 -7.95 -14.71
CA ASN A 50 5.94 -8.09 -15.47
C ASN A 50 5.47 -6.72 -15.96
N PRO A 51 5.98 -6.30 -17.11
CA PRO A 51 5.63 -5.01 -17.70
C PRO A 51 4.14 -4.90 -18.05
N GLN A 52 3.53 -6.04 -18.33
CA GLN A 52 2.12 -6.10 -18.68
C GLN A 52 1.26 -5.62 -17.51
N LEU A 53 1.62 -6.04 -16.31
CA LEU A 53 0.87 -5.64 -15.12
C LEU A 53 1.10 -4.16 -14.84
N ALA A 54 2.32 -3.69 -15.09
CA ALA A 54 2.66 -2.30 -14.89
C ALA A 54 1.86 -1.42 -15.85
N GLU A 55 1.74 -1.88 -17.08
CA GLU A 55 0.98 -1.18 -18.11
C GLU A 55 -0.51 -1.21 -17.77
N GLU A 56 -0.98 -2.35 -17.26
CA GLU A 56 -2.38 -2.50 -16.90
C GLU A 56 -2.78 -1.48 -15.83
N ASP A 57 -1.89 -1.25 -14.85
CA ASP A 57 -2.16 -0.27 -13.80
C ASP A 57 -1.51 1.07 -14.11
N LYS A 58 -0.98 1.19 -15.34
CA LYS A 58 -0.34 2.42 -15.83
C LYS A 58 0.71 2.97 -14.87
N ILE A 59 1.64 2.12 -14.47
CA ILE A 59 2.70 2.52 -13.57
C ILE A 59 3.89 3.09 -14.34
N LEU A 60 4.09 4.40 -14.24
CA LEU A 60 5.17 5.07 -14.94
C LEU A 60 6.29 5.49 -13.98
N ALA A 61 6.02 5.41 -12.68
CA ALA A 61 7.02 5.79 -11.68
C ALA A 61 7.01 4.83 -10.50
N THR A 62 8.20 4.50 -10.00
CA THR A 62 8.34 3.60 -8.88
C THR A 62 9.31 4.17 -7.84
N PRO A 63 9.10 3.85 -6.56
CA PRO A 63 7.97 3.03 -6.11
C PRO A 63 6.65 3.79 -6.12
N THR A 64 5.57 3.05 -6.32
CA THR A 64 4.23 3.60 -6.33
C THR A 64 3.42 2.99 -5.18
N LEU A 65 2.90 3.84 -4.31
CA LEU A 65 2.12 3.37 -3.17
C LEU A 65 0.64 3.63 -3.43
N ALA A 66 -0.15 2.57 -3.56
CA ALA A 66 -1.58 2.74 -3.82
C ALA A 66 -2.43 1.74 -3.03
N LYS A 67 -3.52 2.27 -2.47
CA LYS A 67 -4.45 1.46 -1.72
C LYS A 67 -5.58 1.06 -2.64
N VAL A 68 -5.60 -0.19 -3.07
CA VAL A 68 -6.63 -0.65 -3.98
C VAL A 68 -7.91 -1.00 -3.23
N LEU A 69 -7.77 -1.41 -1.98
CA LEU A 69 -8.92 -1.78 -1.17
C LEU A 69 -8.81 -1.22 0.24
N PRO A 70 -9.90 -0.68 0.81
CA PRO A 70 -11.21 -0.55 0.13
C PRO A 70 -11.20 0.51 -0.98
N PRO A 71 -12.06 0.36 -1.99
CA PRO A 71 -12.16 1.33 -3.10
C PRO A 71 -12.78 2.65 -2.63
N PRO A 72 -12.53 3.77 -3.34
CA PRO A 72 -11.67 3.81 -4.54
C PRO A 72 -10.18 3.70 -4.23
N VAL A 73 -9.39 3.48 -5.28
CA VAL A 73 -7.94 3.33 -5.14
C VAL A 73 -7.28 4.66 -4.79
N ARG A 74 -6.50 4.65 -3.70
CA ARG A 74 -5.80 5.84 -3.24
C ARG A 74 -4.31 5.73 -3.53
N ARG A 75 -3.80 6.63 -4.34
CA ARG A 75 -2.39 6.62 -4.68
C ARG A 75 -1.63 7.68 -3.90
N ILE A 76 -0.63 7.22 -3.17
CA ILE A 76 0.22 8.09 -2.37
C ILE A 76 1.57 8.26 -3.05
N ILE A 77 1.89 9.49 -3.45
CA ILE A 77 3.16 9.76 -4.12
C ILE A 77 4.03 10.71 -3.29
N GLY A 78 5.26 10.30 -3.02
CA GLY A 78 6.17 11.11 -2.25
C GLY A 78 7.41 10.34 -1.85
N ASP A 79 8.19 10.89 -0.92
CA ASP A 79 9.40 10.23 -0.45
C ASP A 79 9.05 9.20 0.61
N LEU A 80 9.01 7.93 0.22
CA LEU A 80 8.65 6.85 1.13
C LEU A 80 9.88 6.29 1.86
N SER A 81 11.06 6.82 1.55
CA SER A 81 12.28 6.36 2.21
C SER A 81 12.27 6.75 3.69
N ASN A 82 11.51 7.80 3.99
CA ASN A 82 11.37 8.28 5.36
C ASN A 82 10.29 7.47 6.07
N ARG A 83 10.68 6.79 7.14
CA ARG A 83 9.77 5.95 7.91
C ARG A 83 8.61 6.75 8.48
N GLU A 84 8.87 7.99 8.89
CA GLU A 84 7.82 8.84 9.45
C GLU A 84 6.68 9.06 8.45
N LYS A 85 7.01 9.39 7.20
CA LYS A 85 5.96 9.61 6.19
C LYS A 85 5.17 8.33 5.95
N VAL A 86 5.85 7.20 5.91
CA VAL A 86 5.19 5.92 5.72
C VAL A 86 4.25 5.64 6.88
N LEU A 87 4.72 5.90 8.10
CA LEU A 87 3.90 5.69 9.29
C LEU A 87 2.73 6.67 9.35
N ILE A 88 2.98 7.93 9.06
CA ILE A 88 1.93 8.94 9.08
C ILE A 88 0.84 8.64 8.05
N ALA A 89 1.25 8.32 6.82
CA ALA A 89 0.30 7.99 5.76
C ALA A 89 -0.49 6.72 6.10
N LEU A 90 0.21 5.72 6.63
CA LEU A 90 -0.43 4.46 7.00
C LEU A 90 -1.37 4.64 8.19
N ARG A 91 -0.96 5.49 9.14
CA ARG A 91 -1.76 5.77 10.33
C ARG A 91 -3.09 6.42 9.93
N LEU A 92 -3.01 7.42 9.05
CA LEU A 92 -4.21 8.11 8.57
C LEU A 92 -5.13 7.18 7.80
N LEU A 93 -4.53 6.30 6.99
CA LEU A 93 -5.30 5.34 6.20
C LEU A 93 -6.03 4.34 7.09
N ALA A 94 -5.35 3.89 8.14
CA ALA A 94 -5.94 2.93 9.08
C ALA A 94 -7.13 3.53 9.82
N GLU A 95 -7.02 4.81 10.17
CA GLU A 95 -8.10 5.50 10.87
C GLU A 95 -9.36 5.54 10.01
N GLU A 96 -9.16 5.73 8.71
CA GLU A 96 -10.26 5.77 7.75
C GLU A 96 -11.00 4.43 7.73
N ILE A 97 -10.24 3.35 7.81
CA ILE A 97 -10.79 2.00 7.80
C ILE A 97 -11.58 1.72 9.07
N GLY A 98 -11.02 2.13 10.22
CA GLY A 98 -11.68 1.93 11.49
C GLY A 98 -13.00 2.67 11.60
N ASP A 99 -13.06 3.85 11.00
CA ASP A 99 -14.28 4.66 11.02
C ASP A 99 -15.12 4.44 9.77
N TYR A 100 -14.85 3.36 9.04
CA TYR A 100 -15.59 3.04 7.83
C TYR A 100 -16.76 2.13 8.15
N LYS A 101 -17.96 2.61 7.86
CA LYS A 101 -19.18 1.85 8.11
C LYS A 101 -19.83 1.43 6.80
N ASP A 102 -20.39 0.23 6.78
CA ASP A 102 -21.07 -0.30 5.59
C ASP A 102 -22.28 0.56 5.22
N ASP A 103 -23.06 0.94 6.22
CA ASP A 103 -24.25 1.75 6.00
C ASP A 103 -23.91 3.24 6.11
N ASP A 104 -23.81 3.91 4.97
CA ASP A 104 -23.50 5.34 4.94
C ASP A 104 -24.64 6.18 5.51
N ASP A 105 -25.87 5.66 5.38
CA ASP A 105 -27.07 6.32 5.87
C ASP A 105 -27.35 7.61 5.10
N LYS A 106 -28.37 8.35 5.53
CA LYS A 106 -28.73 9.60 4.88
C LYS A 106 -28.54 10.78 5.84
N MET A 1 -5.88 -17.50 4.33
CA MET A 1 -5.89 -17.43 2.84
C MET A 1 -7.16 -16.77 2.34
N ALA A 2 -8.05 -16.43 3.26
CA ALA A 2 -9.31 -15.79 2.91
C ALA A 2 -9.30 -14.31 3.30
N PRO A 3 -9.28 -13.41 2.29
CA PRO A 3 -9.26 -11.95 2.52
C PRO A 3 -10.48 -11.47 3.30
N LEU A 4 -10.27 -10.48 4.17
CA LEU A 4 -11.34 -9.94 4.97
C LEU A 4 -11.59 -8.48 4.61
N ARG A 5 -12.84 -8.05 4.75
CA ARG A 5 -13.23 -6.67 4.45
C ARG A 5 -12.51 -5.67 5.35
N LYS A 6 -12.34 -6.04 6.62
CA LYS A 6 -11.67 -5.19 7.60
C LYS A 6 -10.22 -4.92 7.22
N THR A 7 -9.55 -5.93 6.69
CA THR A 7 -8.16 -5.80 6.29
C THR A 7 -8.02 -5.10 4.94
N ALA A 8 -7.27 -4.01 4.94
CA ALA A 8 -7.04 -3.24 3.72
C ALA A 8 -5.86 -3.82 2.94
N VAL A 9 -5.89 -3.62 1.63
CA VAL A 9 -4.83 -4.13 0.78
C VAL A 9 -4.06 -2.98 0.14
N LEU A 10 -2.76 -3.01 0.30
CA LEU A 10 -1.90 -1.99 -0.27
C LEU A 10 -0.98 -2.64 -1.29
N LYS A 11 -0.82 -2.00 -2.44
CA LYS A 11 0.05 -2.56 -3.47
C LYS A 11 1.22 -1.61 -3.69
N LEU A 12 2.42 -2.16 -3.60
CA LEU A 12 3.62 -1.39 -3.81
C LEU A 12 4.20 -1.71 -5.16
N TYR A 13 4.37 -0.73 -6.01
CA TYR A 13 4.92 -0.95 -7.33
C TYR A 13 6.39 -0.60 -7.32
N VAL A 14 7.25 -1.57 -7.58
CA VAL A 14 8.68 -1.35 -7.55
C VAL A 14 9.34 -1.78 -8.85
N ALA A 15 10.54 -1.28 -9.09
CA ALA A 15 11.28 -1.61 -10.30
C ALA A 15 12.57 -2.33 -9.93
N GLY A 16 12.57 -3.64 -10.15
CA GLY A 16 13.74 -4.44 -9.84
C GLY A 16 14.12 -4.38 -8.37
N ASN A 17 15.39 -4.13 -8.10
CA ASN A 17 15.87 -4.05 -6.73
C ASN A 17 16.70 -2.79 -6.53
N THR A 18 16.15 -1.66 -6.96
CA THR A 18 16.82 -0.38 -6.82
C THR A 18 16.80 0.05 -5.37
N PRO A 19 17.74 0.91 -4.96
CA PRO A 19 17.81 1.40 -3.58
C PRO A 19 16.53 2.09 -3.15
N ASN A 20 15.89 2.79 -4.08
CA ASN A 20 14.64 3.48 -3.77
C ASN A 20 13.55 2.44 -3.46
N SER A 21 13.50 1.38 -4.27
CA SER A 21 12.54 0.30 -4.09
C SER A 21 12.86 -0.51 -2.84
N VAL A 22 14.13 -0.80 -2.62
CA VAL A 22 14.55 -1.56 -1.45
C VAL A 22 14.25 -0.76 -0.18
N ARG A 23 14.58 0.51 -0.21
CA ARG A 23 14.36 1.40 0.92
C ARG A 23 12.88 1.50 1.25
N ALA A 24 12.09 1.77 0.21
CA ALA A 24 10.64 1.91 0.37
C ALA A 24 10.01 0.61 0.86
N LEU A 25 10.43 -0.50 0.26
CA LEU A 25 9.92 -1.82 0.62
C LEU A 25 10.22 -2.16 2.07
N LYS A 26 11.48 -1.94 2.49
CA LYS A 26 11.88 -2.22 3.87
C LYS A 26 11.11 -1.34 4.84
N THR A 27 10.99 -0.06 4.51
CA THR A 27 10.28 0.91 5.35
C THR A 27 8.80 0.56 5.49
N LEU A 28 8.14 0.31 4.36
CA LEU A 28 6.71 -0.01 4.37
C LEU A 28 6.42 -1.36 5.03
N ALA A 29 7.18 -2.39 4.68
CA ALA A 29 6.97 -3.73 5.20
C ALA A 29 7.16 -3.81 6.71
N ASN A 30 8.20 -3.16 7.23
CA ASN A 30 8.46 -3.19 8.67
C ASN A 30 7.33 -2.52 9.44
N ILE A 31 6.84 -1.40 8.93
CA ILE A 31 5.74 -0.69 9.56
C ILE A 31 4.46 -1.54 9.53
N LEU A 32 4.21 -2.15 8.38
CA LEU A 32 3.04 -3.01 8.20
C LEU A 32 3.12 -4.30 9.03
N GLU A 33 4.32 -4.85 9.20
CA GLU A 33 4.51 -6.09 9.96
C GLU A 33 4.71 -5.86 11.46
N LYS A 34 4.73 -4.60 11.88
CA LYS A 34 4.92 -4.30 13.30
C LYS A 34 3.85 -3.33 13.81
N GLU A 35 3.87 -2.12 13.27
CA GLU A 35 2.94 -1.07 13.67
C GLU A 35 1.49 -1.40 13.33
N PHE A 36 1.24 -1.97 12.14
CA PHE A 36 -0.11 -2.30 11.72
C PHE A 36 -0.26 -3.78 11.34
N LYS A 37 0.54 -4.64 11.95
CA LYS A 37 0.49 -6.07 11.66
C LYS A 37 -0.88 -6.65 11.97
N GLY A 38 -1.44 -7.37 11.00
CA GLY A 38 -2.75 -7.97 11.17
C GLY A 38 -3.88 -7.07 10.69
N VAL A 39 -3.55 -5.82 10.36
CA VAL A 39 -4.57 -4.88 9.89
C VAL A 39 -4.45 -4.65 8.39
N TYR A 40 -3.23 -4.53 7.88
CA TYR A 40 -3.05 -4.30 6.45
C TYR A 40 -2.33 -5.46 5.77
N ALA A 41 -2.74 -5.75 4.54
CA ALA A 41 -2.11 -6.79 3.75
C ALA A 41 -1.23 -6.14 2.68
N LEU A 42 0.03 -6.54 2.62
CA LEU A 42 0.97 -5.94 1.66
C LEU A 42 1.13 -6.78 0.40
N LYS A 43 0.98 -6.10 -0.74
CA LYS A 43 1.12 -6.70 -2.05
C LYS A 43 2.13 -5.88 -2.84
N VAL A 44 3.08 -6.56 -3.46
CA VAL A 44 4.13 -5.90 -4.23
C VAL A 44 4.11 -6.35 -5.68
N ILE A 45 4.12 -5.37 -6.57
CA ILE A 45 4.05 -5.61 -8.00
C ILE A 45 5.38 -5.20 -8.65
N ASP A 46 6.09 -6.17 -9.22
CA ASP A 46 7.35 -5.87 -9.89
C ASP A 46 7.07 -5.46 -11.33
N VAL A 47 7.15 -4.17 -11.60
CA VAL A 47 6.86 -3.64 -12.92
C VAL A 47 7.87 -4.09 -14.00
N LEU A 48 9.15 -4.26 -13.63
CA LEU A 48 10.17 -4.67 -14.60
C LEU A 48 9.99 -6.11 -15.06
N LYS A 49 9.64 -7.01 -14.14
CA LYS A 49 9.46 -8.42 -14.50
C LYS A 49 8.21 -8.63 -15.34
N ASN A 50 7.15 -7.88 -15.03
CA ASN A 50 5.91 -7.99 -15.79
C ASN A 50 5.44 -6.63 -16.24
N PRO A 51 5.94 -6.18 -17.39
CA PRO A 51 5.58 -4.87 -17.95
C PRO A 51 4.09 -4.76 -18.27
N GLN A 52 3.48 -5.91 -18.58
CA GLN A 52 2.06 -5.96 -18.90
C GLN A 52 1.21 -5.52 -17.73
N LEU A 53 1.58 -5.97 -16.53
CA LEU A 53 0.83 -5.60 -15.34
C LEU A 53 1.05 -4.13 -15.02
N ALA A 54 2.28 -3.66 -15.25
CA ALA A 54 2.61 -2.26 -15.02
C ALA A 54 1.79 -1.38 -15.95
N GLU A 55 1.69 -1.83 -17.20
CA GLU A 55 0.92 -1.12 -18.22
C GLU A 55 -0.57 -1.16 -17.88
N GLU A 56 -1.03 -2.29 -17.36
CA GLU A 56 -2.44 -2.45 -16.98
C GLU A 56 -2.84 -1.42 -15.92
N ASP A 57 -1.95 -1.19 -14.96
CA ASP A 57 -2.23 -0.21 -13.91
C ASP A 57 -1.56 1.13 -14.23
N LYS A 58 -1.03 1.25 -15.44
CA LYS A 58 -0.37 2.48 -15.93
C LYS A 58 0.67 3.01 -14.95
N ILE A 59 1.58 2.14 -14.54
CA ILE A 59 2.64 2.52 -13.61
C ILE A 59 3.84 3.09 -14.36
N LEU A 60 4.02 4.40 -14.26
CA LEU A 60 5.13 5.07 -14.93
C LEU A 60 6.20 5.53 -13.94
N ALA A 61 5.98 5.23 -12.66
CA ALA A 61 6.93 5.62 -11.62
C ALA A 61 7.05 4.55 -10.54
N THR A 62 8.24 4.45 -9.95
CA THR A 62 8.50 3.48 -8.89
C THR A 62 9.52 4.04 -7.90
N PRO A 63 9.34 3.76 -6.61
CA PRO A 63 8.22 2.96 -6.10
C PRO A 63 6.93 3.78 -5.98
N THR A 64 5.80 3.12 -6.12
CA THR A 64 4.50 3.77 -5.99
C THR A 64 3.64 2.99 -5.00
N LEU A 65 3.05 3.70 -4.06
CA LEU A 65 2.20 3.10 -3.05
C LEU A 65 0.73 3.40 -3.33
N ALA A 66 -0.07 2.36 -3.51
CA ALA A 66 -1.49 2.56 -3.78
C ALA A 66 -2.35 1.56 -3.02
N LYS A 67 -3.42 2.08 -2.43
CA LYS A 67 -4.35 1.27 -1.68
C LYS A 67 -5.46 0.83 -2.62
N VAL A 68 -5.43 -0.41 -3.04
CA VAL A 68 -6.44 -0.90 -3.95
C VAL A 68 -7.70 -1.28 -3.20
N LEU A 69 -7.54 -1.66 -1.93
CA LEU A 69 -8.69 -2.05 -1.12
C LEU A 69 -8.58 -1.47 0.29
N PRO A 70 -9.70 -0.96 0.86
CA PRO A 70 -11.00 -0.90 0.18
C PRO A 70 -11.11 0.26 -0.79
N PRO A 71 -11.88 0.10 -1.89
CA PRO A 71 -12.10 1.16 -2.89
C PRO A 71 -12.77 2.39 -2.29
N PRO A 72 -12.57 3.61 -2.86
CA PRO A 72 -11.73 3.84 -4.05
C PRO A 72 -10.23 3.64 -3.80
N VAL A 73 -9.49 3.45 -4.89
CA VAL A 73 -8.04 3.25 -4.82
C VAL A 73 -7.33 4.56 -4.46
N ARG A 74 -6.53 4.51 -3.40
CA ARG A 74 -5.77 5.67 -2.95
C ARG A 74 -4.30 5.54 -3.30
N ARG A 75 -3.81 6.46 -4.11
CA ARG A 75 -2.42 6.44 -4.50
C ARG A 75 -1.62 7.45 -3.69
N ILE A 76 -0.56 6.96 -3.06
CA ILE A 76 0.29 7.80 -2.24
C ILE A 76 1.64 8.01 -2.95
N ILE A 77 1.93 9.27 -3.30
CA ILE A 77 3.17 9.58 -4.00
C ILE A 77 4.02 10.56 -3.17
N GLY A 78 5.27 10.19 -2.94
CA GLY A 78 6.17 11.04 -2.18
C GLY A 78 7.42 10.30 -1.78
N ASP A 79 8.17 10.86 -0.83
CA ASP A 79 9.39 10.22 -0.36
C ASP A 79 9.05 9.15 0.68
N LEU A 80 9.03 7.90 0.24
CA LEU A 80 8.68 6.79 1.12
C LEU A 80 9.91 6.25 1.85
N SER A 81 11.09 6.79 1.56
CA SER A 81 12.32 6.35 2.22
C SER A 81 12.29 6.76 3.69
N ASN A 82 11.46 7.75 4.00
CA ASN A 82 11.31 8.23 5.37
C ASN A 82 10.24 7.42 6.09
N ARG A 83 10.62 6.76 7.18
CA ARG A 83 9.70 5.91 7.94
C ARG A 83 8.50 6.69 8.47
N GLU A 84 8.71 7.94 8.90
CA GLU A 84 7.62 8.75 9.41
C GLU A 84 6.54 9.00 8.37
N LYS A 85 6.91 9.31 7.12
CA LYS A 85 5.89 9.54 6.09
C LYS A 85 5.10 8.27 5.82
N VAL A 86 5.79 7.13 5.77
CA VAL A 86 5.13 5.84 5.56
C VAL A 86 4.18 5.54 6.71
N LEU A 87 4.64 5.81 7.93
CA LEU A 87 3.83 5.57 9.13
C LEU A 87 2.66 6.54 9.24
N ILE A 88 2.94 7.84 9.07
CA ILE A 88 1.89 8.86 9.17
C ILE A 88 0.81 8.67 8.10
N ALA A 89 1.23 8.47 6.85
CA ALA A 89 0.27 8.27 5.77
C ALA A 89 -0.55 7.00 5.98
N LEU A 90 0.10 5.94 6.43
CA LEU A 90 -0.57 4.66 6.67
C LEU A 90 -1.54 4.78 7.85
N ARG A 91 -1.11 5.50 8.90
CA ARG A 91 -1.93 5.70 10.09
C ARG A 91 -3.21 6.46 9.75
N LEU A 92 -3.07 7.51 8.94
CA LEU A 92 -4.23 8.31 8.53
C LEU A 92 -5.22 7.46 7.73
N LEU A 93 -4.69 6.59 6.88
CA LEU A 93 -5.52 5.70 6.07
C LEU A 93 -6.30 4.73 6.95
N ALA A 94 -5.61 4.22 7.98
CA ALA A 94 -6.21 3.25 8.92
C ALA A 94 -7.37 3.86 9.68
N GLU A 95 -7.25 5.13 10.06
CA GLU A 95 -8.31 5.82 10.78
C GLU A 95 -9.57 5.88 9.92
N GLU A 96 -9.39 6.08 8.63
CA GLU A 96 -10.49 6.14 7.68
C GLU A 96 -11.23 4.80 7.64
N ILE A 97 -10.44 3.71 7.66
CA ILE A 97 -10.99 2.36 7.63
C ILE A 97 -11.71 2.02 8.93
N GLY A 98 -11.09 2.39 10.05
CA GLY A 98 -11.67 2.14 11.36
C GLY A 98 -13.00 2.86 11.56
N ASP A 99 -13.10 4.06 11.00
CA ASP A 99 -14.32 4.88 11.11
C ASP A 99 -15.51 4.18 10.45
N TYR A 100 -15.27 3.54 9.31
CA TYR A 100 -16.33 2.86 8.59
C TYR A 100 -16.53 1.45 9.15
N LYS A 101 -17.71 1.19 9.68
CA LYS A 101 -18.03 -0.11 10.24
C LYS A 101 -19.07 -0.83 9.38
N ASP A 102 -18.85 -2.12 9.15
CA ASP A 102 -19.76 -2.93 8.35
C ASP A 102 -19.51 -4.41 8.60
N ASP A 103 -18.26 -4.83 8.50
CA ASP A 103 -17.88 -6.22 8.72
C ASP A 103 -17.57 -6.48 10.18
N ASP A 104 -18.48 -7.15 10.87
CA ASP A 104 -18.31 -7.47 12.28
C ASP A 104 -17.16 -8.47 12.50
N ASP A 105 -16.93 -9.31 11.48
CA ASP A 105 -15.86 -10.32 11.51
C ASP A 105 -15.98 -11.24 12.72
N LYS A 106 -17.19 -11.74 12.97
CA LYS A 106 -17.43 -12.64 14.09
C LYS A 106 -18.39 -13.76 13.68
N MET A 1 -16.43 -4.37 -5.00
CA MET A 1 -16.87 -3.17 -4.25
C MET A 1 -17.40 -3.55 -2.87
N ALA A 2 -17.22 -2.64 -1.91
CA ALA A 2 -17.68 -2.84 -0.52
C ALA A 2 -17.20 -4.19 0.06
N PRO A 3 -15.88 -4.37 0.20
CA PRO A 3 -15.30 -5.62 0.74
C PRO A 3 -15.77 -5.92 2.16
N LEU A 4 -15.98 -7.21 2.44
CA LEU A 4 -16.44 -7.63 3.76
C LEU A 4 -15.27 -7.89 4.69
N ARG A 5 -14.06 -7.91 4.12
CA ARG A 5 -12.85 -8.15 4.91
C ARG A 5 -12.43 -6.89 5.64
N LYS A 6 -11.91 -7.06 6.85
CA LYS A 6 -11.47 -5.92 7.66
C LYS A 6 -10.03 -5.55 7.33
N THR A 7 -9.35 -6.42 6.59
CA THR A 7 -7.97 -6.17 6.20
C THR A 7 -7.90 -5.46 4.87
N ALA A 8 -7.23 -4.31 4.88
CA ALA A 8 -7.06 -3.50 3.68
C ALA A 8 -5.85 -3.96 2.88
N VAL A 9 -5.89 -3.73 1.57
CA VAL A 9 -4.79 -4.13 0.71
C VAL A 9 -4.05 -2.89 0.19
N LEU A 10 -2.77 -2.84 0.48
CA LEU A 10 -1.92 -1.74 0.05
C LEU A 10 -0.91 -2.31 -0.93
N LYS A 11 -0.82 -1.73 -2.12
CA LYS A 11 0.10 -2.25 -3.12
C LYS A 11 1.25 -1.29 -3.36
N LEU A 12 2.45 -1.85 -3.42
CA LEU A 12 3.65 -1.07 -3.66
C LEU A 12 4.22 -1.44 -5.02
N TYR A 13 4.40 -0.47 -5.91
CA TYR A 13 4.94 -0.76 -7.21
C TYR A 13 6.43 -0.44 -7.22
N VAL A 14 7.26 -1.44 -7.54
CA VAL A 14 8.69 -1.25 -7.56
C VAL A 14 9.27 -1.65 -8.91
N ALA A 15 10.47 -1.14 -9.22
CA ALA A 15 11.08 -1.44 -10.50
C ALA A 15 12.49 -2.02 -10.35
N GLY A 16 12.60 -3.34 -10.40
CA GLY A 16 13.92 -3.97 -10.34
C GLY A 16 14.50 -4.10 -8.94
N ASN A 17 13.71 -3.77 -7.92
CA ASN A 17 14.16 -3.84 -6.53
C ASN A 17 15.38 -2.94 -6.31
N THR A 18 15.25 -1.71 -6.80
CA THR A 18 16.29 -0.69 -6.68
C THR A 18 16.37 -0.21 -5.24
N PRO A 19 17.45 0.49 -4.85
CA PRO A 19 17.61 1.00 -3.48
C PRO A 19 16.39 1.79 -2.98
N ASN A 20 15.78 2.57 -3.86
CA ASN A 20 14.58 3.33 -3.48
C ASN A 20 13.46 2.36 -3.14
N SER A 21 13.32 1.34 -4.00
CA SER A 21 12.33 0.27 -3.84
C SER A 21 12.64 -0.58 -2.60
N VAL A 22 13.92 -0.91 -2.42
CA VAL A 22 14.33 -1.70 -1.26
C VAL A 22 14.06 -0.93 0.02
N ARG A 23 14.42 0.35 0.01
CA ARG A 23 14.23 1.22 1.15
C ARG A 23 12.75 1.34 1.48
N ALA A 24 11.95 1.59 0.45
CA ALA A 24 10.52 1.73 0.60
C ALA A 24 9.89 0.44 1.12
N LEU A 25 10.32 -0.68 0.56
CA LEU A 25 9.82 -1.99 0.94
C LEU A 25 10.13 -2.30 2.40
N LYS A 26 11.38 -2.07 2.81
CA LYS A 26 11.80 -2.31 4.18
C LYS A 26 11.04 -1.39 5.14
N THR A 27 10.86 -0.15 4.74
CA THR A 27 10.15 0.85 5.54
C THR A 27 8.68 0.45 5.73
N LEU A 28 8.02 0.06 4.64
CA LEU A 28 6.61 -0.33 4.69
C LEU A 28 6.38 -1.64 5.42
N ALA A 29 7.17 -2.66 5.10
CA ALA A 29 7.01 -3.97 5.72
C ALA A 29 7.20 -3.94 7.23
N ASN A 30 8.21 -3.21 7.71
CA ASN A 30 8.46 -3.13 9.15
C ASN A 30 7.28 -2.48 9.87
N ILE A 31 6.76 -1.40 9.30
CA ILE A 31 5.62 -0.70 9.89
C ILE A 31 4.38 -1.59 9.90
N LEU A 32 4.14 -2.24 8.78
CA LEU A 32 2.99 -3.12 8.60
C LEU A 32 3.09 -4.41 9.44
N GLU A 33 4.29 -4.93 9.64
CA GLU A 33 4.47 -6.16 10.41
C GLU A 33 4.52 -5.91 11.92
N LYS A 34 4.60 -4.66 12.33
CA LYS A 34 4.66 -4.35 13.77
C LYS A 34 3.59 -3.35 14.18
N GLU A 35 3.65 -2.16 13.62
CA GLU A 35 2.71 -1.09 13.94
C GLU A 35 1.26 -1.42 13.56
N PHE A 36 1.08 -2.01 12.38
CA PHE A 36 -0.25 -2.36 11.90
C PHE A 36 -0.39 -3.84 11.56
N LYS A 37 0.35 -4.68 12.27
CA LYS A 37 0.33 -6.13 12.05
C LYS A 37 -1.09 -6.69 12.18
N GLY A 38 -1.51 -7.43 11.15
CA GLY A 38 -2.83 -8.04 11.15
C GLY A 38 -3.93 -7.10 10.68
N VAL A 39 -3.57 -5.86 10.33
CA VAL A 39 -4.57 -4.90 9.87
C VAL A 39 -4.41 -4.61 8.38
N TYR A 40 -3.17 -4.40 7.93
CA TYR A 40 -2.95 -4.08 6.52
C TYR A 40 -2.17 -5.19 5.82
N ALA A 41 -2.52 -5.45 4.57
CA ALA A 41 -1.84 -6.45 3.77
C ALA A 41 -0.97 -5.76 2.73
N LEU A 42 0.31 -6.09 2.69
CA LEU A 42 1.23 -5.46 1.74
C LEU A 42 1.42 -6.32 0.49
N LYS A 43 1.16 -5.71 -0.66
CA LYS A 43 1.28 -6.38 -1.94
C LYS A 43 2.22 -5.58 -2.85
N VAL A 44 3.36 -6.17 -3.14
CA VAL A 44 4.35 -5.53 -3.99
C VAL A 44 4.27 -6.03 -5.41
N ILE A 45 4.19 -5.08 -6.33
CA ILE A 45 4.06 -5.36 -7.75
C ILE A 45 5.34 -4.96 -8.48
N ASP A 46 6.04 -5.93 -9.07
CA ASP A 46 7.26 -5.64 -9.80
C ASP A 46 6.90 -5.27 -11.23
N VAL A 47 6.97 -3.98 -11.53
CA VAL A 47 6.60 -3.49 -12.86
C VAL A 47 7.57 -3.93 -13.97
N LEU A 48 8.86 -4.06 -13.68
CA LEU A 48 9.83 -4.48 -14.70
C LEU A 48 9.67 -5.94 -15.12
N LYS A 49 9.41 -6.82 -14.15
CA LYS A 49 9.23 -8.24 -14.47
C LYS A 49 7.93 -8.49 -15.21
N ASN A 50 6.89 -7.74 -14.85
CA ASN A 50 5.59 -7.88 -15.50
C ASN A 50 5.12 -6.55 -16.05
N PRO A 51 5.62 -6.19 -17.23
CA PRO A 51 5.27 -4.94 -17.91
C PRO A 51 3.77 -4.84 -18.21
N GLN A 52 3.17 -5.98 -18.48
CA GLN A 52 1.74 -6.06 -18.79
C GLN A 52 0.92 -5.60 -17.59
N LEU A 53 1.32 -6.03 -16.41
CA LEU A 53 0.59 -5.65 -15.20
C LEU A 53 0.80 -4.18 -14.91
N ALA A 54 2.01 -3.69 -15.17
CA ALA A 54 2.34 -2.28 -14.97
C ALA A 54 1.51 -1.41 -15.91
N GLU A 55 1.38 -1.87 -17.15
CA GLU A 55 0.59 -1.17 -18.16
C GLU A 55 -0.88 -1.18 -17.79
N GLU A 56 -1.34 -2.31 -17.24
CA GLU A 56 -2.73 -2.46 -16.85
C GLU A 56 -3.09 -1.43 -15.78
N ASP A 57 -2.18 -1.19 -14.84
CA ASP A 57 -2.42 -0.20 -13.78
C ASP A 57 -1.74 1.13 -14.13
N LYS A 58 -1.24 1.23 -15.37
CA LYS A 58 -0.59 2.44 -15.88
C LYS A 58 0.48 2.98 -14.95
N ILE A 59 1.40 2.12 -14.55
CA ILE A 59 2.48 2.52 -13.65
C ILE A 59 3.71 2.97 -14.45
N LEU A 60 3.96 4.28 -14.42
CA LEU A 60 5.10 4.84 -15.14
C LEU A 60 6.17 5.36 -14.19
N ALA A 61 5.96 5.16 -12.89
CA ALA A 61 6.92 5.62 -11.89
C ALA A 61 6.98 4.68 -10.69
N THR A 62 8.15 4.62 -10.06
CA THR A 62 8.38 3.77 -8.89
C THR A 62 9.39 4.43 -7.95
N PRO A 63 9.26 4.19 -6.63
CA PRO A 63 8.19 3.37 -6.06
C PRO A 63 6.87 4.14 -5.99
N THR A 64 5.77 3.43 -6.16
CA THR A 64 4.45 4.04 -6.09
C THR A 64 3.55 3.26 -5.14
N LEU A 65 2.92 3.98 -4.22
CA LEU A 65 2.03 3.37 -3.23
C LEU A 65 0.58 3.58 -3.62
N ALA A 66 -0.17 2.50 -3.71
CA ALA A 66 -1.58 2.60 -4.04
C ALA A 66 -2.39 1.56 -3.28
N LYS A 67 -3.43 2.02 -2.59
CA LYS A 67 -4.29 1.13 -1.83
C LYS A 67 -5.52 0.83 -2.66
N VAL A 68 -5.52 -0.34 -3.27
CA VAL A 68 -6.64 -0.74 -4.11
C VAL A 68 -7.88 -1.07 -3.29
N LEU A 69 -7.66 -1.71 -2.14
CA LEU A 69 -8.80 -2.12 -1.31
C LEU A 69 -8.66 -1.62 0.13
N PRO A 70 -9.75 -1.05 0.69
CA PRO A 70 -11.03 -0.88 -0.01
C PRO A 70 -11.00 0.29 -1.00
N PRO A 71 -11.85 0.25 -2.04
CA PRO A 71 -11.92 1.32 -3.04
C PRO A 71 -12.52 2.61 -2.47
N PRO A 72 -12.21 3.78 -3.06
CA PRO A 72 -11.33 3.91 -4.24
C PRO A 72 -9.85 3.68 -3.93
N VAL A 73 -9.06 3.47 -4.97
CA VAL A 73 -7.63 3.23 -4.83
C VAL A 73 -6.90 4.51 -4.40
N ARG A 74 -6.15 4.42 -3.30
CA ARG A 74 -5.40 5.57 -2.78
C ARG A 74 -3.99 5.56 -3.30
N ARG A 75 -3.64 6.55 -4.10
CA ARG A 75 -2.28 6.62 -4.63
C ARG A 75 -1.46 7.64 -3.85
N ILE A 76 -0.38 7.16 -3.27
CA ILE A 76 0.51 8.00 -2.48
C ILE A 76 1.86 8.15 -3.20
N ILE A 77 2.21 9.39 -3.53
CA ILE A 77 3.47 9.65 -4.23
C ILE A 77 4.33 10.64 -3.44
N GLY A 78 5.58 10.26 -3.19
CA GLY A 78 6.48 11.12 -2.44
C GLY A 78 7.72 10.38 -1.98
N ASP A 79 8.43 10.94 -1.01
CA ASP A 79 9.63 10.31 -0.48
C ASP A 79 9.22 9.24 0.54
N LEU A 80 9.23 7.99 0.10
CA LEU A 80 8.82 6.88 0.97
C LEU A 80 9.99 6.30 1.75
N SER A 81 11.20 6.79 1.50
CA SER A 81 12.37 6.31 2.23
C SER A 81 12.32 6.76 3.67
N ASN A 82 11.57 7.83 3.92
CA ASN A 82 11.39 8.36 5.26
C ASN A 82 10.32 7.55 5.98
N ARG A 83 10.72 6.91 7.08
CA ARG A 83 9.80 6.06 7.84
C ARG A 83 8.60 6.84 8.38
N GLU A 84 8.82 8.09 8.79
CA GLU A 84 7.74 8.91 9.31
C GLU A 84 6.64 9.12 8.27
N LYS A 85 6.99 9.43 7.02
CA LYS A 85 5.97 9.63 5.99
C LYS A 85 5.20 8.35 5.73
N VAL A 86 5.89 7.22 5.68
CA VAL A 86 5.23 5.94 5.47
C VAL A 86 4.30 5.62 6.63
N LEU A 87 4.78 5.81 7.85
CA LEU A 87 4.00 5.56 9.05
C LEU A 87 2.80 6.51 9.15
N ILE A 88 3.04 7.80 8.93
CA ILE A 88 1.98 8.79 8.99
C ILE A 88 0.92 8.53 7.93
N ALA A 89 1.35 8.29 6.68
CA ALA A 89 0.42 8.00 5.60
C ALA A 89 -0.35 6.71 5.85
N LEU A 90 0.35 5.70 6.36
CA LEU A 90 -0.27 4.40 6.66
C LEU A 90 -1.27 4.55 7.82
N ARG A 91 -0.91 5.34 8.82
CA ARG A 91 -1.77 5.60 9.97
C ARG A 91 -3.06 6.30 9.55
N LEU A 92 -2.93 7.31 8.68
CA LEU A 92 -4.08 8.05 8.20
C LEU A 92 -5.02 7.15 7.40
N LEU A 93 -4.43 6.25 6.60
CA LEU A 93 -5.22 5.32 5.80
C LEU A 93 -5.98 4.35 6.70
N ALA A 94 -5.32 3.88 7.76
CA ALA A 94 -5.91 2.95 8.71
C ALA A 94 -7.10 3.57 9.44
N GLU A 95 -6.98 4.85 9.79
CA GLU A 95 -8.05 5.55 10.47
C GLU A 95 -9.31 5.60 9.60
N GLU A 96 -9.09 5.80 8.30
CA GLU A 96 -10.19 5.84 7.33
C GLU A 96 -10.91 4.49 7.31
N ILE A 97 -10.12 3.43 7.38
CA ILE A 97 -10.63 2.06 7.38
C ILE A 97 -11.47 1.80 8.63
N GLY A 98 -10.95 2.24 9.78
CA GLY A 98 -11.64 2.06 11.04
C GLY A 98 -12.97 2.80 11.08
N ASP A 99 -13.01 3.97 10.44
CA ASP A 99 -14.23 4.78 10.37
C ASP A 99 -15.34 4.04 9.64
N TYR A 100 -14.98 3.35 8.56
CA TYR A 100 -15.94 2.59 7.78
C TYR A 100 -16.39 1.36 8.55
N LYS A 101 -17.70 1.21 8.70
CA LYS A 101 -18.25 0.08 9.43
C LYS A 101 -18.89 -0.92 8.48
N ASP A 102 -18.62 -2.20 8.72
CA ASP A 102 -19.16 -3.27 7.88
C ASP A 102 -20.19 -4.08 8.67
N ASP A 103 -19.79 -4.54 9.85
CA ASP A 103 -20.67 -5.34 10.70
C ASP A 103 -21.43 -4.43 11.66
N ASP A 104 -22.74 -4.29 11.44
CA ASP A 104 -23.58 -3.45 12.28
C ASP A 104 -24.28 -4.24 13.38
N ASP A 105 -23.83 -5.46 13.62
CA ASP A 105 -24.43 -6.31 14.64
C ASP A 105 -23.34 -7.04 15.43
N LYS A 106 -23.71 -7.57 16.59
CA LYS A 106 -22.77 -8.30 17.43
C LYS A 106 -22.74 -9.79 17.05
N MET A 1 -14.81 -16.03 2.90
CA MET A 1 -13.57 -15.32 2.53
C MET A 1 -13.83 -14.27 1.46
N ALA A 2 -15.09 -14.21 1.01
CA ALA A 2 -15.51 -13.25 -0.01
C ALA A 2 -15.33 -11.79 0.44
N PRO A 3 -15.83 -11.39 1.64
CA PRO A 3 -15.68 -10.02 2.13
C PRO A 3 -14.25 -9.69 2.54
N LEU A 4 -13.91 -8.40 2.49
CA LEU A 4 -12.58 -7.94 2.85
C LEU A 4 -12.45 -7.71 4.36
N ARG A 5 -13.60 -7.72 5.04
CA ARG A 5 -13.65 -7.50 6.49
C ARG A 5 -13.03 -6.15 6.85
N LYS A 6 -12.13 -6.16 7.84
CA LYS A 6 -11.47 -4.93 8.28
C LYS A 6 -10.06 -4.82 7.71
N THR A 7 -9.66 -5.82 6.93
CA THR A 7 -8.35 -5.82 6.34
C THR A 7 -8.31 -5.14 4.99
N ALA A 8 -7.36 -4.23 4.83
CA ALA A 8 -7.18 -3.49 3.60
C ALA A 8 -5.94 -3.97 2.86
N VAL A 9 -5.94 -3.80 1.54
CA VAL A 9 -4.81 -4.24 0.74
C VAL A 9 -4.02 -3.04 0.23
N LEU A 10 -2.73 -3.05 0.53
CA LEU A 10 -1.84 -1.99 0.11
C LEU A 10 -0.87 -2.58 -0.90
N LYS A 11 -0.74 -1.96 -2.07
CA LYS A 11 0.16 -2.49 -3.09
C LYS A 11 1.30 -1.52 -3.36
N LEU A 12 2.51 -2.05 -3.37
CA LEU A 12 3.68 -1.25 -3.63
C LEU A 12 4.21 -1.58 -5.02
N TYR A 13 4.36 -0.57 -5.87
CA TYR A 13 4.87 -0.81 -7.20
C TYR A 13 6.36 -0.49 -7.22
N VAL A 14 7.18 -1.48 -7.53
CA VAL A 14 8.61 -1.29 -7.54
C VAL A 14 9.22 -1.70 -8.87
N ALA A 15 10.41 -1.21 -9.14
CA ALA A 15 11.11 -1.52 -10.37
C ALA A 15 12.40 -2.26 -10.05
N GLY A 16 12.39 -3.58 -10.27
CA GLY A 16 13.56 -4.38 -9.99
C GLY A 16 13.93 -4.36 -8.52
N ASN A 17 15.20 -4.10 -8.24
CA ASN A 17 15.67 -4.04 -6.86
C ASN A 17 16.54 -2.81 -6.66
N THR A 18 16.01 -1.65 -7.02
CA THR A 18 16.73 -0.39 -6.86
C THR A 18 16.73 0.01 -5.41
N PRO A 19 17.70 0.85 -5.01
CA PRO A 19 17.80 1.31 -3.62
C PRO A 19 16.53 2.00 -3.15
N ASN A 20 15.87 2.71 -4.06
CA ASN A 20 14.63 3.39 -3.72
C ASN A 20 13.55 2.36 -3.42
N SER A 21 13.48 1.32 -4.26
CA SER A 21 12.53 0.22 -4.08
C SER A 21 12.85 -0.59 -2.84
N VAL A 22 14.12 -0.87 -2.63
CA VAL A 22 14.55 -1.63 -1.46
C VAL A 22 14.27 -0.84 -0.18
N ARG A 23 14.58 0.45 -0.22
CA ARG A 23 14.38 1.32 0.93
C ARG A 23 12.90 1.43 1.25
N ALA A 24 12.11 1.72 0.22
CA ALA A 24 10.66 1.87 0.39
C ALA A 24 10.02 0.57 0.87
N LEU A 25 10.43 -0.55 0.27
CA LEU A 25 9.91 -1.87 0.63
C LEU A 25 10.22 -2.21 2.08
N LYS A 26 11.46 -1.99 2.50
CA LYS A 26 11.87 -2.28 3.87
C LYS A 26 11.13 -1.39 4.86
N THR A 27 10.99 -0.11 4.51
CA THR A 27 10.32 0.87 5.35
C THR A 27 8.84 0.52 5.55
N LEU A 28 8.15 0.24 4.45
CA LEU A 28 6.72 -0.09 4.51
C LEU A 28 6.48 -1.43 5.20
N ALA A 29 7.26 -2.44 4.85
CA ALA A 29 7.09 -3.79 5.42
C ALA A 29 7.32 -3.80 6.93
N ASN A 30 8.35 -3.10 7.40
CA ASN A 30 8.66 -3.05 8.84
C ASN A 30 7.50 -2.44 9.62
N ILE A 31 6.97 -1.35 9.09
CA ILE A 31 5.86 -0.66 9.72
C ILE A 31 4.62 -1.55 9.75
N LEU A 32 4.32 -2.19 8.63
CA LEU A 32 3.17 -3.09 8.54
C LEU A 32 3.33 -4.34 9.43
N GLU A 33 4.56 -4.86 9.51
CA GLU A 33 4.84 -6.06 10.32
C GLU A 33 4.63 -5.85 11.81
N LYS A 34 4.95 -4.67 12.33
CA LYS A 34 4.81 -4.44 13.77
C LYS A 34 3.74 -3.41 14.11
N GLU A 35 3.82 -2.23 13.50
CA GLU A 35 2.89 -1.15 13.76
C GLU A 35 1.46 -1.45 13.31
N PHE A 36 1.29 -2.05 12.14
CA PHE A 36 -0.05 -2.36 11.64
C PHE A 36 -0.27 -3.83 11.32
N LYS A 37 0.42 -4.71 12.05
CA LYS A 37 0.28 -6.16 11.83
C LYS A 37 -1.16 -6.61 12.07
N GLY A 38 -1.72 -7.31 11.08
CA GLY A 38 -3.08 -7.81 11.21
C GLY A 38 -4.13 -6.84 10.68
N VAL A 39 -3.73 -5.62 10.34
CA VAL A 39 -4.68 -4.65 9.84
C VAL A 39 -4.53 -4.42 8.33
N TYR A 40 -3.29 -4.25 7.87
CA TYR A 40 -3.08 -4.03 6.44
C TYR A 40 -2.32 -5.19 5.81
N ALA A 41 -2.70 -5.53 4.58
CA ALA A 41 -2.05 -6.58 3.82
C ALA A 41 -1.12 -5.95 2.78
N LEU A 42 0.14 -6.37 2.75
CA LEU A 42 1.09 -5.80 1.80
C LEU A 42 1.29 -6.66 0.56
N LYS A 43 1.10 -6.01 -0.59
CA LYS A 43 1.29 -6.64 -1.88
C LYS A 43 2.28 -5.82 -2.69
N VAL A 44 3.17 -6.51 -3.40
CA VAL A 44 4.19 -5.83 -4.21
C VAL A 44 4.06 -6.23 -5.67
N ILE A 45 4.10 -5.22 -6.52
CA ILE A 45 3.98 -5.41 -7.94
C ILE A 45 5.28 -4.99 -8.63
N ASP A 46 6.06 -5.98 -9.04
CA ASP A 46 7.31 -5.72 -9.75
C ASP A 46 6.99 -5.34 -11.19
N VAL A 47 7.05 -4.05 -11.49
CA VAL A 47 6.72 -3.55 -12.82
C VAL A 47 7.71 -3.99 -13.91
N LEU A 48 8.99 -4.12 -13.56
CA LEU A 48 9.99 -4.56 -14.55
C LEU A 48 9.83 -6.03 -14.90
N LYS A 49 9.47 -6.85 -13.92
CA LYS A 49 9.29 -8.28 -14.14
C LYS A 49 8.03 -8.54 -14.97
N ASN A 50 6.97 -7.79 -14.69
CA ASN A 50 5.72 -7.94 -15.42
C ASN A 50 5.25 -6.60 -15.98
N PRO A 51 5.80 -6.23 -17.14
CA PRO A 51 5.47 -4.96 -17.81
C PRO A 51 3.98 -4.86 -18.17
N GLN A 52 3.38 -6.00 -18.48
CA GLN A 52 1.96 -6.06 -18.83
C GLN A 52 1.11 -5.61 -17.66
N LEU A 53 1.47 -6.05 -16.46
CA LEU A 53 0.71 -5.70 -15.27
C LEU A 53 0.91 -4.22 -14.96
N ALA A 54 2.12 -3.73 -15.18
CA ALA A 54 2.44 -2.34 -14.95
C ALA A 54 1.64 -1.45 -15.89
N GLU A 55 1.54 -1.90 -17.14
CA GLU A 55 0.78 -1.18 -18.17
C GLU A 55 -0.70 -1.20 -17.84
N GLU A 56 -1.18 -2.34 -17.34
CA GLU A 56 -2.58 -2.50 -16.98
C GLU A 56 -2.99 -1.48 -15.92
N ASP A 57 -2.12 -1.24 -14.94
CA ASP A 57 -2.41 -0.25 -13.90
C ASP A 57 -1.75 1.10 -14.23
N LYS A 58 -1.22 1.19 -15.44
CA LYS A 58 -0.57 2.42 -15.95
C LYS A 58 0.48 2.97 -14.99
N ILE A 59 1.39 2.11 -14.56
CA ILE A 59 2.45 2.50 -13.65
C ILE A 59 3.65 3.03 -14.42
N LEU A 60 3.82 4.35 -14.40
CA LEU A 60 4.93 5.00 -15.10
C LEU A 60 5.98 5.51 -14.13
N ALA A 61 5.79 5.27 -12.84
CA ALA A 61 6.73 5.72 -11.83
C ALA A 61 6.88 4.71 -10.71
N THR A 62 8.07 4.68 -10.10
CA THR A 62 8.36 3.78 -9.00
C THR A 62 9.37 4.43 -8.05
N PRO A 63 9.25 4.16 -6.74
CA PRO A 63 8.20 3.32 -6.18
C PRO A 63 6.88 4.08 -6.07
N THR A 64 5.78 3.35 -6.20
CA THR A 64 4.45 3.96 -6.07
C THR A 64 3.67 3.22 -5.00
N LEU A 65 3.12 3.98 -4.06
CA LEU A 65 2.34 3.43 -2.96
C LEU A 65 0.87 3.63 -3.23
N ALA A 66 0.10 2.55 -3.33
CA ALA A 66 -1.33 2.67 -3.59
C ALA A 66 -2.15 1.64 -2.83
N LYS A 67 -3.29 2.09 -2.31
CA LYS A 67 -4.21 1.24 -1.60
C LYS A 67 -5.33 0.87 -2.55
N VAL A 68 -5.31 -0.36 -3.03
CA VAL A 68 -6.33 -0.80 -3.98
C VAL A 68 -7.61 -1.22 -3.27
N LEU A 69 -7.48 -1.69 -2.04
CA LEU A 69 -8.66 -2.14 -1.29
C LEU A 69 -8.63 -1.63 0.15
N PRO A 70 -9.77 -1.18 0.69
CA PRO A 70 -11.04 -1.13 -0.05
C PRO A 70 -11.16 0.11 -0.95
N PRO A 71 -11.93 0.02 -2.04
CA PRO A 71 -12.15 1.14 -2.97
C PRO A 71 -12.81 2.34 -2.27
N PRO A 72 -12.60 3.58 -2.76
CA PRO A 72 -11.76 3.90 -3.93
C PRO A 72 -10.27 3.67 -3.70
N VAL A 73 -9.53 3.51 -4.79
CA VAL A 73 -8.08 3.29 -4.72
C VAL A 73 -7.36 4.58 -4.37
N ARG A 74 -6.53 4.51 -3.32
CA ARG A 74 -5.78 5.67 -2.86
C ARG A 74 -4.31 5.57 -3.25
N ARG A 75 -3.84 6.53 -4.03
CA ARG A 75 -2.45 6.52 -4.44
C ARG A 75 -1.66 7.55 -3.65
N ILE A 76 -0.58 7.10 -3.04
CA ILE A 76 0.26 7.95 -2.23
C ILE A 76 1.61 8.14 -2.93
N ILE A 77 1.94 9.38 -3.28
CA ILE A 77 3.19 9.69 -3.96
C ILE A 77 4.05 10.65 -3.15
N GLY A 78 5.29 10.26 -2.90
CA GLY A 78 6.20 11.09 -2.13
C GLY A 78 7.46 10.34 -1.75
N ASP A 79 8.23 10.90 -0.81
CA ASP A 79 9.45 10.26 -0.37
C ASP A 79 9.12 9.21 0.69
N LEU A 80 9.11 7.94 0.27
CA LEU A 80 8.77 6.85 1.17
C LEU A 80 10.00 6.29 1.89
N SER A 81 11.18 6.83 1.61
CA SER A 81 12.40 6.37 2.26
C SER A 81 12.39 6.75 3.74
N ASN A 82 11.59 7.76 4.07
CA ASN A 82 11.45 8.21 5.45
C ASN A 82 10.36 7.40 6.14
N ARG A 83 10.73 6.70 7.21
CA ARG A 83 9.80 5.85 7.95
C ARG A 83 8.62 6.65 8.49
N GLU A 84 8.87 7.89 8.92
CA GLU A 84 7.79 8.72 9.45
C GLU A 84 6.69 8.97 8.42
N LYS A 85 7.06 9.29 7.17
CA LYS A 85 6.03 9.52 6.15
C LYS A 85 5.24 8.26 5.86
N VAL A 86 5.92 7.12 5.78
CA VAL A 86 5.24 5.86 5.54
C VAL A 86 4.27 5.54 6.69
N LEU A 87 4.76 5.70 7.91
CA LEU A 87 3.95 5.46 9.12
C LEU A 87 2.78 6.43 9.23
N ILE A 88 3.07 7.72 9.07
CA ILE A 88 2.03 8.76 9.17
C ILE A 88 0.96 8.60 8.10
N ALA A 89 1.38 8.42 6.84
CA ALA A 89 0.44 8.26 5.74
C ALA A 89 -0.39 6.99 5.89
N LEU A 90 0.26 5.90 6.31
CA LEU A 90 -0.41 4.63 6.50
C LEU A 90 -1.42 4.72 7.65
N ARG A 91 -1.03 5.42 8.71
CA ARG A 91 -1.90 5.62 9.88
C ARG A 91 -3.17 6.37 9.49
N LEU A 92 -3.01 7.42 8.69
CA LEU A 92 -4.15 8.22 8.23
C LEU A 92 -5.12 7.36 7.41
N LEU A 93 -4.56 6.52 6.55
CA LEU A 93 -5.37 5.63 5.72
C LEU A 93 -6.12 4.61 6.59
N ALA A 94 -5.42 4.06 7.58
CA ALA A 94 -6.00 3.07 8.49
C ALA A 94 -7.15 3.67 9.29
N GLU A 95 -7.01 4.93 9.71
CA GLU A 95 -8.05 5.61 10.47
C GLU A 95 -9.33 5.72 9.64
N GLU A 96 -9.17 5.98 8.36
CA GLU A 96 -10.31 6.08 7.45
C GLU A 96 -11.06 4.75 7.38
N ILE A 97 -10.28 3.68 7.36
CA ILE A 97 -10.82 2.31 7.30
C ILE A 97 -11.58 1.99 8.59
N GLY A 98 -10.99 2.34 9.73
CA GLY A 98 -11.63 2.09 11.01
C GLY A 98 -12.94 2.82 11.17
N ASP A 99 -13.01 4.03 10.62
CA ASP A 99 -14.21 4.86 10.68
C ASP A 99 -15.38 4.18 9.96
N TYR A 100 -15.09 3.55 8.82
CA TYR A 100 -16.12 2.88 8.05
C TYR A 100 -16.34 1.46 8.56
N LYS A 101 -17.53 1.22 9.10
CA LYS A 101 -17.87 -0.09 9.64
C LYS A 101 -18.44 -0.98 8.53
N ASP A 102 -17.98 -2.23 8.49
CA ASP A 102 -18.44 -3.17 7.48
C ASP A 102 -18.58 -4.57 8.08
N ASP A 103 -19.84 -5.02 8.20
CA ASP A 103 -20.16 -6.34 8.75
C ASP A 103 -19.57 -6.54 10.14
N ASP A 104 -19.82 -5.58 11.03
CA ASP A 104 -19.31 -5.64 12.41
C ASP A 104 -19.93 -6.79 13.19
N ASP A 105 -21.17 -7.14 12.85
CA ASP A 105 -21.88 -8.22 13.53
C ASP A 105 -21.65 -9.55 12.82
N LYS A 106 -20.74 -10.36 13.38
CA LYS A 106 -20.40 -11.68 12.82
C LYS A 106 -19.96 -11.58 11.37
N MET A 1 -7.01 -18.60 -0.10
CA MET A 1 -8.24 -19.30 0.34
C MET A 1 -8.89 -18.56 1.51
N ALA A 2 -8.18 -17.58 2.04
CA ALA A 2 -8.68 -16.78 3.15
C ALA A 2 -9.29 -15.47 2.66
N PRO A 3 -10.60 -15.26 2.87
CA PRO A 3 -11.30 -14.05 2.45
C PRO A 3 -10.91 -12.83 3.28
N LEU A 4 -11.01 -11.65 2.68
CA LEU A 4 -10.67 -10.41 3.36
C LEU A 4 -11.92 -9.58 3.63
N ARG A 5 -12.04 -9.06 4.85
CA ARG A 5 -13.20 -8.26 5.23
C ARG A 5 -12.78 -6.90 5.78
N LYS A 6 -12.14 -6.91 6.95
CA LYS A 6 -11.70 -5.66 7.59
C LYS A 6 -10.26 -5.34 7.23
N THR A 7 -9.60 -6.24 6.51
CA THR A 7 -8.22 -6.03 6.11
C THR A 7 -8.13 -5.32 4.77
N ALA A 8 -7.41 -4.21 4.76
CA ALA A 8 -7.21 -3.42 3.56
C ALA A 8 -6.03 -3.94 2.77
N VAL A 9 -6.06 -3.73 1.46
CA VAL A 9 -4.97 -4.19 0.61
C VAL A 9 -4.17 -3.00 0.10
N LEU A 10 -2.90 -3.00 0.42
CA LEU A 10 -2.01 -1.94 0.00
C LEU A 10 -1.01 -2.51 -0.99
N LYS A 11 -0.89 -1.89 -2.15
CA LYS A 11 0.02 -2.41 -3.16
C LYS A 11 1.20 -1.47 -3.36
N LEU A 12 2.39 -2.03 -3.39
CA LEU A 12 3.60 -1.25 -3.60
C LEU A 12 4.19 -1.61 -4.93
N TYR A 13 4.40 -0.62 -5.78
CA TYR A 13 4.98 -0.88 -7.09
C TYR A 13 6.47 -0.54 -7.06
N VAL A 14 7.31 -1.52 -7.32
CA VAL A 14 8.74 -1.31 -7.29
C VAL A 14 9.39 -1.75 -8.60
N ALA A 15 10.60 -1.26 -8.85
CA ALA A 15 11.31 -1.60 -10.07
C ALA A 15 12.60 -2.32 -9.75
N GLY A 16 12.59 -3.64 -9.94
CA GLY A 16 13.76 -4.46 -9.67
C GLY A 16 14.24 -4.38 -8.23
N ASN A 17 15.54 -4.20 -8.06
CA ASN A 17 16.13 -4.10 -6.73
C ASN A 17 16.94 -2.83 -6.57
N THR A 18 16.44 -1.74 -7.14
CA THR A 18 17.12 -0.46 -7.03
C THR A 18 17.07 0.02 -5.59
N PRO A 19 18.03 0.87 -5.18
CA PRO A 19 18.08 1.37 -3.79
C PRO A 19 16.77 2.02 -3.35
N ASN A 20 16.11 2.73 -4.27
CA ASN A 20 14.83 3.37 -3.94
C ASN A 20 13.77 2.32 -3.64
N SER A 21 13.71 1.28 -4.48
CA SER A 21 12.76 0.19 -4.31
C SER A 21 13.09 -0.63 -3.07
N VAL A 22 14.36 -0.94 -2.87
CA VAL A 22 14.78 -1.73 -1.71
C VAL A 22 14.50 -0.96 -0.43
N ARG A 23 14.87 0.32 -0.42
CA ARG A 23 14.67 1.18 0.74
C ARG A 23 13.19 1.33 1.04
N ALA A 24 12.40 1.57 0.01
CA ALA A 24 10.97 1.75 0.17
C ALA A 24 10.30 0.47 0.69
N LEU A 25 10.69 -0.67 0.14
CA LEU A 25 10.13 -1.95 0.56
C LEU A 25 10.44 -2.26 2.02
N LYS A 26 11.66 -1.98 2.45
CA LYS A 26 12.04 -2.19 3.85
C LYS A 26 11.21 -1.30 4.77
N THR A 27 11.00 -0.06 4.33
CA THR A 27 10.24 0.91 5.10
C THR A 27 8.76 0.50 5.20
N LEU A 28 8.18 0.08 4.08
CA LEU A 28 6.76 -0.31 4.04
C LEU A 28 6.49 -1.63 4.75
N ALA A 29 7.26 -2.66 4.39
CA ALA A 29 7.06 -4.00 4.97
C ALA A 29 7.27 -4.01 6.47
N ASN A 30 8.32 -3.35 6.95
CA ASN A 30 8.61 -3.34 8.39
C ASN A 30 7.49 -2.64 9.17
N ILE A 31 7.02 -1.52 8.65
CA ILE A 31 5.96 -0.78 9.31
C ILE A 31 4.67 -1.60 9.33
N LEU A 32 4.32 -2.21 8.22
CA LEU A 32 3.12 -3.03 8.13
C LEU A 32 3.24 -4.31 8.96
N GLU A 33 4.43 -4.91 9.02
CA GLU A 33 4.66 -6.14 9.78
C GLU A 33 4.63 -5.91 11.30
N LYS A 34 4.91 -4.68 11.74
CA LYS A 34 4.92 -4.40 13.17
C LYS A 34 3.82 -3.41 13.57
N GLU A 35 3.86 -2.22 12.99
CA GLU A 35 2.91 -1.15 13.29
C GLU A 35 1.47 -1.49 12.88
N PHE A 36 1.29 -2.11 11.72
CA PHE A 36 -0.07 -2.45 11.25
C PHE A 36 -0.26 -3.94 10.98
N LYS A 37 0.47 -4.78 11.70
CA LYS A 37 0.35 -6.22 11.50
C LYS A 37 -1.06 -6.71 11.81
N GLY A 38 -1.64 -7.44 10.86
CA GLY A 38 -2.97 -7.97 11.04
C GLY A 38 -4.07 -7.04 10.53
N VAL A 39 -3.69 -5.80 10.18
CA VAL A 39 -4.67 -4.84 9.68
C VAL A 39 -4.53 -4.62 8.19
N TYR A 40 -3.30 -4.50 7.69
CA TYR A 40 -3.11 -4.27 6.26
C TYR A 40 -2.39 -5.44 5.60
N ALA A 41 -2.79 -5.73 4.36
CA ALA A 41 -2.16 -6.77 3.58
C ALA A 41 -1.28 -6.11 2.52
N LEU A 42 0.00 -6.45 2.50
CA LEU A 42 0.93 -5.84 1.56
C LEU A 42 1.09 -6.66 0.29
N LYS A 43 0.91 -6.00 -0.85
CA LYS A 43 1.03 -6.62 -2.16
C LYS A 43 2.03 -5.83 -2.99
N VAL A 44 3.18 -6.42 -3.21
CA VAL A 44 4.24 -5.79 -3.98
C VAL A 44 4.20 -6.24 -5.42
N ILE A 45 4.19 -5.26 -6.32
CA ILE A 45 4.12 -5.50 -7.74
C ILE A 45 5.44 -5.12 -8.39
N ASP A 46 6.14 -6.10 -8.96
CA ASP A 46 7.41 -5.83 -9.63
C ASP A 46 7.13 -5.44 -11.07
N VAL A 47 7.19 -4.14 -11.35
CA VAL A 47 6.88 -3.62 -12.69
C VAL A 47 7.89 -4.09 -13.76
N LEU A 48 9.16 -4.24 -13.40
CA LEU A 48 10.18 -4.69 -14.35
C LEU A 48 10.00 -6.17 -14.71
N LYS A 49 9.63 -6.98 -13.72
CA LYS A 49 9.45 -8.42 -13.92
C LYS A 49 8.20 -8.67 -14.77
N ASN A 50 7.14 -7.93 -14.49
CA ASN A 50 5.91 -8.07 -15.25
C ASN A 50 5.38 -6.71 -15.64
N PRO A 51 5.97 -6.12 -16.69
CA PRO A 51 5.56 -4.80 -17.18
C PRO A 51 4.12 -4.78 -17.69
N GLN A 52 3.59 -5.96 -18.02
CA GLN A 52 2.21 -6.07 -18.49
C GLN A 52 1.27 -5.63 -17.38
N LEU A 53 1.58 -6.04 -16.15
CA LEU A 53 0.76 -5.67 -15.01
C LEU A 53 0.95 -4.20 -14.70
N ALA A 54 2.18 -3.71 -14.89
CA ALA A 54 2.50 -2.31 -14.66
C ALA A 54 1.71 -1.44 -15.63
N GLU A 55 1.65 -1.89 -16.88
CA GLU A 55 0.92 -1.20 -17.93
C GLU A 55 -0.58 -1.23 -17.63
N GLU A 56 -1.04 -2.37 -17.11
CA GLU A 56 -2.46 -2.54 -16.79
C GLU A 56 -2.88 -1.52 -15.74
N ASP A 57 -2.01 -1.27 -14.75
CA ASP A 57 -2.31 -0.28 -13.71
C ASP A 57 -1.66 1.06 -14.04
N LYS A 58 -1.13 1.17 -15.27
CA LYS A 58 -0.50 2.40 -15.77
C LYS A 58 0.55 2.96 -14.81
N ILE A 59 1.48 2.11 -14.40
CA ILE A 59 2.55 2.52 -13.51
C ILE A 59 3.74 3.07 -14.28
N LEU A 60 3.92 4.38 -14.23
CA LEU A 60 5.03 5.03 -14.94
C LEU A 60 6.12 5.50 -13.98
N ALA A 61 5.94 5.23 -12.69
CA ALA A 61 6.91 5.63 -11.68
C ALA A 61 7.04 4.59 -10.58
N THR A 62 8.23 4.50 -10.00
CA THR A 62 8.51 3.56 -8.94
C THR A 62 9.54 4.13 -7.96
N PRO A 63 9.39 3.86 -6.66
CA PRO A 63 8.26 3.08 -6.14
C PRO A 63 6.99 3.92 -6.01
N THR A 64 5.86 3.25 -6.13
CA THR A 64 4.55 3.90 -6.00
C THR A 64 3.71 3.14 -4.99
N LEU A 65 3.12 3.85 -4.04
CA LEU A 65 2.30 3.26 -3.01
C LEU A 65 0.83 3.53 -3.29
N ALA A 66 0.03 2.47 -3.44
CA ALA A 66 -1.39 2.64 -3.71
C ALA A 66 -2.23 1.62 -2.95
N LYS A 67 -3.32 2.11 -2.36
CA LYS A 67 -4.23 1.25 -1.63
C LYS A 67 -5.42 0.98 -2.53
N VAL A 68 -5.47 -0.22 -3.08
CA VAL A 68 -6.55 -0.58 -3.99
C VAL A 68 -7.82 -0.97 -3.25
N LEU A 69 -7.66 -1.48 -2.03
CA LEU A 69 -8.83 -1.89 -1.24
C LEU A 69 -8.73 -1.40 0.19
N PRO A 70 -9.85 -0.92 0.78
CA PRO A 70 -11.14 -0.82 0.09
C PRO A 70 -11.23 0.42 -0.81
N PRO A 71 -12.05 0.36 -1.89
CA PRO A 71 -12.25 1.49 -2.80
C PRO A 71 -12.83 2.72 -2.10
N PRO A 72 -12.56 3.95 -2.58
CA PRO A 72 -11.74 4.22 -3.78
C PRO A 72 -10.25 3.93 -3.58
N VAL A 73 -9.53 3.75 -4.69
CA VAL A 73 -8.11 3.48 -4.66
C VAL A 73 -7.32 4.74 -4.30
N ARG A 74 -6.48 4.64 -3.28
CA ARG A 74 -5.67 5.76 -2.83
C ARG A 74 -4.22 5.61 -3.25
N ARG A 75 -3.74 6.55 -4.04
CA ARG A 75 -2.36 6.52 -4.49
C ARG A 75 -1.54 7.55 -3.72
N ILE A 76 -0.49 7.08 -3.09
CA ILE A 76 0.38 7.95 -2.30
C ILE A 76 1.72 8.14 -2.99
N ILE A 77 2.04 9.38 -3.36
CA ILE A 77 3.29 9.70 -4.04
C ILE A 77 4.08 10.73 -3.24
N GLY A 78 5.35 10.42 -2.97
CA GLY A 78 6.19 11.32 -2.21
C GLY A 78 7.48 10.67 -1.77
N ASP A 79 8.11 11.23 -0.74
CA ASP A 79 9.35 10.66 -0.22
C ASP A 79 9.05 9.49 0.70
N LEU A 80 8.91 8.31 0.11
CA LEU A 80 8.58 7.09 0.85
C LEU A 80 9.78 6.52 1.60
N SER A 81 10.96 7.05 1.32
CA SER A 81 12.18 6.58 1.99
C SER A 81 12.17 6.95 3.47
N ASN A 82 11.34 7.92 3.83
CA ASN A 82 11.21 8.35 5.21
C ASN A 82 10.13 7.51 5.90
N ARG A 83 10.53 6.81 6.96
CA ARG A 83 9.61 5.95 7.70
C ARG A 83 8.43 6.73 8.26
N GLU A 84 8.66 7.97 8.69
CA GLU A 84 7.59 8.80 9.24
C GLU A 84 6.47 9.03 8.23
N LYS A 85 6.82 9.35 6.98
CA LYS A 85 5.77 9.57 5.97
C LYS A 85 4.99 8.30 5.70
N VAL A 86 5.68 7.17 5.64
CA VAL A 86 5.03 5.89 5.41
C VAL A 86 4.09 5.56 6.57
N LEU A 87 4.60 5.72 7.80
CA LEU A 87 3.81 5.46 9.00
C LEU A 87 2.63 6.42 9.14
N ILE A 88 2.90 7.71 8.96
CA ILE A 88 1.85 8.73 9.08
C ILE A 88 0.74 8.52 8.04
N ALA A 89 1.14 8.27 6.79
CA ALA A 89 0.17 8.04 5.72
C ALA A 89 -0.67 6.79 5.99
N LEU A 90 0.00 5.73 6.48
CA LEU A 90 -0.71 4.48 6.78
C LEU A 90 -1.68 4.68 7.95
N ARG A 91 -1.28 5.47 8.96
CA ARG A 91 -2.14 5.73 10.11
C ARG A 91 -3.40 6.48 9.69
N LEU A 92 -3.24 7.47 8.82
CA LEU A 92 -4.38 8.26 8.33
C LEU A 92 -5.33 7.37 7.53
N LEU A 93 -4.77 6.48 6.72
CA LEU A 93 -5.58 5.56 5.92
C LEU A 93 -6.33 4.58 6.83
N ALA A 94 -5.63 4.10 7.87
CA ALA A 94 -6.20 3.15 8.82
C ALA A 94 -7.37 3.75 9.58
N GLU A 95 -7.27 5.03 9.93
CA GLU A 95 -8.33 5.72 10.64
C GLU A 95 -9.60 5.75 9.80
N GLU A 96 -9.42 5.91 8.49
CA GLU A 96 -10.54 5.93 7.55
C GLU A 96 -11.26 4.59 7.56
N ILE A 97 -10.49 3.51 7.62
CA ILE A 97 -11.03 2.15 7.65
C ILE A 97 -11.73 1.87 8.97
N GLY A 98 -11.09 2.28 10.07
CA GLY A 98 -11.66 2.07 11.39
C GLY A 98 -12.91 2.88 11.63
N ASP A 99 -13.06 3.96 10.86
CA ASP A 99 -14.23 4.84 10.97
C ASP A 99 -15.52 4.08 10.62
N TYR A 100 -15.43 3.22 9.61
CA TYR A 100 -16.58 2.44 9.18
C TYR A 100 -16.95 1.42 10.26
N LYS A 101 -18.20 1.45 10.66
CA LYS A 101 -18.71 0.55 11.69
C LYS A 101 -19.40 -0.66 11.07
N ASP A 102 -19.32 -1.79 11.74
CA ASP A 102 -19.94 -3.03 11.26
C ASP A 102 -20.26 -3.94 12.44
N ASP A 103 -21.20 -4.87 12.23
CA ASP A 103 -21.59 -5.80 13.28
C ASP A 103 -20.71 -7.05 13.22
N ASP A 104 -19.77 -7.15 14.16
CA ASP A 104 -18.87 -8.30 14.23
C ASP A 104 -19.38 -9.36 15.20
N ASP A 105 -20.60 -9.16 15.71
CA ASP A 105 -21.23 -10.09 16.65
C ASP A 105 -20.36 -10.34 17.88
N LYS A 106 -19.81 -9.26 18.42
CA LYS A 106 -18.95 -9.36 19.61
C LYS A 106 -19.40 -8.37 20.67
N MET A 1 -21.23 1.69 -3.00
CA MET A 1 -21.24 0.86 -4.23
C MET A 1 -20.09 -0.14 -4.23
N ALA A 2 -19.27 -0.06 -3.19
CA ALA A 2 -18.12 -0.96 -3.07
C ALA A 2 -18.09 -1.62 -1.70
N PRO A 3 -17.61 -2.88 -1.61
CA PRO A 3 -17.52 -3.61 -0.36
C PRO A 3 -16.44 -3.08 0.58
N LEU A 4 -16.67 -3.22 1.88
CA LEU A 4 -15.71 -2.75 2.88
C LEU A 4 -15.21 -3.92 3.71
N ARG A 5 -13.90 -3.93 3.97
CA ARG A 5 -13.28 -5.00 4.76
C ARG A 5 -12.40 -4.42 5.86
N LYS A 6 -12.30 -5.13 6.97
CA LYS A 6 -11.48 -4.69 8.10
C LYS A 6 -10.01 -4.62 7.69
N THR A 7 -9.58 -5.61 6.93
CA THR A 7 -8.22 -5.66 6.46
C THR A 7 -8.08 -4.98 5.11
N ALA A 8 -7.20 -3.99 5.06
CA ALA A 8 -6.96 -3.24 3.84
C ALA A 8 -5.77 -3.80 3.07
N VAL A 9 -5.79 -3.62 1.76
CA VAL A 9 -4.73 -4.11 0.91
C VAL A 9 -3.94 -2.94 0.32
N LEU A 10 -2.64 -2.96 0.56
CA LEU A 10 -1.76 -1.92 0.06
C LEU A 10 -0.83 -2.54 -0.98
N LYS A 11 -0.72 -1.92 -2.14
CA LYS A 11 0.14 -2.47 -3.18
C LYS A 11 1.29 -1.52 -3.47
N LEU A 12 2.49 -2.07 -3.49
CA LEU A 12 3.68 -1.30 -3.77
C LEU A 12 4.21 -1.67 -5.14
N TYR A 13 4.38 -0.70 -6.01
CA TYR A 13 4.90 -0.96 -7.34
C TYR A 13 6.37 -0.59 -7.35
N VAL A 14 7.23 -1.56 -7.65
CA VAL A 14 8.66 -1.32 -7.65
C VAL A 14 9.30 -1.75 -8.96
N ALA A 15 10.49 -1.22 -9.22
CA ALA A 15 11.20 -1.56 -10.43
C ALA A 15 12.49 -2.28 -10.07
N GLY A 16 12.50 -3.60 -10.29
CA GLY A 16 13.67 -4.40 -9.98
C GLY A 16 14.01 -4.37 -8.50
N ASN A 17 15.27 -4.10 -8.19
CA ASN A 17 15.70 -4.04 -6.80
C ASN A 17 16.61 -2.84 -6.59
N THR A 18 16.13 -1.67 -7.00
CA THR A 18 16.89 -0.44 -6.84
C THR A 18 16.84 0.01 -5.39
N PRO A 19 17.82 0.84 -4.95
CA PRO A 19 17.87 1.34 -3.58
C PRO A 19 16.57 2.02 -3.16
N ASN A 20 15.93 2.74 -4.07
CA ASN A 20 14.68 3.42 -3.77
C ASN A 20 13.58 2.39 -3.46
N SER A 21 13.52 1.36 -4.31
CA SER A 21 12.56 0.27 -4.15
C SER A 21 12.86 -0.54 -2.90
N VAL A 22 14.14 -0.84 -2.68
CA VAL A 22 14.55 -1.60 -1.50
C VAL A 22 14.25 -0.82 -0.23
N ARG A 23 14.58 0.46 -0.24
CA ARG A 23 14.35 1.34 0.90
C ARG A 23 12.87 1.44 1.21
N ALA A 24 12.08 1.67 0.15
CA ALA A 24 10.64 1.79 0.31
C ALA A 24 10.02 0.49 0.80
N LEU A 25 10.49 -0.63 0.24
CA LEU A 25 10.01 -1.95 0.61
C LEU A 25 10.27 -2.26 2.08
N LYS A 26 11.50 -2.02 2.54
CA LYS A 26 11.84 -2.26 3.94
C LYS A 26 11.03 -1.37 4.87
N THR A 27 10.85 -0.12 4.47
CA THR A 27 10.10 0.86 5.26
C THR A 27 8.62 0.47 5.36
N LEU A 28 8.03 0.08 4.23
CA LEU A 28 6.62 -0.29 4.19
C LEU A 28 6.35 -1.61 4.90
N ALA A 29 7.13 -2.64 4.56
CA ALA A 29 6.94 -3.98 5.13
C ALA A 29 7.13 -4.01 6.65
N ASN A 30 8.19 -3.38 7.15
CA ASN A 30 8.44 -3.39 8.60
C ASN A 30 7.34 -2.67 9.35
N ILE A 31 6.92 -1.52 8.84
CA ILE A 31 5.86 -0.76 9.49
C ILE A 31 4.55 -1.55 9.49
N LEU A 32 4.21 -2.14 8.36
CA LEU A 32 2.98 -2.93 8.25
C LEU A 32 3.04 -4.26 9.02
N GLU A 33 4.24 -4.82 9.20
CA GLU A 33 4.38 -6.09 9.93
C GLU A 33 4.57 -5.88 11.43
N LYS A 34 4.66 -4.63 11.86
CA LYS A 34 4.83 -4.33 13.28
C LYS A 34 3.81 -3.31 13.76
N GLU A 35 3.88 -2.12 13.19
CA GLU A 35 2.98 -1.02 13.55
C GLU A 35 1.52 -1.32 13.21
N PHE A 36 1.30 -1.93 12.04
CA PHE A 36 -0.06 -2.26 11.59
C PHE A 36 -0.23 -3.75 11.35
N LYS A 37 0.52 -4.56 12.10
CA LYS A 37 0.45 -6.01 11.95
C LYS A 37 -0.95 -6.54 12.19
N GLY A 38 -1.46 -7.31 11.23
CA GLY A 38 -2.79 -7.88 11.35
C GLY A 38 -3.89 -6.97 10.82
N VAL A 39 -3.53 -5.74 10.46
CA VAL A 39 -4.53 -4.79 9.95
C VAL A 39 -4.39 -4.59 8.44
N TYR A 40 -3.16 -4.49 7.94
CA TYR A 40 -2.96 -4.28 6.51
C TYR A 40 -2.24 -5.44 5.85
N ALA A 41 -2.65 -5.72 4.62
CA ALA A 41 -2.02 -6.76 3.81
C ALA A 41 -1.15 -6.09 2.74
N LEU A 42 0.13 -6.44 2.70
CA LEU A 42 1.04 -5.82 1.74
C LEU A 42 1.23 -6.66 0.49
N LYS A 43 1.08 -6.01 -0.65
CA LYS A 43 1.23 -6.62 -1.96
C LYS A 43 2.24 -5.81 -2.76
N VAL A 44 3.17 -6.49 -3.40
CA VAL A 44 4.20 -5.83 -4.19
C VAL A 44 4.15 -6.29 -5.64
N ILE A 45 4.13 -5.31 -6.53
CA ILE A 45 4.04 -5.55 -7.95
C ILE A 45 5.35 -5.15 -8.63
N ASP A 46 6.05 -6.12 -9.22
CA ASP A 46 7.30 -5.82 -9.90
C ASP A 46 7.00 -5.40 -11.34
N VAL A 47 7.10 -4.11 -11.61
CA VAL A 47 6.80 -3.56 -12.92
C VAL A 47 7.80 -3.96 -14.02
N LEU A 48 9.02 -4.38 -13.65
CA LEU A 48 10.01 -4.78 -14.65
C LEU A 48 9.86 -6.25 -15.03
N LYS A 49 9.56 -7.11 -14.05
CA LYS A 49 9.39 -8.53 -14.34
C LYS A 49 8.10 -8.76 -15.12
N ASN A 50 7.06 -7.99 -14.78
CA ASN A 50 5.80 -8.09 -15.46
C ASN A 50 5.30 -6.71 -15.82
N PRO A 51 5.87 -6.11 -16.87
CA PRO A 51 5.49 -4.78 -17.33
C PRO A 51 4.04 -4.71 -17.81
N GLN A 52 3.47 -5.87 -18.14
CA GLN A 52 2.08 -5.94 -18.59
C GLN A 52 1.18 -5.48 -17.48
N LEU A 53 1.49 -5.88 -16.24
CA LEU A 53 0.69 -5.49 -15.10
C LEU A 53 0.89 -4.01 -14.81
N ALA A 54 2.13 -3.54 -15.02
CA ALA A 54 2.47 -2.14 -14.81
C ALA A 54 1.69 -1.26 -15.77
N GLU A 55 1.61 -1.71 -17.02
CA GLU A 55 0.87 -0.99 -18.05
C GLU A 55 -0.61 -1.01 -17.75
N GLU A 56 -1.10 -2.15 -17.24
CA GLU A 56 -2.51 -2.29 -16.90
C GLU A 56 -2.90 -1.28 -15.82
N ASP A 57 -2.02 -1.07 -14.84
CA ASP A 57 -2.29 -0.09 -13.79
C ASP A 57 -1.62 1.25 -14.09
N LYS A 58 -1.11 1.38 -15.32
CA LYS A 58 -0.45 2.60 -15.81
C LYS A 58 0.61 3.14 -14.85
N ILE A 59 1.55 2.28 -14.47
CA ILE A 59 2.62 2.68 -13.57
C ILE A 59 3.81 3.22 -14.37
N LEU A 60 4.03 4.53 -14.28
CA LEU A 60 5.12 5.17 -15.00
C LEU A 60 6.28 5.58 -14.08
N ALA A 61 6.08 5.42 -12.77
CA ALA A 61 7.12 5.78 -11.80
C ALA A 61 7.11 4.82 -10.62
N THR A 62 8.30 4.51 -10.11
CA THR A 62 8.46 3.60 -9.00
C THR A 62 9.46 4.16 -7.98
N PRO A 63 9.29 3.84 -6.69
CA PRO A 63 8.18 3.01 -6.23
C PRO A 63 6.85 3.78 -6.18
N THR A 64 5.77 3.06 -6.35
CA THR A 64 4.43 3.62 -6.31
C THR A 64 3.65 2.98 -5.19
N LEU A 65 3.14 3.80 -4.27
CA LEU A 65 2.36 3.29 -3.15
C LEU A 65 0.88 3.55 -3.39
N ALA A 66 0.08 2.51 -3.50
CA ALA A 66 -1.34 2.67 -3.74
C ALA A 66 -2.16 1.64 -2.95
N LYS A 67 -3.25 2.12 -2.35
CA LYS A 67 -4.13 1.26 -1.59
C LYS A 67 -5.32 0.89 -2.45
N VAL A 68 -5.29 -0.32 -2.99
CA VAL A 68 -6.36 -0.79 -3.84
C VAL A 68 -7.62 -1.08 -3.04
N LEU A 69 -7.43 -1.66 -1.85
CA LEU A 69 -8.58 -2.01 -1.02
C LEU A 69 -8.44 -1.46 0.40
N PRO A 70 -9.56 -0.98 1.00
CA PRO A 70 -10.87 -0.92 0.33
C PRO A 70 -10.96 0.20 -0.70
N PRO A 71 -11.82 0.04 -1.73
CA PRO A 71 -12.02 1.04 -2.78
C PRO A 71 -12.50 2.39 -2.21
N PRO A 72 -12.16 3.52 -2.86
CA PRO A 72 -11.33 3.55 -4.08
C PRO A 72 -9.84 3.39 -3.80
N VAL A 73 -9.07 3.18 -4.88
CA VAL A 73 -7.62 3.02 -4.77
C VAL A 73 -6.95 4.35 -4.44
N ARG A 74 -6.18 4.36 -3.35
CA ARG A 74 -5.48 5.58 -2.92
C ARG A 74 -4.02 5.54 -3.34
N ARG A 75 -3.63 6.43 -4.23
CA ARG A 75 -2.24 6.48 -4.66
C ARG A 75 -1.48 7.55 -3.90
N ILE A 76 -0.47 7.12 -3.17
CA ILE A 76 0.36 8.02 -2.39
C ILE A 76 1.72 8.17 -3.07
N ILE A 77 2.04 9.38 -3.50
CA ILE A 77 3.31 9.63 -4.19
C ILE A 77 4.18 10.62 -3.40
N GLY A 78 5.42 10.21 -3.14
CA GLY A 78 6.33 11.06 -2.39
C GLY A 78 7.56 10.30 -1.96
N ASP A 79 8.33 10.87 -1.03
CA ASP A 79 9.52 10.21 -0.53
C ASP A 79 9.13 9.18 0.52
N LEU A 80 9.11 7.91 0.12
CA LEU A 80 8.72 6.83 1.01
C LEU A 80 9.90 6.27 1.80
N SER A 81 11.09 6.76 1.53
CA SER A 81 12.29 6.29 2.24
C SER A 81 12.22 6.75 3.70
N ASN A 82 11.42 7.78 3.95
CA ASN A 82 11.22 8.30 5.30
C ASN A 82 10.14 7.48 6.00
N ARG A 83 10.54 6.81 7.09
CA ARG A 83 9.61 5.95 7.83
C ARG A 83 8.41 6.73 8.39
N GLU A 84 8.64 7.97 8.83
CA GLU A 84 7.56 8.79 9.37
C GLU A 84 6.46 9.04 8.34
N LYS A 85 6.82 9.37 7.10
CA LYS A 85 5.80 9.61 6.08
C LYS A 85 5.00 8.34 5.82
N VAL A 86 5.70 7.20 5.77
CA VAL A 86 5.04 5.93 5.56
C VAL A 86 4.09 5.61 6.73
N LEU A 87 4.56 5.85 7.95
CA LEU A 87 3.76 5.60 9.15
C LEU A 87 2.59 6.57 9.24
N ILE A 88 2.85 7.85 9.02
CA ILE A 88 1.81 8.87 9.08
C ILE A 88 0.72 8.62 8.04
N ALA A 89 1.12 8.33 6.80
CA ALA A 89 0.17 8.06 5.74
C ALA A 89 -0.66 6.80 6.03
N LEU A 90 0.01 5.76 6.53
CA LEU A 90 -0.68 4.50 6.87
C LEU A 90 -1.64 4.71 8.04
N ARG A 91 -1.21 5.53 9.01
CA ARG A 91 -2.02 5.83 10.19
C ARG A 91 -3.32 6.53 9.79
N LEU A 92 -3.21 7.52 8.92
CA LEU A 92 -4.39 8.27 8.45
C LEU A 92 -5.31 7.37 7.64
N LEU A 93 -4.74 6.51 6.81
CA LEU A 93 -5.55 5.60 6.00
C LEU A 93 -6.32 4.62 6.89
N ALA A 94 -5.65 4.14 7.93
CA ALA A 94 -6.25 3.21 8.88
C ALA A 94 -7.42 3.84 9.62
N GLU A 95 -7.27 5.12 9.97
CA GLU A 95 -8.34 5.83 10.68
C GLU A 95 -9.59 5.90 9.80
N GLU A 96 -9.38 6.08 8.51
CA GLU A 96 -10.48 6.14 7.55
C GLU A 96 -11.23 4.81 7.52
N ILE A 97 -10.48 3.72 7.59
CA ILE A 97 -11.04 2.37 7.57
C ILE A 97 -11.82 2.09 8.86
N GLY A 98 -11.22 2.48 9.99
CA GLY A 98 -11.86 2.28 11.28
C GLY A 98 -13.13 3.10 11.44
N ASP A 99 -13.22 4.19 10.70
CA ASP A 99 -14.39 5.07 10.73
C ASP A 99 -15.64 4.33 10.27
N TYR A 100 -15.49 3.47 9.26
CA TYR A 100 -16.61 2.73 8.73
C TYR A 100 -16.82 1.43 9.52
N LYS A 101 -17.89 1.41 10.30
CA LYS A 101 -18.21 0.25 11.12
C LYS A 101 -19.00 -0.78 10.32
N ASP A 102 -18.72 -2.06 10.59
CA ASP A 102 -19.40 -3.15 9.89
C ASP A 102 -19.28 -4.44 10.72
N ASP A 103 -20.14 -5.40 10.44
CA ASP A 103 -20.12 -6.66 11.17
C ASP A 103 -19.14 -7.64 10.51
N ASP A 104 -17.99 -7.84 11.16
CA ASP A 104 -16.95 -8.74 10.65
C ASP A 104 -17.42 -10.20 10.66
N ASP A 105 -18.30 -10.53 11.59
CA ASP A 105 -18.81 -11.90 11.71
C ASP A 105 -20.01 -12.11 10.80
N LYS A 106 -19.79 -12.78 9.67
CA LYS A 106 -20.86 -13.04 8.72
C LYS A 106 -21.35 -14.48 8.84
N MET A 1 -23.09 -2.06 -3.51
CA MET A 1 -23.22 -3.53 -3.70
C MET A 1 -21.89 -4.23 -3.42
N ALA A 2 -20.86 -3.44 -3.15
CA ALA A 2 -19.54 -3.96 -2.87
C ALA A 2 -19.20 -3.84 -1.38
N PRO A 3 -19.10 -4.99 -0.68
CA PRO A 3 -18.78 -5.01 0.75
C PRO A 3 -17.33 -4.63 1.04
N LEU A 4 -17.07 -4.15 2.24
CA LEU A 4 -15.73 -3.75 2.63
C LEU A 4 -15.14 -4.74 3.63
N ARG A 5 -13.86 -5.07 3.45
CA ARG A 5 -13.18 -6.00 4.33
C ARG A 5 -12.41 -5.26 5.42
N LYS A 6 -12.24 -5.91 6.56
CA LYS A 6 -11.53 -5.30 7.70
C LYS A 6 -10.06 -5.09 7.35
N THR A 7 -9.49 -6.05 6.63
CA THR A 7 -8.11 -5.98 6.22
C THR A 7 -7.97 -5.28 4.88
N ALA A 8 -7.21 -4.20 4.87
CA ALA A 8 -6.98 -3.43 3.66
C ALA A 8 -5.79 -3.97 2.88
N VAL A 9 -5.80 -3.78 1.57
CA VAL A 9 -4.73 -4.23 0.72
C VAL A 9 -3.94 -3.04 0.20
N LEU A 10 -2.65 -3.04 0.50
CA LEU A 10 -1.77 -1.97 0.08
C LEU A 10 -0.82 -2.53 -0.96
N LYS A 11 -0.72 -1.90 -2.12
CA LYS A 11 0.17 -2.40 -3.15
C LYS A 11 1.32 -1.44 -3.40
N LEU A 12 2.51 -2.00 -3.46
CA LEU A 12 3.71 -1.22 -3.70
C LEU A 12 4.26 -1.56 -5.08
N TYR A 13 4.42 -0.57 -5.93
CA TYR A 13 4.95 -0.82 -7.27
C TYR A 13 6.43 -0.48 -7.27
N VAL A 14 7.26 -1.47 -7.55
CA VAL A 14 8.70 -1.27 -7.55
C VAL A 14 9.33 -1.69 -8.86
N ALA A 15 10.52 -1.19 -9.12
CA ALA A 15 11.24 -1.52 -10.33
C ALA A 15 12.53 -2.24 -9.98
N GLY A 16 12.53 -3.56 -10.17
CA GLY A 16 13.70 -4.35 -9.88
C GLY A 16 14.08 -4.29 -8.41
N ASN A 17 15.34 -4.01 -8.13
CA ASN A 17 15.81 -3.92 -6.75
C ASN A 17 16.70 -2.71 -6.56
N THR A 18 16.20 -1.55 -6.96
CA THR A 18 16.95 -0.31 -6.82
C THR A 18 16.94 0.14 -5.37
N PRO A 19 17.89 0.98 -4.96
CA PRO A 19 17.96 1.47 -3.58
C PRO A 19 16.65 2.12 -3.11
N ASN A 20 15.99 2.83 -4.01
CA ASN A 20 14.71 3.47 -3.67
C ASN A 20 13.66 2.41 -3.39
N SER A 21 13.58 1.40 -4.25
CA SER A 21 12.64 0.30 -4.10
C SER A 21 12.95 -0.52 -2.86
N VAL A 22 14.22 -0.83 -2.65
CA VAL A 22 14.63 -1.60 -1.48
C VAL A 22 14.36 -0.83 -0.19
N ARG A 23 14.74 0.45 -0.19
CA ARG A 23 14.55 1.32 0.96
C ARG A 23 13.07 1.47 1.28
N ALA A 24 12.29 1.74 0.23
CA ALA A 24 10.85 1.91 0.37
C ALA A 24 10.18 0.62 0.87
N LEU A 25 10.61 -0.49 0.29
CA LEU A 25 10.07 -1.81 0.64
C LEU A 25 10.34 -2.15 2.10
N LYS A 26 11.57 -1.95 2.56
CA LYS A 26 11.92 -2.24 3.95
C LYS A 26 11.12 -1.36 4.91
N THR A 27 10.98 -0.09 4.54
CA THR A 27 10.25 0.88 5.35
C THR A 27 8.76 0.54 5.45
N LEU A 28 8.13 0.28 4.31
CA LEU A 28 6.70 -0.03 4.28
C LEU A 28 6.37 -1.37 4.92
N ALA A 29 7.14 -2.41 4.57
CA ALA A 29 6.90 -3.75 5.08
C ALA A 29 7.07 -3.86 6.60
N ASN A 30 8.12 -3.27 7.14
CA ASN A 30 8.36 -3.34 8.58
C ASN A 30 7.26 -2.63 9.35
N ILE A 31 6.84 -1.48 8.85
CA ILE A 31 5.77 -0.74 9.50
C ILE A 31 4.46 -1.53 9.48
N LEU A 32 4.15 -2.12 8.33
CA LEU A 32 2.94 -2.93 8.18
C LEU A 32 3.00 -4.24 8.98
N GLU A 33 4.19 -4.84 9.09
CA GLU A 33 4.35 -6.10 9.81
C GLU A 33 4.46 -5.90 11.32
N LYS A 34 4.66 -4.67 11.77
CA LYS A 34 4.78 -4.41 13.20
C LYS A 34 3.73 -3.41 13.68
N GLU A 35 3.78 -2.20 13.14
CA GLU A 35 2.86 -1.13 13.51
C GLU A 35 1.40 -1.45 13.14
N PHE A 36 1.20 -2.05 11.96
CA PHE A 36 -0.15 -2.38 11.50
C PHE A 36 -0.32 -3.87 11.24
N LYS A 37 0.43 -4.68 11.99
CA LYS A 37 0.37 -6.14 11.85
C LYS A 37 -1.05 -6.66 12.05
N GLY A 38 -1.51 -7.46 11.07
CA GLY A 38 -2.83 -8.04 11.14
C GLY A 38 -3.93 -7.12 10.64
N VAL A 39 -3.57 -5.90 10.24
CA VAL A 39 -4.56 -4.96 9.74
C VAL A 39 -4.42 -4.73 8.23
N TYR A 40 -3.17 -4.61 7.74
CA TYR A 40 -2.97 -4.39 6.31
C TYR A 40 -2.24 -5.55 5.65
N ALA A 41 -2.63 -5.82 4.41
CA ALA A 41 -1.98 -6.86 3.61
C ALA A 41 -1.12 -6.18 2.55
N LEU A 42 0.17 -6.52 2.52
CA LEU A 42 1.08 -5.89 1.56
C LEU A 42 1.25 -6.71 0.29
N LYS A 43 1.09 -6.03 -0.84
CA LYS A 43 1.23 -6.64 -2.16
C LYS A 43 2.19 -5.81 -2.99
N VAL A 44 3.32 -6.41 -3.31
CA VAL A 44 4.35 -5.73 -4.10
C VAL A 44 4.32 -6.20 -5.54
N ILE A 45 4.26 -5.23 -6.45
CA ILE A 45 4.17 -5.48 -7.87
C ILE A 45 5.49 -5.08 -8.54
N ASP A 46 6.20 -6.05 -9.12
CA ASP A 46 7.46 -5.75 -9.79
C ASP A 46 7.16 -5.38 -11.24
N VAL A 47 7.18 -4.08 -11.52
CA VAL A 47 6.87 -3.58 -12.87
C VAL A 47 7.87 -4.03 -13.94
N LEU A 48 9.15 -4.17 -13.58
CA LEU A 48 10.16 -4.59 -14.56
C LEU A 48 10.00 -6.06 -14.98
N LYS A 49 9.65 -6.93 -14.04
CA LYS A 49 9.47 -8.35 -14.35
C LYS A 49 8.22 -8.59 -15.17
N ASN A 50 7.16 -7.85 -14.87
CA ASN A 50 5.91 -8.00 -15.62
C ASN A 50 5.41 -6.66 -16.10
N PRO A 51 5.89 -6.24 -17.26
CA PRO A 51 5.51 -4.97 -17.87
C PRO A 51 4.02 -4.88 -18.18
N GLN A 52 3.42 -6.03 -18.45
CA GLN A 52 1.99 -6.11 -18.76
C GLN A 52 1.16 -5.63 -17.59
N LEU A 53 1.53 -6.06 -16.38
CA LEU A 53 0.79 -5.67 -15.20
C LEU A 53 1.01 -4.20 -14.90
N ALA A 54 2.24 -3.73 -15.15
CA ALA A 54 2.56 -2.33 -14.95
C ALA A 54 1.73 -1.47 -15.89
N GLU A 55 1.63 -1.93 -17.13
CA GLU A 55 0.84 -1.25 -18.15
C GLU A 55 -0.64 -1.28 -17.80
N GLU A 56 -1.09 -2.41 -17.26
CA GLU A 56 -2.50 -2.57 -16.89
C GLU A 56 -2.89 -1.53 -15.84
N ASP A 57 -1.99 -1.30 -14.88
CA ASP A 57 -2.27 -0.30 -13.83
C ASP A 57 -1.61 1.04 -14.19
N LYS A 58 -1.11 1.14 -15.42
CA LYS A 58 -0.47 2.37 -15.93
C LYS A 58 0.60 2.92 -14.99
N ILE A 59 1.52 2.06 -14.58
CA ILE A 59 2.60 2.47 -13.69
C ILE A 59 3.79 2.98 -14.49
N LEU A 60 3.97 4.30 -14.49
CA LEU A 60 5.08 4.92 -15.21
C LEU A 60 6.16 5.42 -14.26
N ALA A 61 5.97 5.21 -12.96
CA ALA A 61 6.92 5.66 -11.96
C ALA A 61 7.02 4.69 -10.80
N THR A 62 8.19 4.63 -10.18
CA THR A 62 8.44 3.77 -9.03
C THR A 62 9.42 4.44 -8.07
N PRO A 63 9.28 4.20 -6.76
CA PRO A 63 8.21 3.36 -6.22
C PRO A 63 6.88 4.12 -6.13
N THR A 64 5.78 3.40 -6.28
CA THR A 64 4.46 4.00 -6.19
C THR A 64 3.66 3.28 -5.12
N LEU A 65 3.09 4.04 -4.21
CA LEU A 65 2.30 3.49 -3.11
C LEU A 65 0.81 3.68 -3.41
N ALA A 66 0.07 2.59 -3.47
CA ALA A 66 -1.36 2.69 -3.74
C ALA A 66 -2.17 1.67 -2.95
N LYS A 67 -3.28 2.13 -2.39
CA LYS A 67 -4.16 1.27 -1.63
C LYS A 67 -5.33 0.89 -2.53
N VAL A 68 -5.33 -0.33 -3.01
CA VAL A 68 -6.38 -0.78 -3.91
C VAL A 68 -7.63 -1.18 -3.14
N LEU A 69 -7.46 -1.63 -1.91
CA LEU A 69 -8.60 -2.04 -1.09
C LEU A 69 -8.48 -1.54 0.33
N PRO A 70 -9.58 -1.05 0.93
CA PRO A 70 -10.89 -0.94 0.26
C PRO A 70 -10.95 0.24 -0.71
N PRO A 71 -11.86 0.19 -1.70
CA PRO A 71 -12.02 1.27 -2.69
C PRO A 71 -12.60 2.53 -2.06
N PRO A 72 -12.34 3.72 -2.64
CA PRO A 72 -11.53 3.89 -3.87
C PRO A 72 -10.03 3.69 -3.64
N VAL A 73 -9.30 3.52 -4.74
CA VAL A 73 -7.85 3.31 -4.68
C VAL A 73 -7.13 4.60 -4.28
N ARG A 74 -6.28 4.51 -3.25
CA ARG A 74 -5.53 5.67 -2.78
C ARG A 74 -4.10 5.61 -3.26
N ARG A 75 -3.72 6.55 -4.12
CA ARG A 75 -2.36 6.58 -4.63
C ARG A 75 -1.57 7.64 -3.87
N ILE A 76 -0.49 7.20 -3.24
CA ILE A 76 0.36 8.09 -2.47
C ILE A 76 1.72 8.24 -3.16
N ILE A 77 2.05 9.45 -3.55
CA ILE A 77 3.32 9.72 -4.22
C ILE A 77 4.17 10.68 -3.41
N GLY A 78 5.40 10.26 -3.11
CA GLY A 78 6.30 11.08 -2.33
C GLY A 78 7.54 10.32 -1.90
N ASP A 79 8.28 10.86 -0.94
CA ASP A 79 9.48 10.21 -0.44
C ASP A 79 9.11 9.17 0.62
N LEU A 80 9.09 7.91 0.21
CA LEU A 80 8.72 6.82 1.13
C LEU A 80 9.93 6.27 1.87
N SER A 81 11.11 6.82 1.59
CA SER A 81 12.33 6.35 2.25
C SER A 81 12.33 6.78 3.72
N ASN A 82 11.45 7.73 4.04
CA ASN A 82 11.30 8.22 5.41
C ASN A 82 10.21 7.41 6.11
N ARG A 83 10.60 6.73 7.19
CA ARG A 83 9.67 5.89 7.95
C ARG A 83 8.49 6.70 8.48
N GLU A 84 8.73 7.94 8.90
CA GLU A 84 7.67 8.78 9.42
C GLU A 84 6.56 9.00 8.39
N LYS A 85 6.91 9.32 7.15
CA LYS A 85 5.88 9.54 6.13
C LYS A 85 5.10 8.27 5.85
N VAL A 86 5.79 7.14 5.81
CA VAL A 86 5.11 5.86 5.60
C VAL A 86 4.15 5.57 6.74
N LEU A 87 4.59 5.84 7.98
CA LEU A 87 3.75 5.64 9.16
C LEU A 87 2.58 6.61 9.19
N ILE A 88 2.85 7.89 8.92
CA ILE A 88 1.80 8.92 8.93
C ILE A 88 0.72 8.61 7.89
N ALA A 89 1.15 8.30 6.66
CA ALA A 89 0.21 7.98 5.59
C ALA A 89 -0.59 6.71 5.90
N LEU A 90 0.08 5.71 6.45
CA LEU A 90 -0.56 4.44 6.81
C LEU A 90 -1.54 4.65 7.96
N ARG A 91 -1.14 5.46 8.94
CA ARG A 91 -1.98 5.75 10.10
C ARG A 91 -3.27 6.45 9.69
N LEU A 92 -3.16 7.45 8.81
CA LEU A 92 -4.32 8.20 8.34
C LEU A 92 -5.26 7.29 7.52
N LEU A 93 -4.68 6.43 6.69
CA LEU A 93 -5.48 5.51 5.88
C LEU A 93 -6.24 4.53 6.78
N ALA A 94 -5.54 4.05 7.82
CA ALA A 94 -6.13 3.11 8.76
C ALA A 94 -7.30 3.73 9.52
N GLU A 95 -7.17 5.00 9.87
CA GLU A 95 -8.22 5.71 10.59
C GLU A 95 -9.49 5.75 9.74
N GLU A 96 -9.31 5.93 8.44
CA GLU A 96 -10.42 5.97 7.50
C GLU A 96 -11.14 4.63 7.48
N ILE A 97 -10.37 3.55 7.51
CA ILE A 97 -10.90 2.19 7.51
C ILE A 97 -11.61 1.88 8.83
N GLY A 98 -10.99 2.28 9.94
CA GLY A 98 -11.58 2.05 11.25
C GLY A 98 -12.85 2.85 11.47
N ASP A 99 -13.01 3.93 10.72
CA ASP A 99 -14.18 4.80 10.81
C ASP A 99 -15.45 4.02 10.42
N TYR A 100 -15.33 3.18 9.40
CA TYR A 100 -16.44 2.38 8.93
C TYR A 100 -16.81 1.32 9.97
N LYS A 101 -18.06 1.35 10.39
CA LYS A 101 -18.55 0.39 11.39
C LYS A 101 -19.08 -0.87 10.72
N ASP A 102 -18.92 -2.00 11.41
CA ASP A 102 -19.40 -3.29 10.89
C ASP A 102 -20.91 -3.30 10.72
N ASP A 103 -21.62 -2.74 11.70
CA ASP A 103 -23.07 -2.68 11.67
C ASP A 103 -23.57 -1.54 12.55
N ASP A 104 -24.79 -1.08 12.27
CA ASP A 104 -25.39 0.02 13.05
C ASP A 104 -25.68 -0.40 14.49
N ASP A 105 -25.97 -1.70 14.67
CA ASP A 105 -26.26 -2.27 15.99
C ASP A 105 -27.59 -1.75 16.55
N LYS A 106 -27.59 -0.52 17.04
CA LYS A 106 -28.80 0.08 17.61
C LYS A 106 -29.25 1.29 16.80
N MET A 1 -21.88 -4.59 -4.64
CA MET A 1 -22.00 -6.06 -4.88
C MET A 1 -20.76 -6.79 -4.38
N ALA A 2 -19.72 -6.03 -4.08
CA ALA A 2 -18.47 -6.61 -3.59
C ALA A 2 -18.27 -6.31 -2.11
N PRO A 3 -18.36 -7.35 -1.25
CA PRO A 3 -18.17 -7.22 0.20
C PRO A 3 -16.80 -6.67 0.57
N LEU A 4 -16.75 -5.88 1.62
CA LEU A 4 -15.50 -5.29 2.07
C LEU A 4 -15.00 -5.97 3.34
N ARG A 5 -13.68 -6.15 3.43
CA ARG A 5 -13.07 -6.78 4.59
C ARG A 5 -12.40 -5.75 5.49
N LYS A 6 -12.23 -6.11 6.76
CA LYS A 6 -11.59 -5.23 7.73
C LYS A 6 -10.15 -4.95 7.36
N THR A 7 -9.48 -5.97 6.85
CA THR A 7 -8.08 -5.84 6.45
C THR A 7 -7.97 -5.14 5.10
N ALA A 8 -7.22 -4.06 5.08
CA ALA A 8 -7.00 -3.29 3.87
C ALA A 8 -5.84 -3.84 3.07
N VAL A 9 -5.88 -3.66 1.77
CA VAL A 9 -4.83 -4.15 0.89
C VAL A 9 -4.04 -2.99 0.30
N LEU A 10 -2.74 -3.02 0.51
CA LEU A 10 -1.86 -1.98 0.00
C LEU A 10 -0.95 -2.59 -1.05
N LYS A 11 -0.83 -1.93 -2.20
CA LYS A 11 0.02 -2.45 -3.26
C LYS A 11 1.19 -1.52 -3.51
N LEU A 12 2.38 -2.09 -3.51
CA LEU A 12 3.58 -1.31 -3.77
C LEU A 12 4.12 -1.66 -5.14
N TYR A 13 4.29 -0.68 -5.99
CA TYR A 13 4.81 -0.92 -7.32
C TYR A 13 6.29 -0.54 -7.34
N VAL A 14 7.14 -1.51 -7.63
CA VAL A 14 8.57 -1.27 -7.64
C VAL A 14 9.21 -1.68 -8.95
N ALA A 15 10.39 -1.17 -9.21
CA ALA A 15 11.11 -1.49 -10.43
C ALA A 15 12.40 -2.22 -10.10
N GLY A 16 12.39 -3.53 -10.31
CA GLY A 16 13.56 -4.35 -10.03
C GLY A 16 13.98 -4.31 -8.57
N ASN A 17 15.26 -4.09 -8.33
CA ASN A 17 15.78 -4.02 -6.97
C ASN A 17 16.62 -2.77 -6.79
N THR A 18 16.05 -1.64 -7.19
CA THR A 18 16.71 -0.35 -7.07
C THR A 18 16.73 0.09 -5.62
N PRO A 19 17.72 0.91 -5.22
CA PRO A 19 17.83 1.38 -3.83
C PRO A 19 16.59 2.09 -3.34
N ASN A 20 15.90 2.78 -4.24
CA ASN A 20 14.67 3.48 -3.89
C ASN A 20 13.58 2.46 -3.61
N SER A 21 13.49 1.44 -4.46
CA SER A 21 12.51 0.36 -4.29
C SER A 21 12.81 -0.47 -3.05
N VAL A 22 14.09 -0.78 -2.85
CA VAL A 22 14.49 -1.57 -1.69
C VAL A 22 14.24 -0.80 -0.40
N ARG A 23 14.62 0.48 -0.40
CA ARG A 23 14.45 1.34 0.76
C ARG A 23 12.97 1.50 1.09
N ALA A 24 12.18 1.77 0.05
CA ALA A 24 10.74 1.94 0.21
C ALA A 24 10.08 0.65 0.68
N LEU A 25 10.48 -0.47 0.07
CA LEU A 25 9.93 -1.79 0.41
C LEU A 25 10.22 -2.16 1.86
N LYS A 26 11.44 -1.95 2.30
CA LYS A 26 11.82 -2.26 3.68
C LYS A 26 11.03 -1.40 4.66
N THR A 27 10.88 -0.12 4.31
CA THR A 27 10.14 0.83 5.13
C THR A 27 8.66 0.44 5.24
N LEU A 28 8.06 0.08 4.11
CA LEU A 28 6.65 -0.29 4.08
C LEU A 28 6.40 -1.62 4.79
N ALA A 29 7.18 -2.65 4.44
CA ALA A 29 7.01 -3.98 5.00
C ALA A 29 7.23 -4.02 6.51
N ASN A 30 8.27 -3.36 7.01
CA ASN A 30 8.55 -3.39 8.45
C ASN A 30 7.46 -2.65 9.24
N ILE A 31 7.01 -1.52 8.73
CA ILE A 31 5.95 -0.77 9.38
C ILE A 31 4.65 -1.58 9.41
N LEU A 32 4.32 -2.21 8.30
CA LEU A 32 3.10 -3.01 8.20
C LEU A 32 3.20 -4.33 9.00
N GLU A 33 4.43 -4.84 9.19
CA GLU A 33 4.61 -6.10 9.94
C GLU A 33 4.78 -5.85 11.44
N LYS A 34 4.82 -4.60 11.85
CA LYS A 34 4.98 -4.28 13.27
C LYS A 34 3.92 -3.27 13.73
N GLU A 35 3.96 -2.08 13.12
CA GLU A 35 3.03 -1.01 13.46
C GLU A 35 1.58 -1.36 13.12
N PHE A 36 1.37 -1.98 11.95
CA PHE A 36 0.01 -2.33 11.52
C PHE A 36 -0.14 -3.82 11.24
N LYS A 37 0.63 -4.66 11.95
CA LYS A 37 0.57 -6.10 11.74
C LYS A 37 -0.82 -6.65 12.07
N GLY A 38 -1.39 -7.40 11.12
CA GLY A 38 -2.70 -7.97 11.31
C GLY A 38 -3.83 -7.07 10.83
N VAL A 39 -3.49 -5.84 10.46
CA VAL A 39 -4.49 -4.89 9.98
C VAL A 39 -4.38 -4.67 8.48
N TYR A 40 -3.16 -4.56 7.97
CA TYR A 40 -2.98 -4.33 6.54
C TYR A 40 -2.28 -5.50 5.84
N ALA A 41 -2.69 -5.75 4.60
CA ALA A 41 -2.09 -6.79 3.78
C ALA A 41 -1.22 -6.12 2.71
N LEU A 42 0.06 -6.48 2.65
CA LEU A 42 0.96 -5.86 1.69
C LEU A 42 1.14 -6.70 0.42
N LYS A 43 0.94 -6.04 -0.72
CA LYS A 43 1.09 -6.65 -2.03
C LYS A 43 2.13 -5.85 -2.83
N VAL A 44 3.01 -6.55 -3.51
CA VAL A 44 4.05 -5.90 -4.31
C VAL A 44 3.95 -6.31 -5.77
N ILE A 45 4.01 -5.30 -6.62
CA ILE A 45 3.94 -5.50 -8.05
C ILE A 45 5.27 -5.12 -8.68
N ASP A 46 6.04 -6.11 -9.09
CA ASP A 46 7.33 -5.85 -9.73
C ASP A 46 7.10 -5.43 -11.17
N VAL A 47 7.23 -4.13 -11.40
CA VAL A 47 7.02 -3.53 -12.73
C VAL A 47 7.98 -4.06 -13.79
N LEU A 48 9.27 -4.18 -13.46
CA LEU A 48 10.25 -4.67 -14.42
C LEU A 48 10.06 -6.14 -14.76
N LYS A 49 9.68 -6.94 -13.77
CA LYS A 49 9.48 -8.37 -13.98
C LYS A 49 8.23 -8.63 -14.83
N ASN A 50 7.17 -7.87 -14.55
CA ASN A 50 5.93 -8.02 -15.30
C ASN A 50 5.47 -6.68 -15.85
N PRO A 51 6.03 -6.30 -17.00
CA PRO A 51 5.72 -5.02 -17.66
C PRO A 51 4.24 -4.91 -18.03
N GLN A 52 3.63 -6.05 -18.35
CA GLN A 52 2.22 -6.09 -18.73
C GLN A 52 1.35 -5.65 -17.57
N LEU A 53 1.68 -6.11 -16.38
CA LEU A 53 0.91 -5.76 -15.20
C LEU A 53 1.13 -4.29 -14.85
N ALA A 54 2.36 -3.83 -15.03
CA ALA A 54 2.69 -2.43 -14.77
C ALA A 54 1.92 -1.52 -15.72
N GLU A 55 1.85 -1.95 -16.98
CA GLU A 55 1.13 -1.22 -18.02
C GLU A 55 -0.37 -1.24 -17.76
N GLU A 56 -0.86 -2.37 -17.23
CA GLU A 56 -2.28 -2.50 -16.92
C GLU A 56 -2.69 -1.43 -15.92
N ASP A 57 -1.83 -1.15 -14.94
CA ASP A 57 -2.12 -0.12 -13.96
C ASP A 57 -1.42 1.19 -14.33
N LYS A 58 -0.82 1.21 -15.52
CA LYS A 58 -0.12 2.39 -16.06
C LYS A 58 0.88 2.99 -15.08
N ILE A 59 1.77 2.14 -14.58
CA ILE A 59 2.79 2.58 -13.64
C ILE A 59 3.99 3.16 -14.38
N LEU A 60 4.15 4.49 -14.31
CA LEU A 60 5.26 5.15 -14.98
C LEU A 60 6.34 5.60 -14.00
N ALA A 61 6.04 5.52 -12.70
CA ALA A 61 6.99 5.91 -11.67
C ALA A 61 7.01 4.92 -10.52
N THR A 62 8.20 4.59 -10.04
CA THR A 62 8.37 3.65 -8.95
C THR A 62 9.38 4.19 -7.92
N PRO A 63 9.19 3.85 -6.64
CA PRO A 63 8.07 3.02 -6.20
C PRO A 63 6.75 3.80 -6.14
N THR A 64 5.66 3.07 -6.31
CA THR A 64 4.32 3.66 -6.24
C THR A 64 3.54 3.00 -5.13
N LEU A 65 3.04 3.79 -4.20
CA LEU A 65 2.26 3.27 -3.08
C LEU A 65 0.79 3.55 -3.29
N ALA A 66 -0.02 2.50 -3.40
CA ALA A 66 -1.44 2.67 -3.60
C ALA A 66 -2.26 1.68 -2.80
N LYS A 67 -3.33 2.18 -2.20
CA LYS A 67 -4.23 1.36 -1.43
C LYS A 67 -5.34 0.93 -2.38
N VAL A 68 -5.28 -0.31 -2.81
CA VAL A 68 -6.26 -0.81 -3.74
C VAL A 68 -7.56 -1.19 -3.04
N LEU A 69 -7.45 -1.61 -1.78
CA LEU A 69 -8.63 -1.98 -1.01
C LEU A 69 -8.55 -1.46 0.41
N PRO A 70 -9.69 -1.02 0.99
CA PRO A 70 -10.99 -1.00 0.30
C PRO A 70 -11.13 0.16 -0.67
N PRO A 71 -12.01 0.05 -1.69
CA PRO A 71 -12.24 1.12 -2.67
C PRO A 71 -12.75 2.41 -2.03
N PRO A 72 -12.44 3.58 -2.61
CA PRO A 72 -11.65 3.72 -3.85
C PRO A 72 -10.14 3.55 -3.64
N VAL A 73 -9.42 3.38 -4.75
CA VAL A 73 -7.97 3.21 -4.70
C VAL A 73 -7.28 4.54 -4.35
N ARG A 74 -6.45 4.53 -3.32
CA ARG A 74 -5.73 5.71 -2.90
C ARG A 74 -4.25 5.61 -3.23
N ARG A 75 -3.77 6.51 -4.07
CA ARG A 75 -2.37 6.51 -4.45
C ARG A 75 -1.60 7.56 -3.67
N ILE A 76 -0.59 7.11 -2.94
CA ILE A 76 0.24 7.98 -2.15
C ILE A 76 1.59 8.19 -2.85
N ILE A 77 1.86 9.43 -3.25
CA ILE A 77 3.11 9.74 -3.95
C ILE A 77 3.97 10.71 -3.13
N GLY A 78 5.21 10.32 -2.88
CA GLY A 78 6.10 11.15 -2.11
C GLY A 78 7.35 10.41 -1.71
N ASP A 79 8.07 10.92 -0.72
CA ASP A 79 9.29 10.27 -0.24
C ASP A 79 8.93 9.17 0.74
N LEU A 80 8.91 7.94 0.26
CA LEU A 80 8.56 6.79 1.09
C LEU A 80 9.77 6.24 1.82
N SER A 81 10.95 6.76 1.52
CA SER A 81 12.18 6.31 2.16
C SER A 81 12.19 6.72 3.64
N ASN A 82 11.36 7.70 3.97
CA ASN A 82 11.23 8.16 5.35
C ASN A 82 10.15 7.35 6.05
N ARG A 83 10.53 6.67 7.12
CA ARG A 83 9.60 5.83 7.87
C ARG A 83 8.43 6.63 8.43
N GLU A 84 8.67 7.87 8.85
CA GLU A 84 7.60 8.70 9.40
C GLU A 84 6.49 8.93 8.38
N LYS A 85 6.83 9.24 7.13
CA LYS A 85 5.79 9.46 6.12
C LYS A 85 4.99 8.20 5.87
N VAL A 86 5.67 7.05 5.80
CA VAL A 86 5.00 5.79 5.60
C VAL A 86 4.07 5.47 6.77
N LEU A 87 4.58 5.65 7.99
CA LEU A 87 3.81 5.39 9.20
C LEU A 87 2.63 6.37 9.34
N ILE A 88 2.89 7.65 9.14
CA ILE A 88 1.84 8.67 9.24
C ILE A 88 0.74 8.46 8.20
N ALA A 89 1.14 8.22 6.95
CA ALA A 89 0.17 8.00 5.87
C ALA A 89 -0.65 6.74 6.12
N LEU A 90 0.01 5.68 6.59
CA LEU A 90 -0.67 4.41 6.88
C LEU A 90 -1.64 4.58 8.05
N ARG A 91 -1.23 5.35 9.05
CA ARG A 91 -2.06 5.60 10.23
C ARG A 91 -3.33 6.37 9.85
N LEU A 92 -3.18 7.40 9.02
CA LEU A 92 -4.32 8.19 8.59
C LEU A 92 -5.29 7.35 7.77
N LEU A 93 -4.77 6.47 6.93
CA LEU A 93 -5.60 5.60 6.11
C LEU A 93 -6.39 4.63 7.00
N ALA A 94 -5.71 4.11 8.02
CA ALA A 94 -6.31 3.15 8.95
C ALA A 94 -7.49 3.76 9.71
N GLU A 95 -7.35 5.03 10.09
CA GLU A 95 -8.40 5.71 10.82
C GLU A 95 -9.67 5.79 9.95
N GLU A 96 -9.47 6.03 8.66
CA GLU A 96 -10.56 6.09 7.70
C GLU A 96 -11.26 4.75 7.60
N ILE A 97 -10.48 3.69 7.60
CA ILE A 97 -10.98 2.32 7.51
C ILE A 97 -11.78 1.96 8.77
N GLY A 98 -11.21 2.30 9.93
CA GLY A 98 -11.87 2.03 11.20
C GLY A 98 -13.17 2.78 11.36
N ASP A 99 -13.22 4.01 10.85
CA ASP A 99 -14.42 4.84 10.94
C ASP A 99 -15.12 4.95 9.59
N TYR A 100 -15.10 3.87 8.82
CA TYR A 100 -15.75 3.84 7.52
C TYR A 100 -17.20 3.39 7.66
N LYS A 101 -18.11 4.28 7.28
CA LYS A 101 -19.53 4.00 7.35
C LYS A 101 -20.13 3.86 5.95
N ASP A 102 -21.07 2.94 5.81
CA ASP A 102 -21.71 2.71 4.52
C ASP A 102 -22.96 3.59 4.38
N ASP A 103 -22.84 4.66 3.60
CA ASP A 103 -23.95 5.57 3.39
C ASP A 103 -24.78 5.15 2.18
N ASP A 104 -25.93 4.54 2.44
CA ASP A 104 -26.82 4.08 1.37
C ASP A 104 -27.92 5.11 1.08
N ASP A 105 -27.81 6.29 1.69
CA ASP A 105 -28.76 7.39 1.52
C ASP A 105 -30.11 7.07 2.16
N LYS A 106 -30.82 6.09 1.62
CA LYS A 106 -32.12 5.70 2.15
C LYS A 106 -32.08 4.29 2.74
N MET A 1 -10.75 -8.09 -6.99
CA MET A 1 -10.87 -6.70 -6.46
C MET A 1 -11.96 -6.60 -5.41
N ALA A 2 -12.27 -7.74 -4.80
CA ALA A 2 -13.30 -7.78 -3.76
C ALA A 2 -12.74 -7.31 -2.42
N PRO A 3 -13.33 -6.25 -1.84
CA PRO A 3 -12.88 -5.71 -0.54
C PRO A 3 -12.97 -6.73 0.58
N LEU A 4 -11.99 -6.68 1.49
CA LEU A 4 -11.94 -7.60 2.61
C LEU A 4 -12.45 -6.93 3.88
N ARG A 5 -12.99 -7.74 4.79
CA ARG A 5 -13.52 -7.20 6.04
C ARG A 5 -12.39 -6.87 7.01
N LYS A 6 -12.39 -5.62 7.50
CA LYS A 6 -11.37 -5.13 8.46
C LYS A 6 -9.99 -4.98 7.85
N THR A 7 -9.53 -6.01 7.16
CA THR A 7 -8.21 -5.98 6.55
C THR A 7 -8.23 -5.27 5.20
N ALA A 8 -7.35 -4.29 5.06
CA ALA A 8 -7.22 -3.52 3.83
C ALA A 8 -5.98 -3.96 3.07
N VAL A 9 -6.00 -3.78 1.75
CA VAL A 9 -4.87 -4.19 0.92
C VAL A 9 -4.11 -2.97 0.42
N LEU A 10 -2.81 -2.95 0.71
CA LEU A 10 -1.95 -1.87 0.30
C LEU A 10 -0.93 -2.45 -0.68
N LYS A 11 -0.82 -1.88 -1.87
CA LYS A 11 0.11 -2.42 -2.85
C LYS A 11 1.25 -1.46 -3.14
N LEU A 12 2.45 -2.03 -3.25
CA LEU A 12 3.63 -1.26 -3.56
C LEU A 12 4.14 -1.64 -4.93
N TYR A 13 4.30 -0.67 -5.82
CA TYR A 13 4.80 -0.94 -7.15
C TYR A 13 6.28 -0.58 -7.18
N VAL A 14 7.12 -1.56 -7.48
CA VAL A 14 8.56 -1.34 -7.49
C VAL A 14 9.19 -1.77 -8.81
N ALA A 15 10.39 -1.27 -9.07
CA ALA A 15 11.09 -1.62 -10.29
C ALA A 15 12.39 -2.34 -9.95
N GLY A 16 12.39 -3.65 -10.15
CA GLY A 16 13.56 -4.47 -9.87
C GLY A 16 13.99 -4.40 -8.42
N ASN A 17 15.28 -4.17 -8.20
CA ASN A 17 15.81 -4.10 -6.85
C ASN A 17 16.65 -2.83 -6.69
N THR A 18 16.07 -1.72 -7.14
CA THR A 18 16.73 -0.43 -7.04
C THR A 18 16.75 0.03 -5.59
N PRO A 19 17.73 0.87 -5.20
CA PRO A 19 17.84 1.36 -3.82
C PRO A 19 16.59 2.09 -3.35
N ASN A 20 15.91 2.75 -4.27
CA ASN A 20 14.68 3.45 -3.93
C ASN A 20 13.59 2.44 -3.63
N SER A 21 13.51 1.37 -4.44
CA SER A 21 12.53 0.31 -4.25
C SER A 21 12.86 -0.50 -3.01
N VAL A 22 14.14 -0.80 -2.81
CA VAL A 22 14.56 -1.55 -1.63
C VAL A 22 14.29 -0.77 -0.36
N ARG A 23 14.63 0.52 -0.38
CA ARG A 23 14.43 1.39 0.76
C ARG A 23 12.95 1.48 1.11
N ALA A 24 12.15 1.70 0.07
CA ALA A 24 10.70 1.83 0.25
C ALA A 24 10.09 0.52 0.75
N LEU A 25 10.56 -0.60 0.18
CA LEU A 25 10.08 -1.92 0.55
C LEU A 25 10.39 -2.22 2.02
N LYS A 26 11.62 -1.94 2.44
CA LYS A 26 12.01 -2.18 3.83
C LYS A 26 11.21 -1.31 4.78
N THR A 27 11.00 -0.06 4.38
CA THR A 27 10.24 0.91 5.18
C THR A 27 8.77 0.48 5.31
N LEU A 28 8.18 0.07 4.20
CA LEU A 28 6.77 -0.35 4.20
C LEU A 28 6.56 -1.66 4.95
N ALA A 29 7.36 -2.68 4.63
CA ALA A 29 7.23 -3.98 5.26
C ALA A 29 7.45 -3.94 6.77
N ASN A 30 8.48 -3.23 7.21
CA ASN A 30 8.78 -3.14 8.64
C ASN A 30 7.63 -2.49 9.40
N ILE A 31 7.12 -1.39 8.86
CA ILE A 31 6.01 -0.68 9.48
C ILE A 31 4.74 -1.53 9.52
N LEU A 32 4.43 -2.17 8.41
CA LEU A 32 3.24 -3.03 8.34
C LEU A 32 3.38 -4.29 9.21
N GLU A 33 4.59 -4.84 9.29
CA GLU A 33 4.83 -6.05 10.10
C GLU A 33 4.68 -5.80 11.60
N LYS A 34 5.04 -4.61 12.08
CA LYS A 34 4.96 -4.33 13.51
C LYS A 34 3.87 -3.31 13.85
N GLU A 35 3.96 -2.14 13.24
CA GLU A 35 3.01 -1.05 13.48
C GLU A 35 1.58 -1.40 13.06
N PHE A 36 1.42 -2.07 11.92
CA PHE A 36 0.07 -2.42 11.45
C PHE A 36 -0.12 -3.91 11.25
N LYS A 37 0.60 -4.73 12.02
CA LYS A 37 0.48 -6.18 11.92
C LYS A 37 -0.95 -6.65 12.17
N GLY A 38 -1.49 -7.39 11.20
CA GLY A 38 -2.84 -7.92 11.34
C GLY A 38 -3.92 -6.98 10.82
N VAL A 39 -3.55 -5.75 10.47
CA VAL A 39 -4.53 -4.78 9.99
C VAL A 39 -4.40 -4.55 8.48
N TYR A 40 -3.17 -4.38 8.00
CA TYR A 40 -2.97 -4.13 6.58
C TYR A 40 -2.25 -5.29 5.90
N ALA A 41 -2.65 -5.59 4.68
CA ALA A 41 -2.01 -6.63 3.89
C ALA A 41 -1.11 -5.97 2.84
N LEU A 42 0.17 -6.33 2.84
CA LEU A 42 1.11 -5.73 1.89
C LEU A 42 1.30 -6.58 0.64
N LYS A 43 1.08 -5.95 -0.51
CA LYS A 43 1.25 -6.59 -1.79
C LYS A 43 2.26 -5.79 -2.61
N VAL A 44 3.13 -6.49 -3.31
CA VAL A 44 4.15 -5.85 -4.13
C VAL A 44 4.02 -6.26 -5.59
N ILE A 45 4.04 -5.26 -6.45
CA ILE A 45 3.91 -5.48 -7.87
C ILE A 45 5.21 -5.08 -8.56
N ASP A 46 5.99 -6.06 -8.96
CA ASP A 46 7.25 -5.80 -9.65
C ASP A 46 6.94 -5.43 -11.10
N VAL A 47 7.04 -4.15 -11.41
CA VAL A 47 6.73 -3.65 -12.75
C VAL A 47 7.71 -4.12 -13.83
N LEU A 48 8.98 -4.29 -13.49
CA LEU A 48 9.98 -4.76 -14.46
C LEU A 48 9.77 -6.23 -14.81
N LYS A 49 9.40 -7.03 -13.81
CA LYS A 49 9.17 -8.46 -14.02
C LYS A 49 7.90 -8.68 -14.82
N ASN A 50 6.86 -7.90 -14.50
CA ASN A 50 5.59 -8.00 -15.20
C ASN A 50 5.12 -6.63 -15.67
N PRO A 51 5.76 -6.09 -16.72
CA PRO A 51 5.42 -4.78 -17.27
C PRO A 51 3.99 -4.71 -17.79
N GLN A 52 3.42 -5.88 -18.11
CA GLN A 52 2.04 -5.95 -18.58
C GLN A 52 1.12 -5.48 -17.49
N LEU A 53 1.42 -5.89 -16.26
CA LEU A 53 0.61 -5.52 -15.11
C LEU A 53 0.81 -4.04 -14.81
N ALA A 54 2.05 -3.57 -15.00
CA ALA A 54 2.38 -2.17 -14.77
C ALA A 54 1.60 -1.28 -15.73
N GLU A 55 1.54 -1.71 -17.00
CA GLU A 55 0.81 -0.99 -18.03
C GLU A 55 -0.69 -1.02 -17.74
N GLU A 56 -1.16 -2.15 -17.24
CA GLU A 56 -2.58 -2.32 -16.90
C GLU A 56 -2.98 -1.31 -15.84
N ASP A 57 -2.12 -1.09 -14.85
CA ASP A 57 -2.41 -0.12 -13.79
C ASP A 57 -1.75 1.23 -14.10
N LYS A 58 -1.20 1.36 -15.31
CA LYS A 58 -0.56 2.59 -15.78
C LYS A 58 0.49 3.14 -14.82
N ILE A 59 1.44 2.28 -14.44
CA ILE A 59 2.50 2.68 -13.53
C ILE A 59 3.69 3.23 -14.30
N LEU A 60 3.91 4.54 -14.20
CA LEU A 60 5.00 5.19 -14.91
C LEU A 60 6.14 5.59 -13.97
N ALA A 61 5.94 5.41 -12.67
CA ALA A 61 6.96 5.77 -11.69
C ALA A 61 6.98 4.79 -10.53
N THR A 62 8.18 4.50 -10.02
CA THR A 62 8.36 3.59 -8.90
C THR A 62 9.36 4.15 -7.90
N PRO A 63 9.19 3.83 -6.61
CA PRO A 63 8.08 3.01 -6.14
C PRO A 63 6.76 3.79 -6.07
N THR A 64 5.67 3.06 -6.22
CA THR A 64 4.33 3.64 -6.16
C THR A 64 3.54 2.98 -5.04
N LEU A 65 3.03 3.77 -4.13
CA LEU A 65 2.25 3.25 -3.02
C LEU A 65 0.77 3.52 -3.26
N ALA A 66 -0.02 2.45 -3.35
CA ALA A 66 -1.45 2.61 -3.59
C ALA A 66 -2.27 1.59 -2.81
N LYS A 67 -3.37 2.07 -2.25
CA LYS A 67 -4.28 1.22 -1.52
C LYS A 67 -5.44 0.86 -2.43
N VAL A 68 -5.44 -0.36 -2.93
CA VAL A 68 -6.48 -0.80 -3.84
C VAL A 68 -7.76 -1.16 -3.11
N LEU A 69 -7.62 -1.61 -1.87
CA LEU A 69 -8.78 -2.00 -1.07
C LEU A 69 -8.68 -1.43 0.34
N PRO A 70 -9.80 -0.88 0.87
CA PRO A 70 -11.08 -0.77 0.18
C PRO A 70 -11.12 0.41 -0.80
N PRO A 71 -11.85 0.27 -1.93
CA PRO A 71 -11.99 1.35 -2.93
C PRO A 71 -12.67 2.59 -2.33
N PRO A 72 -12.43 3.79 -2.89
CA PRO A 72 -11.56 4.02 -4.06
C PRO A 72 -10.07 3.79 -3.79
N VAL A 73 -9.32 3.57 -4.85
CA VAL A 73 -7.88 3.34 -4.75
C VAL A 73 -7.14 4.63 -4.38
N ARG A 74 -6.34 4.58 -3.32
CA ARG A 74 -5.58 5.73 -2.87
C ARG A 74 -4.11 5.60 -3.21
N ARG A 75 -3.60 6.53 -4.01
CA ARG A 75 -2.21 6.51 -4.39
C ARG A 75 -1.42 7.58 -3.64
N ILE A 76 -0.39 7.14 -2.96
CA ILE A 76 0.46 8.02 -2.19
C ILE A 76 1.81 8.21 -2.91
N ILE A 77 2.09 9.45 -3.30
CA ILE A 77 3.33 9.75 -4.00
C ILE A 77 4.18 10.75 -3.22
N GLY A 78 5.45 10.40 -2.98
CA GLY A 78 6.35 11.27 -2.25
C GLY A 78 7.61 10.55 -1.83
N ASP A 79 8.29 11.07 -0.82
CA ASP A 79 9.50 10.44 -0.33
C ASP A 79 9.14 9.31 0.64
N LEU A 80 9.11 8.09 0.11
CA LEU A 80 8.74 6.93 0.92
C LEU A 80 9.93 6.34 1.67
N SER A 81 11.12 6.86 1.42
CA SER A 81 12.31 6.38 2.11
C SER A 81 12.27 6.77 3.58
N ASN A 82 11.48 7.80 3.88
CA ASN A 82 11.30 8.28 5.23
C ASN A 82 10.22 7.45 5.93
N ARG A 83 10.61 6.78 7.01
CA ARG A 83 9.68 5.92 7.76
C ARG A 83 8.49 6.70 8.31
N GLU A 84 8.72 7.93 8.77
CA GLU A 84 7.64 8.75 9.30
C GLU A 84 6.55 9.02 8.27
N LYS A 85 6.90 9.34 7.03
CA LYS A 85 5.87 9.58 6.01
C LYS A 85 5.08 8.31 5.74
N VAL A 86 5.77 7.18 5.69
CA VAL A 86 5.11 5.89 5.47
C VAL A 86 4.18 5.57 6.65
N LEU A 87 4.68 5.80 7.86
CA LEU A 87 3.90 5.53 9.07
C LEU A 87 2.71 6.48 9.19
N ILE A 88 2.97 7.77 9.02
CA ILE A 88 1.91 8.78 9.12
C ILE A 88 0.82 8.54 8.07
N ALA A 89 1.22 8.30 6.83
CA ALA A 89 0.27 8.04 5.76
C ALA A 89 -0.53 6.77 6.02
N LEU A 90 0.15 5.73 6.52
CA LEU A 90 -0.51 4.46 6.84
C LEU A 90 -1.48 4.63 8.01
N ARG A 91 -1.10 5.42 9.01
CA ARG A 91 -1.97 5.66 10.16
C ARG A 91 -3.25 6.38 9.75
N LEU A 92 -3.11 7.37 8.86
CA LEU A 92 -4.26 8.11 8.36
C LEU A 92 -5.17 7.19 7.56
N LEU A 93 -4.57 6.31 6.77
CA LEU A 93 -5.34 5.35 5.97
C LEU A 93 -6.09 4.37 6.87
N ALA A 94 -5.43 3.93 7.95
CA ALA A 94 -6.02 2.99 8.90
C ALA A 94 -7.24 3.58 9.60
N GLU A 95 -7.15 4.87 9.95
CA GLU A 95 -8.24 5.56 10.61
C GLU A 95 -9.48 5.59 9.71
N GLU A 96 -9.24 5.78 8.41
CA GLU A 96 -10.31 5.82 7.42
C GLU A 96 -11.05 4.48 7.38
N ILE A 97 -10.28 3.41 7.49
CA ILE A 97 -10.81 2.06 7.47
C ILE A 97 -11.75 1.82 8.65
N GLY A 98 -11.32 2.24 9.84
CA GLY A 98 -12.15 2.07 11.03
C GLY A 98 -13.45 2.86 10.95
N ASP A 99 -13.37 4.05 10.34
CA ASP A 99 -14.53 4.91 10.17
C ASP A 99 -15.56 4.28 9.23
N TYR A 100 -15.08 3.65 8.16
CA TYR A 100 -15.96 3.02 7.19
C TYR A 100 -16.35 1.62 7.65
N LYS A 101 -17.61 1.46 8.02
CA LYS A 101 -18.12 0.17 8.47
C LYS A 101 -19.09 -0.41 7.45
N ASP A 102 -18.85 -1.66 7.04
CA ASP A 102 -19.71 -2.32 6.07
C ASP A 102 -19.82 -3.80 6.39
N ASP A 103 -20.98 -4.22 6.90
CA ASP A 103 -21.21 -5.61 7.25
C ASP A 103 -21.78 -6.37 6.06
N ASP A 104 -20.94 -7.19 5.42
CA ASP A 104 -21.36 -7.98 4.26
C ASP A 104 -21.55 -9.44 4.64
N ASP A 105 -21.58 -9.72 5.94
CA ASP A 105 -21.76 -11.08 6.42
C ASP A 105 -23.24 -11.40 6.62
N LYS A 106 -23.80 -12.16 5.67
CA LYS A 106 -25.21 -12.56 5.71
C LYS A 106 -26.13 -11.33 5.76
N MET A 1 -22.41 -1.87 -3.37
CA MET A 1 -23.46 -2.90 -3.19
C MET A 1 -22.92 -4.11 -2.43
N ALA A 2 -21.65 -4.03 -2.05
CA ALA A 2 -21.01 -5.11 -1.32
C ALA A 2 -20.29 -4.57 -0.08
N PRO A 3 -20.21 -5.40 0.99
CA PRO A 3 -19.54 -5.01 2.24
C PRO A 3 -18.03 -4.94 2.10
N LEU A 4 -17.40 -4.16 2.98
CA LEU A 4 -15.95 -4.01 2.95
C LEU A 4 -15.30 -4.82 4.08
N ARG A 5 -14.20 -5.48 3.76
CA ARG A 5 -13.47 -6.30 4.72
C ARG A 5 -12.66 -5.43 5.67
N LYS A 6 -12.44 -5.94 6.88
CA LYS A 6 -11.66 -5.21 7.89
C LYS A 6 -10.22 -5.01 7.44
N THR A 7 -9.67 -6.04 6.80
CA THR A 7 -8.31 -5.98 6.32
C THR A 7 -8.24 -5.30 4.96
N ALA A 8 -7.43 -4.25 4.89
CA ALA A 8 -7.26 -3.49 3.67
C ALA A 8 -6.02 -3.94 2.90
N VAL A 9 -6.03 -3.75 1.60
CA VAL A 9 -4.91 -4.16 0.77
C VAL A 9 -4.15 -2.94 0.27
N LEU A 10 -2.87 -2.91 0.58
CA LEU A 10 -2.00 -1.82 0.17
C LEU A 10 -0.98 -2.40 -0.80
N LYS A 11 -0.85 -1.82 -1.98
CA LYS A 11 0.07 -2.35 -2.98
C LYS A 11 1.23 -1.41 -3.23
N LEU A 12 2.42 -1.96 -3.29
CA LEU A 12 3.61 -1.17 -3.56
C LEU A 12 4.16 -1.58 -4.93
N TYR A 13 4.33 -0.62 -5.81
CA TYR A 13 4.85 -0.90 -7.13
C TYR A 13 6.33 -0.52 -7.16
N VAL A 14 7.19 -1.47 -7.45
CA VAL A 14 8.62 -1.23 -7.47
C VAL A 14 9.23 -1.64 -8.80
N ALA A 15 10.40 -1.10 -9.10
CA ALA A 15 11.07 -1.42 -10.35
C ALA A 15 12.42 -2.06 -10.06
N GLY A 16 12.47 -3.39 -10.10
CA GLY A 16 13.70 -4.10 -9.85
C GLY A 16 14.12 -4.01 -8.39
N ASN A 17 15.43 -4.08 -8.16
CA ASN A 17 15.97 -4.01 -6.81
C ASN A 17 16.83 -2.76 -6.63
N THR A 18 16.34 -1.65 -7.15
CA THR A 18 17.05 -0.38 -7.02
C THR A 18 16.98 0.10 -5.58
N PRO A 19 17.93 0.94 -5.15
CA PRO A 19 17.95 1.46 -3.78
C PRO A 19 16.63 2.10 -3.37
N ASN A 20 15.98 2.80 -4.30
CA ASN A 20 14.70 3.44 -4.00
C ASN A 20 13.64 2.39 -3.70
N SER A 21 13.59 1.35 -4.55
CA SER A 21 12.65 0.24 -4.39
C SER A 21 12.96 -0.56 -3.14
N VAL A 22 14.24 -0.86 -2.92
CA VAL A 22 14.65 -1.62 -1.74
C VAL A 22 14.33 -0.84 -0.46
N ARG A 23 14.66 0.44 -0.48
CA ARG A 23 14.42 1.32 0.67
C ARG A 23 12.94 1.40 0.97
N ALA A 24 12.14 1.61 -0.08
CA ALA A 24 10.70 1.74 0.07
C ALA A 24 10.07 0.45 0.59
N LEU A 25 10.49 -0.70 0.03
CA LEU A 25 9.95 -1.99 0.46
C LEU A 25 10.29 -2.30 1.91
N LYS A 26 11.52 -2.04 2.33
CA LYS A 26 11.90 -2.29 3.71
C LYS A 26 11.11 -1.41 4.67
N THR A 27 10.92 -0.15 4.27
CA THR A 27 10.17 0.81 5.07
C THR A 27 8.69 0.43 5.16
N LEU A 28 8.11 0.04 4.03
CA LEU A 28 6.70 -0.33 3.98
C LEU A 28 6.42 -1.65 4.69
N ALA A 29 7.19 -2.69 4.36
CA ALA A 29 6.99 -4.01 4.94
C ALA A 29 7.20 -4.02 6.45
N ASN A 30 8.25 -3.38 6.92
CA ASN A 30 8.53 -3.36 8.37
C ASN A 30 7.42 -2.65 9.15
N ILE A 31 6.99 -1.51 8.64
CA ILE A 31 5.93 -0.75 9.28
C ILE A 31 4.62 -1.54 9.32
N LEU A 32 4.27 -2.16 8.20
CA LEU A 32 3.05 -2.96 8.13
C LEU A 32 3.15 -4.24 8.96
N GLU A 33 4.33 -4.85 9.02
CA GLU A 33 4.54 -6.08 9.79
C GLU A 33 4.47 -5.87 11.30
N LYS A 34 4.84 -4.68 11.77
CA LYS A 34 4.83 -4.42 13.22
C LYS A 34 3.79 -3.36 13.61
N GLU A 35 3.89 -2.19 13.00
CA GLU A 35 2.99 -1.08 13.32
C GLU A 35 1.53 -1.36 12.94
N PHE A 36 1.31 -1.99 11.78
CA PHE A 36 -0.06 -2.28 11.34
C PHE A 36 -0.31 -3.77 11.13
N LYS A 37 0.40 -4.62 11.85
CA LYS A 37 0.24 -6.06 11.73
C LYS A 37 -1.19 -6.50 12.03
N GLY A 38 -1.79 -7.24 11.10
CA GLY A 38 -3.14 -7.73 11.28
C GLY A 38 -4.20 -6.79 10.76
N VAL A 39 -3.82 -5.58 10.37
CA VAL A 39 -4.79 -4.62 9.85
C VAL A 39 -4.62 -4.40 8.35
N TYR A 40 -3.39 -4.22 7.90
CA TYR A 40 -3.16 -3.99 6.47
C TYR A 40 -2.40 -5.14 5.83
N ALA A 41 -2.78 -5.46 4.60
CA ALA A 41 -2.11 -6.51 3.84
C ALA A 41 -1.22 -5.85 2.79
N LEU A 42 0.05 -6.22 2.75
CA LEU A 42 0.98 -5.62 1.79
C LEU A 42 1.18 -6.49 0.55
N LYS A 43 0.98 -5.88 -0.59
CA LYS A 43 1.17 -6.53 -1.88
C LYS A 43 2.19 -5.74 -2.69
N VAL A 44 3.10 -6.45 -3.35
CA VAL A 44 4.13 -5.80 -4.15
C VAL A 44 4.04 -6.24 -5.60
N ILE A 45 4.06 -5.24 -6.47
CA ILE A 45 3.98 -5.46 -7.89
C ILE A 45 5.31 -5.07 -8.53
N ASP A 46 6.10 -6.07 -8.90
CA ASP A 46 7.38 -5.79 -9.54
C ASP A 46 7.15 -5.40 -10.99
N VAL A 47 7.28 -4.11 -11.25
CA VAL A 47 7.07 -3.53 -12.58
C VAL A 47 8.02 -4.09 -13.64
N LEU A 48 9.30 -4.22 -13.32
CA LEU A 48 10.27 -4.73 -14.29
C LEU A 48 10.07 -6.21 -14.61
N LYS A 49 9.76 -7.03 -13.61
CA LYS A 49 9.53 -8.45 -13.84
C LYS A 49 8.22 -8.70 -14.57
N ASN A 50 7.20 -7.91 -14.22
CA ASN A 50 5.89 -8.04 -14.86
C ASN A 50 5.41 -6.68 -15.35
N PRO A 51 6.02 -6.16 -16.43
CA PRO A 51 5.65 -4.87 -17.00
C PRO A 51 4.22 -4.83 -17.51
N GLN A 52 3.67 -6.00 -17.82
CA GLN A 52 2.29 -6.10 -18.30
C GLN A 52 1.35 -5.65 -17.19
N LEU A 53 1.65 -6.06 -15.97
CA LEU A 53 0.84 -5.70 -14.82
C LEU A 53 1.02 -4.22 -14.50
N ALA A 54 2.25 -3.75 -14.67
CA ALA A 54 2.56 -2.34 -14.43
C ALA A 54 1.79 -1.47 -15.41
N GLU A 55 1.76 -1.92 -16.67
CA GLU A 55 1.04 -1.22 -17.74
C GLU A 55 -0.46 -1.26 -17.49
N GLU A 56 -0.94 -2.39 -16.97
CA GLU A 56 -2.35 -2.56 -16.68
C GLU A 56 -2.81 -1.51 -15.66
N ASP A 57 -1.97 -1.23 -14.67
CA ASP A 57 -2.29 -0.22 -13.66
C ASP A 57 -1.64 1.12 -14.01
N LYS A 58 -1.10 1.20 -15.23
CA LYS A 58 -0.46 2.43 -15.76
C LYS A 58 0.58 3.01 -14.81
N ILE A 59 1.52 2.18 -14.39
CA ILE A 59 2.58 2.62 -13.49
C ILE A 59 3.74 3.20 -14.30
N LEU A 60 3.90 4.53 -14.23
CA LEU A 60 4.97 5.21 -14.96
C LEU A 60 6.10 5.65 -14.02
N ALA A 61 5.87 5.57 -12.72
CA ALA A 61 6.87 5.96 -11.74
C ALA A 61 6.91 4.99 -10.57
N THR A 62 8.12 4.67 -10.12
CA THR A 62 8.32 3.74 -9.02
C THR A 62 9.34 4.31 -8.03
N PRO A 63 9.19 3.98 -6.73
CA PRO A 63 8.09 3.16 -6.24
C PRO A 63 6.76 3.90 -6.20
N THR A 64 5.68 3.15 -6.34
CA THR A 64 4.33 3.71 -6.30
C THR A 64 3.55 3.06 -5.16
N LEU A 65 3.02 3.87 -4.26
CA LEU A 65 2.25 3.36 -3.13
C LEU A 65 0.77 3.61 -3.37
N ALA A 66 -0.03 2.56 -3.45
CA ALA A 66 -1.46 2.71 -3.68
C ALA A 66 -2.27 1.69 -2.89
N LYS A 67 -3.38 2.17 -2.32
CA LYS A 67 -4.27 1.32 -1.57
C LYS A 67 -5.44 0.97 -2.48
N VAL A 68 -5.46 -0.25 -2.97
CA VAL A 68 -6.52 -0.67 -3.88
C VAL A 68 -7.79 -1.05 -3.14
N LEU A 69 -7.64 -1.52 -1.91
CA LEU A 69 -8.80 -1.92 -1.11
C LEU A 69 -8.68 -1.40 0.32
N PRO A 70 -9.79 -0.88 0.89
CA PRO A 70 -11.08 -0.76 0.21
C PRO A 70 -11.12 0.42 -0.77
N PRO A 71 -11.99 0.36 -1.79
CA PRO A 71 -12.14 1.44 -2.78
C PRO A 71 -12.74 2.72 -2.18
N PRO A 72 -12.49 3.90 -2.78
CA PRO A 72 -11.67 4.04 -4.00
C PRO A 72 -10.18 3.85 -3.75
N VAL A 73 -9.44 3.62 -4.85
CA VAL A 73 -8.00 3.41 -4.78
C VAL A 73 -7.27 4.71 -4.41
N ARG A 74 -6.44 4.63 -3.38
CA ARG A 74 -5.68 5.79 -2.92
C ARG A 74 -4.21 5.66 -3.28
N ARG A 75 -3.71 6.59 -4.09
CA ARG A 75 -2.32 6.58 -4.49
C ARG A 75 -1.54 7.64 -3.73
N ILE A 76 -0.52 7.19 -3.02
CA ILE A 76 0.33 8.07 -2.25
C ILE A 76 1.67 8.27 -2.95
N ILE A 77 1.96 9.50 -3.34
CA ILE A 77 3.20 9.81 -4.04
C ILE A 77 4.07 10.76 -3.22
N GLY A 78 5.32 10.36 -2.98
CA GLY A 78 6.24 11.17 -2.21
C GLY A 78 7.48 10.41 -1.83
N ASP A 79 8.22 10.92 -0.85
CA ASP A 79 9.44 10.26 -0.39
C ASP A 79 9.07 9.15 0.59
N LEU A 80 9.06 7.92 0.09
CA LEU A 80 8.70 6.77 0.91
C LEU A 80 9.91 6.20 1.66
N SER A 81 11.09 6.74 1.40
CA SER A 81 12.30 6.28 2.08
C SER A 81 12.26 6.69 3.54
N ASN A 82 11.44 7.70 3.83
CA ASN A 82 11.27 8.19 5.19
C ASN A 82 10.18 7.37 5.89
N ARG A 83 10.57 6.70 6.97
CA ARG A 83 9.64 5.86 7.73
C ARG A 83 8.47 6.65 8.27
N GLU A 84 8.70 7.89 8.68
CA GLU A 84 7.63 8.73 9.21
C GLU A 84 6.52 8.95 8.20
N LYS A 85 6.86 9.25 6.94
CA LYS A 85 5.82 9.47 5.94
C LYS A 85 5.02 8.20 5.69
N VAL A 86 5.72 7.06 5.63
CA VAL A 86 5.05 5.78 5.42
C VAL A 86 4.12 5.47 6.60
N LEU A 87 4.63 5.66 7.82
CA LEU A 87 3.85 5.42 9.03
C LEU A 87 2.66 6.37 9.15
N ILE A 88 2.92 7.67 8.94
CA ILE A 88 1.87 8.68 9.03
C ILE A 88 0.78 8.47 7.98
N ALA A 89 1.18 8.23 6.72
CA ALA A 89 0.21 8.00 5.65
C ALA A 89 -0.61 6.73 5.89
N LEU A 90 0.05 5.68 6.36
CA LEU A 90 -0.62 4.42 6.66
C LEU A 90 -1.58 4.57 7.83
N ARG A 91 -1.20 5.39 8.81
CA ARG A 91 -2.02 5.65 9.99
C ARG A 91 -3.34 6.32 9.60
N LEU A 92 -3.27 7.33 8.73
CA LEU A 92 -4.46 8.04 8.28
C LEU A 92 -5.38 7.12 7.48
N LEU A 93 -4.78 6.26 6.66
CA LEU A 93 -5.55 5.32 5.85
C LEU A 93 -6.26 4.29 6.73
N ALA A 94 -5.55 3.82 7.76
CA ALA A 94 -6.08 2.83 8.68
C ALA A 94 -7.19 3.44 9.50
N GLU A 95 -7.00 4.71 9.82
CA GLU A 95 -7.95 5.47 10.59
C GLU A 95 -9.28 5.57 9.84
N GLU A 96 -9.19 5.79 8.53
CA GLU A 96 -10.37 5.89 7.68
C GLU A 96 -11.14 4.56 7.69
N ILE A 97 -10.37 3.48 7.65
CA ILE A 97 -10.94 2.12 7.64
C ILE A 97 -11.63 1.83 8.97
N GLY A 98 -10.98 2.17 10.07
CA GLY A 98 -11.55 1.96 11.40
C GLY A 98 -12.83 2.75 11.61
N ASP A 99 -12.87 3.94 11.06
CA ASP A 99 -14.04 4.83 11.18
C ASP A 99 -15.28 4.19 10.54
N TYR A 100 -15.09 3.54 9.41
CA TYR A 100 -16.19 2.89 8.70
C TYR A 100 -16.51 1.54 9.33
N LYS A 101 -17.70 1.44 9.89
CA LYS A 101 -18.15 0.19 10.51
C LYS A 101 -19.27 -0.44 9.71
N ASP A 102 -19.26 -1.76 9.63
CA ASP A 102 -20.28 -2.50 8.88
C ASP A 102 -21.56 -2.68 9.70
N ASP A 103 -22.66 -2.15 9.18
CA ASP A 103 -23.97 -2.24 9.84
C ASP A 103 -23.96 -1.60 11.22
N ASP A 104 -23.50 -0.35 11.29
CA ASP A 104 -23.44 0.38 12.56
C ASP A 104 -24.68 1.26 12.73
N ASP A 105 -25.69 1.04 11.92
CA ASP A 105 -26.92 1.81 11.98
C ASP A 105 -27.92 1.17 12.95
N LYS A 106 -28.03 1.74 14.15
CA LYS A 106 -28.94 1.24 15.18
C LYS A 106 -28.65 -0.22 15.52
N MET A 1 -5.71 -18.08 3.81
CA MET A 1 -5.47 -17.42 2.49
C MET A 1 -6.71 -16.60 2.08
N ALA A 2 -7.77 -16.72 2.86
CA ALA A 2 -9.01 -16.00 2.58
C ALA A 2 -8.95 -14.58 3.12
N PRO A 3 -9.11 -13.57 2.24
CA PRO A 3 -9.07 -12.15 2.63
C PRO A 3 -10.29 -11.73 3.43
N LEU A 4 -10.10 -10.73 4.28
CA LEU A 4 -11.19 -10.21 5.11
C LEU A 4 -11.52 -8.78 4.73
N ARG A 5 -12.78 -8.40 4.93
CA ARG A 5 -13.24 -7.05 4.61
C ARG A 5 -12.52 -6.00 5.44
N LYS A 6 -12.27 -6.32 6.71
CA LYS A 6 -11.58 -5.40 7.63
C LYS A 6 -10.16 -5.12 7.19
N THR A 7 -9.49 -6.13 6.67
CA THR A 7 -8.11 -5.98 6.21
C THR A 7 -8.04 -5.25 4.88
N ALA A 8 -7.28 -4.17 4.86
CA ALA A 8 -7.10 -3.38 3.65
C ALA A 8 -5.86 -3.85 2.89
N VAL A 9 -5.87 -3.63 1.58
CA VAL A 9 -4.76 -4.07 0.74
C VAL A 9 -4.01 -2.88 0.15
N LEU A 10 -2.70 -2.88 0.34
CA LEU A 10 -1.84 -1.84 -0.20
C LEU A 10 -0.94 -2.47 -1.26
N LYS A 11 -0.82 -1.83 -2.41
CA LYS A 11 0.03 -2.37 -3.45
C LYS A 11 1.22 -1.45 -3.69
N LEU A 12 2.41 -2.03 -3.64
CA LEU A 12 3.62 -1.28 -3.86
C LEU A 12 4.18 -1.61 -5.22
N TYR A 13 4.35 -0.63 -6.07
CA TYR A 13 4.88 -0.86 -7.40
C TYR A 13 6.37 -0.53 -7.39
N VAL A 14 7.20 -1.52 -7.65
CA VAL A 14 8.64 -1.33 -7.63
C VAL A 14 9.29 -1.80 -8.92
N ALA A 15 10.48 -1.33 -9.17
CA ALA A 15 11.22 -1.71 -10.37
C ALA A 15 12.50 -2.43 -9.98
N GLY A 16 12.50 -3.75 -10.14
CA GLY A 16 13.65 -4.55 -9.80
C GLY A 16 14.00 -4.45 -8.33
N ASN A 17 15.25 -4.16 -8.04
CA ASN A 17 15.70 -4.03 -6.65
C ASN A 17 16.59 -2.81 -6.48
N THR A 18 16.10 -1.66 -6.92
CA THR A 18 16.84 -0.42 -6.79
C THR A 18 16.81 0.05 -5.35
N PRO A 19 17.77 0.88 -4.92
CA PRO A 19 17.82 1.38 -3.56
C PRO A 19 16.52 2.05 -3.12
N ASN A 20 15.87 2.76 -4.04
CA ASN A 20 14.61 3.42 -3.72
C ASN A 20 13.53 2.38 -3.42
N SER A 21 13.45 1.36 -4.28
CA SER A 21 12.48 0.27 -4.11
C SER A 21 12.79 -0.55 -2.87
N VAL A 22 14.06 -0.86 -2.65
CA VAL A 22 14.46 -1.64 -1.49
C VAL A 22 14.18 -0.85 -0.20
N ARG A 23 14.53 0.42 -0.21
CA ARG A 23 14.33 1.29 0.93
C ARG A 23 12.86 1.41 1.26
N ALA A 24 12.06 1.68 0.23
CA ALA A 24 10.62 1.84 0.40
C ALA A 24 9.98 0.54 0.90
N LEU A 25 10.43 -0.58 0.33
CA LEU A 25 9.92 -1.90 0.70
C LEU A 25 10.20 -2.21 2.17
N LYS A 26 11.43 -1.97 2.61
CA LYS A 26 11.80 -2.22 4.01
C LYS A 26 11.01 -1.32 4.96
N THR A 27 10.85 -0.06 4.54
CA THR A 27 10.14 0.94 5.34
C THR A 27 8.66 0.59 5.49
N LEU A 28 8.01 0.21 4.38
CA LEU A 28 6.59 -0.11 4.42
C LEU A 28 6.30 -1.45 5.09
N ALA A 29 7.08 -2.47 4.74
CA ALA A 29 6.87 -3.81 5.29
C ALA A 29 7.04 -3.84 6.81
N ASN A 30 8.08 -3.18 7.33
CA ASN A 30 8.32 -3.17 8.77
C ASN A 30 7.18 -2.48 9.52
N ILE A 31 6.72 -1.36 8.97
CA ILE A 31 5.63 -0.63 9.59
C ILE A 31 4.35 -1.46 9.61
N LEU A 32 4.04 -2.09 8.49
CA LEU A 32 2.86 -2.92 8.39
C LEU A 32 2.97 -4.19 9.24
N GLU A 33 4.16 -4.77 9.31
CA GLU A 33 4.39 -5.99 10.10
C GLU A 33 4.28 -5.78 11.60
N LYS A 34 4.77 -4.64 12.10
CA LYS A 34 4.74 -4.39 13.55
C LYS A 34 3.67 -3.37 13.95
N GLU A 35 3.74 -2.18 13.38
CA GLU A 35 2.80 -1.10 13.69
C GLU A 35 1.36 -1.44 13.32
N PHE A 36 1.16 -2.07 12.18
CA PHE A 36 -0.19 -2.41 11.73
C PHE A 36 -0.38 -3.90 11.48
N LYS A 37 0.33 -4.73 12.25
CA LYS A 37 0.23 -6.18 12.13
C LYS A 37 -1.21 -6.68 12.15
N GLY A 38 -1.61 -7.41 11.11
CA GLY A 38 -2.95 -7.96 11.04
C GLY A 38 -4.00 -6.98 10.55
N VAL A 39 -3.61 -5.75 10.23
CA VAL A 39 -4.58 -4.76 9.76
C VAL A 39 -4.44 -4.51 8.25
N TYR A 40 -3.21 -4.36 7.77
CA TYR A 40 -3.01 -4.10 6.34
C TYR A 40 -2.25 -5.22 5.66
N ALA A 41 -2.60 -5.49 4.42
CA ALA A 41 -1.93 -6.50 3.62
C ALA A 41 -1.07 -5.81 2.56
N LEU A 42 0.22 -6.13 2.51
CA LEU A 42 1.12 -5.51 1.55
C LEU A 42 1.33 -6.39 0.33
N LYS A 43 1.05 -5.82 -0.84
CA LYS A 43 1.23 -6.53 -2.11
C LYS A 43 2.19 -5.76 -3.01
N VAL A 44 3.30 -6.40 -3.36
CA VAL A 44 4.29 -5.78 -4.22
C VAL A 44 4.14 -6.24 -5.66
N ILE A 45 4.13 -5.25 -6.55
CA ILE A 45 3.98 -5.49 -7.96
C ILE A 45 5.28 -5.10 -8.67
N ASP A 46 6.05 -6.11 -9.08
CA ASP A 46 7.29 -5.86 -9.78
C ASP A 46 6.98 -5.49 -11.23
N VAL A 47 7.11 -4.20 -11.55
CA VAL A 47 6.79 -3.72 -12.88
C VAL A 47 7.79 -4.19 -13.96
N LEU A 48 9.06 -4.37 -13.60
CA LEU A 48 10.06 -4.81 -14.59
C LEU A 48 9.86 -6.26 -15.03
N LYS A 49 9.50 -7.13 -14.09
CA LYS A 49 9.29 -8.54 -14.41
C LYS A 49 8.01 -8.73 -15.23
N ASN A 50 6.98 -7.96 -14.92
CA ASN A 50 5.73 -8.06 -15.64
C ASN A 50 5.27 -6.69 -16.11
N PRO A 51 5.76 -6.27 -17.27
CA PRO A 51 5.42 -4.97 -17.86
C PRO A 51 3.93 -4.84 -18.18
N GLN A 52 3.30 -5.98 -18.45
CA GLN A 52 1.87 -6.02 -18.78
C GLN A 52 1.05 -5.54 -17.60
N LEU A 53 1.41 -5.97 -16.39
CA LEU A 53 0.67 -5.57 -15.21
C LEU A 53 0.91 -4.09 -14.93
N ALA A 54 2.14 -3.63 -15.19
CA ALA A 54 2.49 -2.24 -14.98
C ALA A 54 1.68 -1.35 -15.92
N GLU A 55 1.56 -1.81 -17.17
CA GLU A 55 0.78 -1.08 -18.18
C GLU A 55 -0.70 -1.09 -17.83
N GLU A 56 -1.17 -2.22 -17.31
CA GLU A 56 -2.58 -2.35 -16.93
C GLU A 56 -2.94 -1.31 -15.88
N ASP A 57 -2.04 -1.08 -14.92
CA ASP A 57 -2.29 -0.08 -13.89
C ASP A 57 -1.59 1.23 -14.22
N LYS A 58 -1.05 1.31 -15.45
CA LYS A 58 -0.38 2.51 -15.96
C LYS A 58 0.67 3.06 -14.98
N ILE A 59 1.58 2.19 -14.57
CA ILE A 59 2.63 2.56 -13.64
C ILE A 59 3.85 3.11 -14.38
N LEU A 60 4.06 4.42 -14.28
CA LEU A 60 5.18 5.08 -14.95
C LEU A 60 6.25 5.51 -13.96
N ALA A 61 6.04 5.21 -12.68
CA ALA A 61 7.00 5.59 -11.64
C ALA A 61 7.10 4.53 -10.56
N THR A 62 8.28 4.40 -9.98
CA THR A 62 8.54 3.43 -8.91
C THR A 62 9.56 3.99 -7.92
N PRO A 63 9.39 3.72 -6.62
CA PRO A 63 8.25 2.96 -6.12
C PRO A 63 6.98 3.81 -5.99
N THR A 64 5.84 3.15 -6.12
CA THR A 64 4.54 3.82 -6.01
C THR A 64 3.67 3.06 -5.02
N LEU A 65 3.07 3.79 -4.08
CA LEU A 65 2.21 3.19 -3.07
C LEU A 65 0.75 3.49 -3.36
N ALA A 66 -0.05 2.45 -3.55
CA ALA A 66 -1.47 2.64 -3.82
C ALA A 66 -2.31 1.65 -3.03
N LYS A 67 -3.39 2.16 -2.42
CA LYS A 67 -4.31 1.32 -1.67
C LYS A 67 -5.40 0.88 -2.61
N VAL A 68 -5.34 -0.37 -3.03
CA VAL A 68 -6.32 -0.90 -3.94
C VAL A 68 -7.59 -1.34 -3.21
N LEU A 69 -7.45 -1.65 -1.92
CA LEU A 69 -8.59 -2.08 -1.13
C LEU A 69 -8.55 -1.47 0.26
N PRO A 70 -9.67 -0.90 0.73
CA PRO A 70 -10.92 -0.82 -0.04
C PRO A 70 -10.92 0.35 -1.04
N PRO A 71 -11.67 0.23 -2.15
CA PRO A 71 -11.77 1.28 -3.17
C PRO A 71 -12.58 2.48 -2.66
N PRO A 72 -12.42 3.68 -3.26
CA PRO A 72 -11.53 3.95 -4.39
C PRO A 72 -10.05 3.75 -4.07
N VAL A 73 -9.26 3.47 -5.11
CA VAL A 73 -7.83 3.26 -4.96
C VAL A 73 -7.12 4.57 -4.58
N ARG A 74 -6.39 4.55 -3.48
CA ARG A 74 -5.66 5.73 -3.02
C ARG A 74 -4.18 5.62 -3.36
N ARG A 75 -3.71 6.53 -4.21
CA ARG A 75 -2.32 6.52 -4.61
C ARG A 75 -1.54 7.55 -3.81
N ILE A 76 -0.49 7.09 -3.17
CA ILE A 76 0.36 7.95 -2.36
C ILE A 76 1.71 8.15 -3.07
N ILE A 77 2.01 9.39 -3.43
CA ILE A 77 3.26 9.71 -4.11
C ILE A 77 4.10 10.69 -3.29
N GLY A 78 5.35 10.32 -3.03
CA GLY A 78 6.23 11.18 -2.27
C GLY A 78 7.50 10.46 -1.85
N ASP A 79 8.20 11.01 -0.87
CA ASP A 79 9.44 10.39 -0.39
C ASP A 79 9.08 9.29 0.61
N LEU A 80 9.09 8.05 0.14
CA LEU A 80 8.73 6.92 0.98
C LEU A 80 9.92 6.36 1.76
N SER A 81 11.12 6.85 1.47
CA SER A 81 12.31 6.40 2.19
C SER A 81 12.27 6.86 3.64
N ASN A 82 11.46 7.88 3.89
CA ASN A 82 11.29 8.42 5.23
C ASN A 82 10.23 7.60 5.96
N ARG A 83 10.65 6.95 7.05
CA ARG A 83 9.74 6.10 7.82
C ARG A 83 8.54 6.87 8.37
N GLU A 84 8.76 8.11 8.80
CA GLU A 84 7.68 8.93 9.33
C GLU A 84 6.57 9.15 8.31
N LYS A 85 6.91 9.46 7.06
CA LYS A 85 5.86 9.66 6.05
C LYS A 85 5.08 8.38 5.80
N VAL A 86 5.77 7.25 5.75
CA VAL A 86 5.10 5.97 5.54
C VAL A 86 4.19 5.65 6.73
N LEU A 87 4.71 5.87 7.95
CA LEU A 87 3.93 5.63 9.17
C LEU A 87 2.76 6.59 9.29
N ILE A 88 3.00 7.88 9.03
CA ILE A 88 1.94 8.88 9.10
C ILE A 88 0.83 8.58 8.08
N ALA A 89 1.24 8.28 6.84
CA ALA A 89 0.28 7.95 5.79
C ALA A 89 -0.48 6.67 6.14
N LEU A 90 0.23 5.70 6.70
CA LEU A 90 -0.36 4.42 7.10
C LEU A 90 -1.37 4.62 8.23
N ARG A 91 -1.03 5.47 9.19
CA ARG A 91 -1.91 5.77 10.32
C ARG A 91 -3.20 6.43 9.85
N LEU A 92 -3.07 7.41 8.96
CA LEU A 92 -4.24 8.11 8.43
C LEU A 92 -5.15 7.17 7.63
N LEU A 93 -4.53 6.28 6.85
CA LEU A 93 -5.28 5.32 6.05
C LEU A 93 -6.05 4.34 6.95
N ALA A 94 -5.40 3.89 8.02
CA ALA A 94 -6.01 2.95 8.96
C ALA A 94 -7.21 3.57 9.67
N GLU A 95 -7.10 4.85 10.01
CA GLU A 95 -8.18 5.55 10.69
C GLU A 95 -9.43 5.59 9.81
N GLU A 96 -9.20 5.74 8.50
CA GLU A 96 -10.28 5.77 7.52
C GLU A 96 -11.06 4.45 7.56
N ILE A 97 -10.32 3.35 7.69
CA ILE A 97 -10.90 2.02 7.74
C ILE A 97 -11.71 1.84 9.03
N GLY A 98 -11.15 2.31 10.14
CA GLY A 98 -11.81 2.22 11.43
C GLY A 98 -13.14 2.95 11.47
N ASP A 99 -13.21 4.07 10.76
CA ASP A 99 -14.42 4.87 10.70
C ASP A 99 -15.59 4.09 10.10
N TYR A 100 -15.30 3.30 9.07
CA TYR A 100 -16.34 2.50 8.42
C TYR A 100 -16.40 1.10 9.02
N LYS A 101 -17.46 0.85 9.78
CA LYS A 101 -17.65 -0.44 10.42
C LYS A 101 -18.83 -1.19 9.81
N ASP A 102 -18.68 -2.51 9.67
CA ASP A 102 -19.74 -3.34 9.11
C ASP A 102 -19.66 -4.76 9.66
N ASP A 103 -20.65 -5.58 9.34
CA ASP A 103 -20.68 -6.96 9.80
C ASP A 103 -20.23 -7.90 8.69
N ASP A 104 -18.99 -8.36 8.77
CA ASP A 104 -18.44 -9.28 7.76
C ASP A 104 -18.37 -10.71 8.30
N ASP A 105 -19.03 -10.95 9.42
CA ASP A 105 -19.04 -12.27 10.03
C ASP A 105 -20.20 -13.11 9.48
N LYS A 106 -19.87 -14.04 8.60
CA LYS A 106 -20.88 -14.90 7.99
C LYS A 106 -20.76 -16.33 8.53
N MET A 1 -15.62 -5.37 -6.68
CA MET A 1 -14.95 -4.48 -5.69
C MET A 1 -15.97 -3.84 -4.75
N ALA A 2 -17.24 -4.19 -4.96
CA ALA A 2 -18.33 -3.67 -4.13
C ALA A 2 -18.20 -4.05 -2.64
N PRO A 3 -17.98 -5.36 -2.31
CA PRO A 3 -17.83 -5.80 -0.93
C PRO A 3 -16.64 -5.14 -0.22
N LEU A 4 -16.82 -4.84 1.06
CA LEU A 4 -15.78 -4.20 1.85
C LEU A 4 -15.28 -5.12 2.94
N ARG A 5 -13.98 -5.05 3.23
CA ARG A 5 -13.38 -5.89 4.26
C ARG A 5 -12.63 -5.04 5.29
N LYS A 6 -12.50 -5.57 6.50
CA LYS A 6 -11.80 -4.85 7.57
C LYS A 6 -10.33 -4.66 7.23
N THR A 7 -9.75 -5.69 6.62
CA THR A 7 -8.34 -5.65 6.22
C THR A 7 -8.18 -4.96 4.87
N ALA A 8 -7.40 -3.90 4.87
CA ALA A 8 -7.14 -3.14 3.66
C ALA A 8 -5.96 -3.72 2.90
N VAL A 9 -5.97 -3.53 1.58
CA VAL A 9 -4.90 -4.04 0.74
C VAL A 9 -4.10 -2.89 0.16
N LEU A 10 -2.80 -2.92 0.41
CA LEU A 10 -1.90 -1.90 -0.08
C LEU A 10 -0.97 -2.53 -1.09
N LYS A 11 -0.86 -1.94 -2.28
CA LYS A 11 0.02 -2.49 -3.30
C LYS A 11 1.19 -1.57 -3.56
N LEU A 12 2.38 -2.13 -3.55
CA LEU A 12 3.58 -1.38 -3.79
C LEU A 12 4.13 -1.73 -5.16
N TYR A 13 4.33 -0.74 -6.02
CA TYR A 13 4.87 -1.00 -7.33
C TYR A 13 6.34 -0.67 -7.30
N VAL A 14 7.18 -1.67 -7.54
CA VAL A 14 8.62 -1.46 -7.50
C VAL A 14 9.29 -1.91 -8.78
N ALA A 15 10.50 -1.42 -9.00
CA ALA A 15 11.25 -1.76 -10.19
C ALA A 15 12.52 -2.51 -9.82
N GLY A 16 12.49 -3.84 -9.95
CA GLY A 16 13.63 -4.66 -9.63
C GLY A 16 14.06 -4.54 -8.18
N ASN A 17 15.36 -4.41 -7.96
CA ASN A 17 15.90 -4.28 -6.61
C ASN A 17 16.73 -3.01 -6.47
N THR A 18 16.21 -1.92 -6.99
CA THR A 18 16.90 -0.64 -6.90
C THR A 18 16.88 -0.16 -5.46
N PRO A 19 17.84 0.69 -5.05
CA PRO A 19 17.91 1.21 -3.69
C PRO A 19 16.60 1.87 -3.25
N ASN A 20 15.95 2.59 -4.15
CA ASN A 20 14.68 3.24 -3.82
C ASN A 20 13.61 2.20 -3.51
N SER A 21 13.55 1.15 -4.34
CA SER A 21 12.59 0.06 -4.16
C SER A 21 12.91 -0.74 -2.92
N VAL A 22 14.18 -1.05 -2.70
CA VAL A 22 14.59 -1.82 -1.54
C VAL A 22 14.33 -1.02 -0.25
N ARG A 23 14.73 0.24 -0.27
CA ARG A 23 14.56 1.13 0.88
C ARG A 23 13.08 1.30 1.21
N ALA A 24 12.29 1.56 0.17
CA ALA A 24 10.86 1.76 0.35
C ALA A 24 10.20 0.48 0.85
N LEU A 25 10.61 -0.66 0.28
CA LEU A 25 10.08 -1.96 0.65
C LEU A 25 10.35 -2.26 2.13
N LYS A 26 11.58 -2.01 2.57
CA LYS A 26 11.95 -2.25 3.97
C LYS A 26 11.15 -1.35 4.90
N THR A 27 10.96 -0.10 4.47
CA THR A 27 10.21 0.89 5.24
C THR A 27 8.73 0.52 5.34
N LEU A 28 8.15 0.12 4.20
CA LEU A 28 6.73 -0.25 4.16
C LEU A 28 6.44 -1.57 4.86
N ALA A 29 7.21 -2.61 4.53
CA ALA A 29 7.00 -3.94 5.10
C ALA A 29 7.15 -3.97 6.61
N ASN A 30 8.18 -3.33 7.14
CA ASN A 30 8.40 -3.34 8.60
C ASN A 30 7.27 -2.64 9.34
N ILE A 31 6.83 -1.49 8.81
CA ILE A 31 5.74 -0.76 9.42
C ILE A 31 4.45 -1.56 9.37
N LEU A 32 4.18 -2.15 8.21
CA LEU A 32 2.99 -2.98 8.01
C LEU A 32 3.01 -4.29 8.81
N GLU A 33 4.20 -4.88 8.97
CA GLU A 33 4.33 -6.16 9.70
C GLU A 33 4.47 -5.97 11.21
N LYS A 34 4.58 -4.73 11.67
CA LYS A 34 4.73 -4.50 13.10
C LYS A 34 3.72 -3.47 13.62
N GLU A 35 3.82 -2.24 13.10
CA GLU A 35 2.94 -1.16 13.52
C GLU A 35 1.47 -1.41 13.17
N PHE A 36 1.21 -1.96 11.98
CA PHE A 36 -0.16 -2.23 11.56
C PHE A 36 -0.36 -3.71 11.20
N LYS A 37 0.39 -4.57 11.86
CA LYS A 37 0.30 -6.01 11.61
C LYS A 37 -1.11 -6.53 11.90
N GLY A 38 -1.68 -7.25 10.93
CA GLY A 38 -3.01 -7.79 11.09
C GLY A 38 -4.10 -6.87 10.59
N VAL A 39 -3.74 -5.64 10.25
CA VAL A 39 -4.73 -4.69 9.77
C VAL A 39 -4.58 -4.46 8.26
N TYR A 40 -3.35 -4.33 7.78
CA TYR A 40 -3.16 -4.11 6.34
C TYR A 40 -2.43 -5.28 5.68
N ALA A 41 -2.82 -5.58 4.45
CA ALA A 41 -2.19 -6.63 3.67
C ALA A 41 -1.29 -5.99 2.62
N LEU A 42 -0.02 -6.37 2.60
CA LEU A 42 0.92 -5.78 1.65
C LEU A 42 1.12 -6.64 0.41
N LYS A 43 0.92 -6.01 -0.74
CA LYS A 43 1.10 -6.65 -2.04
C LYS A 43 2.15 -5.87 -2.82
N VAL A 44 3.04 -6.59 -3.50
CA VAL A 44 4.09 -5.96 -4.29
C VAL A 44 4.00 -6.37 -5.74
N ILE A 45 4.06 -5.37 -6.60
CA ILE A 45 3.98 -5.58 -8.02
C ILE A 45 5.30 -5.17 -8.67
N ASP A 46 6.09 -6.18 -9.06
CA ASP A 46 7.37 -5.92 -9.72
C ASP A 46 7.11 -5.53 -11.17
N VAL A 47 7.21 -4.23 -11.46
CA VAL A 47 6.95 -3.73 -12.80
C VAL A 47 7.98 -4.18 -13.85
N LEU A 48 9.24 -4.33 -13.45
CA LEU A 48 10.28 -4.78 -14.40
C LEU A 48 10.09 -6.24 -14.78
N LYS A 49 9.66 -7.05 -13.82
CA LYS A 49 9.45 -8.47 -14.05
C LYS A 49 8.24 -8.70 -14.94
N ASN A 50 7.19 -7.93 -14.69
CA ASN A 50 5.96 -8.04 -15.48
C ASN A 50 5.55 -6.68 -16.03
N PRO A 51 6.14 -6.30 -17.17
CA PRO A 51 5.87 -5.01 -17.83
C PRO A 51 4.41 -4.86 -18.23
N GLN A 52 3.77 -5.98 -18.55
CA GLN A 52 2.36 -5.99 -18.94
C GLN A 52 1.49 -5.51 -17.79
N LEU A 53 1.81 -5.96 -16.59
CA LEU A 53 1.04 -5.58 -15.42
C LEU A 53 1.27 -4.11 -15.09
N ALA A 54 2.50 -3.65 -15.29
CA ALA A 54 2.85 -2.27 -15.05
C ALA A 54 2.08 -1.37 -16.01
N GLU A 55 2.00 -1.80 -17.26
CA GLU A 55 1.27 -1.09 -18.30
C GLU A 55 -0.23 -1.10 -18.01
N GLU A 56 -0.72 -2.23 -17.50
CA GLU A 56 -2.13 -2.37 -17.18
C GLU A 56 -2.54 -1.33 -16.13
N ASP A 57 -1.69 -1.10 -15.13
CA ASP A 57 -1.99 -0.12 -14.10
C ASP A 57 -1.31 1.22 -14.40
N LYS A 58 -0.74 1.33 -15.60
CA LYS A 58 -0.06 2.54 -16.07
C LYS A 58 0.97 3.08 -15.08
N ILE A 59 1.87 2.21 -14.64
CA ILE A 59 2.89 2.60 -13.69
C ILE A 59 4.10 3.19 -14.41
N LEU A 60 4.29 4.49 -14.27
CA LEU A 60 5.41 5.18 -14.92
C LEU A 60 6.51 5.56 -13.93
N ALA A 61 6.25 5.36 -12.64
CA ALA A 61 7.22 5.69 -11.60
C ALA A 61 7.20 4.69 -10.46
N THR A 62 8.37 4.38 -9.93
CA THR A 62 8.50 3.43 -8.83
C THR A 62 9.50 3.95 -7.80
N PRO A 63 9.28 3.63 -6.51
CA PRO A 63 8.13 2.85 -6.07
C PRO A 63 6.85 3.67 -6.03
N THR A 64 5.72 2.98 -6.19
CA THR A 64 4.41 3.61 -6.16
C THR A 64 3.55 2.99 -5.06
N LEU A 65 2.97 3.83 -4.22
CA LEU A 65 2.11 3.36 -3.14
C LEU A 65 0.65 3.58 -3.50
N ALA A 66 -0.12 2.50 -3.58
CA ALA A 66 -1.53 2.62 -3.90
C ALA A 66 -2.37 1.63 -3.11
N LYS A 67 -3.44 2.15 -2.52
CA LYS A 67 -4.36 1.34 -1.75
C LYS A 67 -5.50 0.93 -2.68
N VAL A 68 -5.49 -0.31 -3.10
CA VAL A 68 -6.53 -0.78 -4.00
C VAL A 68 -7.80 -1.13 -3.24
N LEU A 69 -7.64 -1.52 -1.98
CA LEU A 69 -8.78 -1.89 -1.15
C LEU A 69 -8.64 -1.33 0.26
N PRO A 70 -9.73 -0.83 0.87
CA PRO A 70 -11.06 -0.74 0.24
C PRO A 70 -11.15 0.38 -0.80
N PRO A 71 -12.01 0.23 -1.83
CA PRO A 71 -12.21 1.26 -2.86
C PRO A 71 -12.72 2.58 -2.27
N PRO A 72 -12.42 3.73 -2.90
CA PRO A 72 -11.62 3.81 -4.14
C PRO A 72 -10.12 3.66 -3.92
N VAL A 73 -9.38 3.50 -5.02
CA VAL A 73 -7.93 3.33 -4.96
C VAL A 73 -7.24 4.66 -4.61
N ARG A 74 -6.42 4.61 -3.57
CA ARG A 74 -5.68 5.79 -3.11
C ARG A 74 -4.19 5.67 -3.42
N ARG A 75 -3.68 6.59 -4.22
CA ARG A 75 -2.28 6.58 -4.57
C ARG A 75 -1.51 7.62 -3.77
N ILE A 76 -0.51 7.15 -3.06
CA ILE A 76 0.34 8.01 -2.24
C ILE A 76 1.69 8.21 -2.96
N ILE A 77 1.98 9.45 -3.35
CA ILE A 77 3.22 9.77 -4.04
C ILE A 77 4.02 10.80 -3.27
N GLY A 78 5.29 10.49 -3.01
CA GLY A 78 6.16 11.40 -2.27
C GLY A 78 7.42 10.71 -1.80
N ASP A 79 8.06 11.28 -0.79
CA ASP A 79 9.28 10.68 -0.24
C ASP A 79 8.91 9.57 0.73
N LEU A 80 8.90 8.34 0.23
CA LEU A 80 8.53 7.19 1.04
C LEU A 80 9.73 6.56 1.75
N SER A 81 10.93 7.07 1.48
CA SER A 81 12.13 6.55 2.12
C SER A 81 12.13 6.89 3.61
N ASN A 82 11.36 7.90 3.98
CA ASN A 82 11.23 8.32 5.37
C ASN A 82 10.14 7.49 6.05
N ARG A 83 10.52 6.79 7.12
CA ARG A 83 9.59 5.94 7.85
C ARG A 83 8.42 6.72 8.41
N GLU A 84 8.67 7.96 8.86
CA GLU A 84 7.61 8.80 9.40
C GLU A 84 6.52 9.08 8.38
N LYS A 85 6.87 9.41 7.14
CA LYS A 85 5.86 9.67 6.12
C LYS A 85 5.05 8.41 5.83
N VAL A 86 5.74 7.27 5.78
CA VAL A 86 5.06 6.00 5.54
C VAL A 86 4.11 5.69 6.69
N LEU A 87 4.56 5.92 7.91
CA LEU A 87 3.75 5.68 9.10
C LEU A 87 2.59 6.66 9.20
N ILE A 88 2.88 7.95 9.03
CA ILE A 88 1.85 8.99 9.11
C ILE A 88 0.78 8.81 8.04
N ALA A 89 1.20 8.59 6.80
CA ALA A 89 0.26 8.40 5.70
C ALA A 89 -0.58 7.14 5.90
N LEU A 90 0.08 6.06 6.34
CA LEU A 90 -0.61 4.79 6.58
C LEU A 90 -1.57 4.92 7.76
N ARG A 91 -1.14 5.64 8.79
CA ARG A 91 -1.95 5.87 9.99
C ARG A 91 -3.24 6.61 9.63
N LEU A 92 -3.10 7.66 8.80
CA LEU A 92 -4.26 8.44 8.38
C LEU A 92 -5.23 7.58 7.59
N LEU A 93 -4.70 6.69 6.75
CA LEU A 93 -5.53 5.81 5.95
C LEU A 93 -6.29 4.83 6.86
N ALA A 94 -5.60 4.33 7.88
CA ALA A 94 -6.18 3.39 8.83
C ALA A 94 -7.34 4.00 9.61
N GLU A 95 -7.20 5.27 9.96
CA GLU A 95 -8.24 5.98 10.69
C GLU A 95 -9.52 6.03 9.87
N GLU A 96 -9.35 6.19 8.55
CA GLU A 96 -10.49 6.23 7.63
C GLU A 96 -11.23 4.89 7.65
N ILE A 97 -10.47 3.80 7.70
CA ILE A 97 -11.03 2.46 7.73
C ILE A 97 -11.70 2.18 9.08
N GLY A 98 -11.02 2.59 10.15
CA GLY A 98 -11.54 2.40 11.50
C GLY A 98 -12.85 3.14 11.74
N ASP A 99 -12.97 4.31 11.12
CA ASP A 99 -14.18 5.13 11.25
C ASP A 99 -15.41 4.40 10.73
N TYR A 100 -15.25 3.68 9.62
CA TYR A 100 -16.36 2.94 9.02
C TYR A 100 -16.51 1.58 9.68
N LYS A 101 -17.65 1.37 10.31
CA LYS A 101 -17.93 0.10 10.98
C LYS A 101 -19.01 -0.67 10.23
N ASP A 102 -18.83 -1.98 10.12
CA ASP A 102 -19.79 -2.83 9.43
C ASP A 102 -19.97 -4.15 10.19
N ASP A 103 -21.14 -4.30 10.81
CA ASP A 103 -21.44 -5.52 11.57
C ASP A 103 -22.95 -5.70 11.67
N ASP A 104 -23.38 -6.93 11.97
CA ASP A 104 -24.80 -7.25 12.11
C ASP A 104 -25.41 -6.56 13.33
N ASP A 105 -24.59 -6.34 14.34
CA ASP A 105 -25.04 -5.68 15.57
C ASP A 105 -23.86 -5.01 16.26
N LYS A 106 -24.16 -4.09 17.17
CA LYS A 106 -23.12 -3.37 17.90
C LYS A 106 -22.69 -4.14 19.14
N MET A 1 -17.64 -4.92 -7.69
CA MET A 1 -17.32 -6.36 -7.58
C MET A 1 -16.24 -6.59 -6.52
N ALA A 2 -15.72 -5.50 -5.98
CA ALA A 2 -14.67 -5.57 -4.96
C ALA A 2 -15.28 -5.79 -3.58
N PRO A 3 -14.90 -6.89 -2.90
CA PRO A 3 -15.41 -7.21 -1.56
C PRO A 3 -14.83 -6.30 -0.47
N LEU A 4 -15.58 -6.16 0.62
CA LEU A 4 -15.14 -5.32 1.72
C LEU A 4 -14.84 -6.17 2.96
N ARG A 5 -13.71 -5.88 3.60
CA ARG A 5 -13.30 -6.61 4.79
C ARG A 5 -12.51 -5.71 5.74
N LYS A 6 -12.26 -6.20 6.95
CA LYS A 6 -11.52 -5.44 7.95
C LYS A 6 -10.08 -5.18 7.48
N THR A 7 -9.49 -6.18 6.84
CA THR A 7 -8.14 -6.06 6.35
C THR A 7 -8.10 -5.36 4.99
N ALA A 8 -7.36 -4.27 4.93
CA ALA A 8 -7.21 -3.50 3.72
C ALA A 8 -5.97 -3.93 2.95
N VAL A 9 -5.99 -3.74 1.64
CA VAL A 9 -4.85 -4.14 0.82
C VAL A 9 -4.10 -2.92 0.33
N LEU A 10 -2.82 -2.87 0.66
CA LEU A 10 -1.96 -1.77 0.26
C LEU A 10 -0.92 -2.36 -0.69
N LYS A 11 -0.81 -1.79 -1.89
CA LYS A 11 0.13 -2.33 -2.87
C LYS A 11 1.27 -1.37 -3.13
N LEU A 12 2.47 -1.93 -3.20
CA LEU A 12 3.66 -1.13 -3.47
C LEU A 12 4.22 -1.54 -4.82
N TYR A 13 4.38 -0.59 -5.72
CA TYR A 13 4.92 -0.87 -7.04
C TYR A 13 6.39 -0.51 -7.05
N VAL A 14 7.25 -1.47 -7.33
CA VAL A 14 8.68 -1.23 -7.35
C VAL A 14 9.29 -1.67 -8.67
N ALA A 15 10.47 -1.15 -8.97
CA ALA A 15 11.15 -1.49 -10.20
C ALA A 15 12.45 -2.22 -9.92
N GLY A 16 12.45 -3.53 -10.16
CA GLY A 16 13.64 -4.34 -9.91
C GLY A 16 14.06 -4.32 -8.46
N ASN A 17 15.34 -4.07 -8.22
CA ASN A 17 15.87 -4.04 -6.87
C ASN A 17 16.77 -2.83 -6.68
N THR A 18 16.28 -1.68 -7.10
CA THR A 18 17.04 -0.43 -6.96
C THR A 18 17.03 0.02 -5.51
N PRO A 19 18.00 0.86 -5.11
CA PRO A 19 18.07 1.36 -3.73
C PRO A 19 16.77 2.02 -3.27
N ASN A 20 16.11 2.74 -4.17
CA ASN A 20 14.83 3.39 -3.83
C ASN A 20 13.77 2.34 -3.51
N SER A 21 13.71 1.31 -4.38
CA SER A 21 12.77 0.21 -4.20
C SER A 21 13.10 -0.60 -2.97
N VAL A 22 14.39 -0.90 -2.77
CA VAL A 22 14.80 -1.67 -1.61
C VAL A 22 14.51 -0.90 -0.32
N ARG A 23 14.87 0.37 -0.32
CA ARG A 23 14.65 1.24 0.83
C ARG A 23 13.17 1.37 1.13
N ALA A 24 12.39 1.62 0.08
CA ALA A 24 10.95 1.80 0.23
C ALA A 24 10.27 0.53 0.74
N LEU A 25 10.65 -0.63 0.18
CA LEU A 25 10.08 -1.90 0.59
C LEU A 25 10.40 -2.23 2.05
N LYS A 26 11.63 -1.99 2.47
CA LYS A 26 12.01 -2.24 3.85
C LYS A 26 11.21 -1.35 4.80
N THR A 27 11.02 -0.11 4.39
CA THR A 27 10.27 0.88 5.17
C THR A 27 8.78 0.50 5.26
N LEU A 28 8.20 0.10 4.14
CA LEU A 28 6.79 -0.26 4.10
C LEU A 28 6.49 -1.59 4.78
N ALA A 29 7.25 -2.64 4.41
CA ALA A 29 7.03 -3.97 4.95
C ALA A 29 7.23 -4.05 6.46
N ASN A 30 8.31 -3.45 6.96
CA ASN A 30 8.58 -3.50 8.40
C ASN A 30 7.49 -2.78 9.20
N ILE A 31 7.08 -1.61 8.71
CA ILE A 31 6.03 -0.85 9.39
C ILE A 31 4.72 -1.63 9.41
N LEU A 32 4.35 -2.22 8.27
CA LEU A 32 3.12 -3.00 8.18
C LEU A 32 3.21 -4.31 8.98
N GLU A 33 4.39 -4.93 8.99
CA GLU A 33 4.59 -6.19 9.73
C GLU A 33 4.58 -6.02 11.24
N LYS A 34 4.93 -4.83 11.73
CA LYS A 34 4.97 -4.60 13.17
C LYS A 34 3.93 -3.56 13.62
N GLU A 35 4.04 -2.35 13.08
CA GLU A 35 3.15 -1.25 13.45
C GLU A 35 1.68 -1.52 13.07
N PHE A 36 1.45 -2.08 11.90
CA PHE A 36 0.08 -2.35 11.45
C PHE A 36 -0.18 -3.83 11.19
N LYS A 37 0.54 -4.70 11.90
CA LYS A 37 0.38 -6.15 11.73
C LYS A 37 -1.05 -6.60 12.02
N GLY A 38 -1.63 -7.33 11.07
CA GLY A 38 -2.99 -7.82 11.23
C GLY A 38 -4.05 -6.88 10.71
N VAL A 39 -3.66 -5.66 10.34
CA VAL A 39 -4.62 -4.69 9.84
C VAL A 39 -4.47 -4.47 8.33
N TYR A 40 -3.23 -4.31 7.86
CA TYR A 40 -3.02 -4.08 6.44
C TYR A 40 -2.25 -5.22 5.78
N ALA A 41 -2.64 -5.52 4.55
CA ALA A 41 -1.97 -6.55 3.76
C ALA A 41 -1.10 -5.87 2.72
N LEU A 42 0.19 -6.20 2.69
CA LEU A 42 1.10 -5.57 1.73
C LEU A 42 1.31 -6.44 0.49
N LYS A 43 1.09 -5.83 -0.67
CA LYS A 43 1.27 -6.50 -1.94
C LYS A 43 2.26 -5.73 -2.81
N VAL A 44 3.37 -6.36 -3.14
CA VAL A 44 4.40 -5.74 -3.96
C VAL A 44 4.25 -6.17 -5.41
N ILE A 45 4.24 -5.18 -6.29
CA ILE A 45 4.10 -5.40 -7.70
C ILE A 45 5.39 -4.99 -8.40
N ASP A 46 6.18 -5.98 -8.82
CA ASP A 46 7.42 -5.71 -9.53
C ASP A 46 7.09 -5.35 -10.98
N VAL A 47 7.15 -4.06 -11.29
CA VAL A 47 6.81 -3.57 -12.64
C VAL A 47 7.79 -4.04 -13.72
N LEU A 48 9.07 -4.17 -13.40
CA LEU A 48 10.06 -4.62 -14.38
C LEU A 48 9.89 -6.10 -14.70
N LYS A 49 9.57 -6.90 -13.69
CA LYS A 49 9.38 -8.34 -13.86
C LYS A 49 8.10 -8.61 -14.63
N ASN A 50 7.05 -7.86 -14.32
CA ASN A 50 5.76 -8.00 -14.98
C ASN A 50 5.25 -6.65 -15.47
N PRO A 51 5.87 -6.13 -16.54
CA PRO A 51 5.48 -4.83 -17.12
C PRO A 51 4.05 -4.82 -17.62
N GLN A 52 3.51 -6.00 -17.92
CA GLN A 52 2.13 -6.11 -18.38
C GLN A 52 1.19 -5.64 -17.28
N LEU A 53 1.52 -6.01 -16.05
CA LEU A 53 0.72 -5.63 -14.90
C LEU A 53 0.89 -4.14 -14.62
N ALA A 54 2.12 -3.65 -14.84
CA ALA A 54 2.43 -2.25 -14.64
C ALA A 54 1.64 -1.39 -15.61
N GLU A 55 1.56 -1.84 -16.86
CA GLU A 55 0.82 -1.15 -17.90
C GLU A 55 -0.67 -1.19 -17.59
N GLU A 56 -1.13 -2.32 -17.08
CA GLU A 56 -2.53 -2.49 -16.73
C GLU A 56 -2.95 -1.47 -15.67
N ASP A 57 -2.07 -1.23 -14.70
CA ASP A 57 -2.37 -0.24 -13.66
C ASP A 57 -1.73 1.10 -13.98
N LYS A 58 -1.20 1.23 -15.21
CA LYS A 58 -0.58 2.45 -15.71
C LYS A 58 0.47 3.03 -14.77
N ILE A 59 1.42 2.19 -14.37
CA ILE A 59 2.49 2.62 -13.47
C ILE A 59 3.66 3.17 -14.28
N LEU A 60 3.84 4.50 -14.22
CA LEU A 60 4.92 5.15 -14.95
C LEU A 60 6.05 5.60 -14.02
N ALA A 61 5.85 5.47 -12.71
CA ALA A 61 6.86 5.87 -11.75
C ALA A 61 6.91 4.91 -10.57
N THR A 62 8.12 4.61 -10.10
CA THR A 62 8.33 3.72 -8.97
C THR A 62 9.34 4.30 -7.99
N PRO A 63 9.20 3.99 -6.70
CA PRO A 63 8.11 3.17 -6.19
C PRO A 63 6.77 3.92 -6.14
N THR A 64 5.69 3.18 -6.27
CA THR A 64 4.35 3.74 -6.21
C THR A 64 3.57 3.09 -5.07
N LEU A 65 3.03 3.91 -4.17
CA LEU A 65 2.27 3.40 -3.05
C LEU A 65 0.78 3.63 -3.29
N ALA A 66 0.00 2.56 -3.37
CA ALA A 66 -1.44 2.70 -3.61
C ALA A 66 -2.24 1.67 -2.83
N LYS A 67 -3.37 2.13 -2.30
CA LYS A 67 -4.28 1.29 -1.56
C LYS A 67 -5.43 0.93 -2.48
N VAL A 68 -5.43 -0.30 -2.97
CA VAL A 68 -6.48 -0.74 -3.88
C VAL A 68 -7.75 -1.12 -3.16
N LEU A 69 -7.62 -1.58 -1.92
CA LEU A 69 -8.78 -1.98 -1.14
C LEU A 69 -8.70 -1.46 0.29
N PRO A 70 -9.82 -0.99 0.86
CA PRO A 70 -11.13 -0.90 0.18
C PRO A 70 -11.15 0.19 -0.90
N PRO A 71 -12.00 0.03 -1.93
CA PRO A 71 -12.13 1.02 -3.01
C PRO A 71 -12.78 2.31 -2.52
N PRO A 72 -12.55 3.46 -3.21
CA PRO A 72 -11.69 3.54 -4.41
C PRO A 72 -10.20 3.43 -4.10
N VAL A 73 -9.40 3.23 -5.14
CA VAL A 73 -7.95 3.10 -5.01
C VAL A 73 -7.31 4.43 -4.63
N ARG A 74 -6.52 4.41 -3.56
CA ARG A 74 -5.83 5.60 -3.08
C ARG A 74 -4.35 5.53 -3.41
N ARG A 75 -3.88 6.43 -4.26
CA ARG A 75 -2.48 6.46 -4.63
C ARG A 75 -1.75 7.57 -3.90
N ILE A 76 -0.73 7.18 -3.16
CA ILE A 76 0.08 8.12 -2.42
C ILE A 76 1.39 8.37 -3.17
N ILE A 77 1.60 9.60 -3.63
CA ILE A 77 2.80 9.94 -4.37
C ILE A 77 3.70 10.88 -3.57
N GLY A 78 4.94 10.45 -3.34
CA GLY A 78 5.89 11.25 -2.60
C GLY A 78 7.09 10.44 -2.20
N ASP A 79 7.90 10.96 -1.27
CA ASP A 79 9.08 10.23 -0.82
C ASP A 79 8.72 9.31 0.32
N LEU A 80 8.47 8.03 -0.01
CA LEU A 80 8.10 7.05 1.01
C LEU A 80 9.32 6.35 1.60
N SER A 81 10.51 6.87 1.30
CA SER A 81 11.75 6.29 1.84
C SER A 81 11.87 6.62 3.33
N ASN A 82 11.16 7.66 3.75
CA ASN A 82 11.15 8.08 5.15
C ASN A 82 10.10 7.29 5.94
N ARG A 83 10.54 6.63 7.00
CA ARG A 83 9.63 5.81 7.82
C ARG A 83 8.50 6.65 8.43
N GLU A 84 8.81 7.89 8.84
CA GLU A 84 7.79 8.76 9.42
C GLU A 84 6.63 9.01 8.45
N LYS A 85 6.94 9.36 7.20
CA LYS A 85 5.88 9.60 6.22
C LYS A 85 5.08 8.33 5.96
N VAL A 86 5.76 7.20 5.90
CA VAL A 86 5.08 5.92 5.70
C VAL A 86 4.13 5.64 6.86
N LEU A 87 4.60 5.88 8.07
CA LEU A 87 3.78 5.67 9.26
C LEU A 87 2.61 6.65 9.30
N ILE A 88 2.87 7.91 9.00
CA ILE A 88 1.82 8.93 9.01
C ILE A 88 0.74 8.61 7.98
N ALA A 89 1.16 8.30 6.75
CA ALA A 89 0.21 7.96 5.68
C ALA A 89 -0.56 6.69 6.00
N LEU A 90 0.15 5.68 6.53
CA LEU A 90 -0.48 4.40 6.88
C LEU A 90 -1.42 4.57 8.06
N ARG A 91 -1.02 5.40 9.03
CA ARG A 91 -1.84 5.66 10.22
C ARG A 91 -3.17 6.30 9.83
N LEU A 92 -3.12 7.30 8.95
CA LEU A 92 -4.32 7.98 8.49
C LEU A 92 -5.22 7.04 7.70
N LEU A 93 -4.60 6.20 6.87
CA LEU A 93 -5.32 5.22 6.06
C LEU A 93 -6.02 4.18 6.93
N ALA A 94 -5.33 3.74 7.99
CA ALA A 94 -5.85 2.74 8.90
C ALA A 94 -7.00 3.33 9.68
N GLU A 95 -6.86 4.61 9.99
CA GLU A 95 -7.84 5.36 10.72
C GLU A 95 -9.15 5.42 9.93
N GLU A 96 -9.02 5.58 8.62
CA GLU A 96 -10.17 5.63 7.72
C GLU A 96 -10.96 4.34 7.78
N ILE A 97 -10.24 3.22 7.85
CA ILE A 97 -10.84 1.89 7.91
C ILE A 97 -11.64 1.73 9.20
N GLY A 98 -11.04 2.13 10.31
CA GLY A 98 -11.71 2.03 11.60
C GLY A 98 -12.95 2.92 11.68
N ASP A 99 -12.87 4.09 11.05
CA ASP A 99 -13.99 5.04 11.04
C ASP A 99 -15.20 4.46 10.31
N TYR A 100 -14.95 3.77 9.20
CA TYR A 100 -16.00 3.17 8.40
C TYR A 100 -16.64 2.00 9.15
N LYS A 101 -17.96 2.06 9.27
CA LYS A 101 -18.70 1.01 9.96
C LYS A 101 -19.55 0.22 8.96
N ASP A 102 -19.67 -1.08 9.21
CA ASP A 102 -20.47 -1.96 8.34
C ASP A 102 -21.94 -1.56 8.35
N ASP A 103 -22.45 -1.25 9.53
CA ASP A 103 -23.84 -0.84 9.68
C ASP A 103 -24.00 0.02 10.94
N ASP A 104 -25.10 0.78 11.00
CA ASP A 104 -25.37 1.65 12.14
C ASP A 104 -25.63 0.85 13.41
N ASP A 105 -26.19 -0.36 13.24
CA ASP A 105 -26.49 -1.23 14.37
C ASP A 105 -26.50 -2.68 13.92
N LYS A 106 -26.40 -3.60 14.87
CA LYS A 106 -26.42 -5.02 14.57
C LYS A 106 -27.84 -5.56 14.47
#